data_7ZEP
#
_entry.id   7ZEP
#
_cell.length_a   1.00
_cell.length_b   1.00
_cell.length_c   1.00
_cell.angle_alpha   90.00
_cell.angle_beta   90.00
_cell.angle_gamma   90.00
#
_symmetry.space_group_name_H-M   'P 1'
#
loop_
_entity.id
_entity.type
_entity.pdbx_description
1 polymer 'Schlafen family member 11'
2 non-polymer 'ZINC ION'
#
_entity_poly.entity_id   1
_entity_poly.type   'polypeptide(L)'
_entity_poly.pdbx_seq_one_letter_code
;MADYKDDDDKGTDYKDDDDKLEVLFQGPMEANQCPLVVEPSYPDLVINVGEVTLGEENRKKLQKIQRDQEKERVMRAACA
LLNSGGGVIRMAKKVEHPVEMGLDLEQSLRELIQSSDLQAFFETKQQGRCFYIFVKSWSSGPFPEDRSVKPRLCSLSSSL
YRRSETSVRSMDSREAFCFLKTKRKPKILEEGPFHKIHKGVYQELPNSDPADPNSDPADLIFQKDYLEYGEILPFPASQL
VEFKQFSTKHFQEYVKRTIPEYVPAFANTGGGYLFIGVDDKSREVLGCAKENVDPDSLRRKIEQAIYKLPCVHFCQPQRP
ITFTLKIVNVLKRGELYGYACMIRVNPFCCAVFSEAPNSWIVEDKYVCSLTTEKWVGMMTDTDPDLLQLSEDFECQLSLS
SGPPLSRPVYSKKGLEHKKELQQLLFSVPPGYLRYTPESLWRDLISEHRGLEELINKQMQPFFRGILIFSRSWAVDLNLQ
EKPGVICDALLIAQNSTPILYTILREQDAEGQDYCTRTAFTLKQKLVNMGGYTGKVCVRAKVLCLSPESSAEALEAAVSP
MDYPASYSLAGTQHMEALLQSLVIVLLGFRSLLSDQLGCEVLNLLTAQQYEIFSRSLRKNRELFVHGLPGSGKTIMAMKI
MEKIRNVFHCEAHRILYVCENQPLRNFISDRNICRAETRKTFLRENFEHIQHIVIDEAQNFRTEDGDWYGKAKSITRRAK
GGPGILWIFLDYFQTSHLDCSGLPPLSDQYPREELTRIVRNADPIAKYLQKEMQVIRSNPSFNIPTGCLEVFPEAEWSQG
VQGTLRIKKYLTVEQIMTCVADTCRRFFDRGYSPKDVAVLVSTAKEVEHYKYELLKAMRKKRVVQLSDACDMLGDHIVLD
SVRRFSGLERSIVFGIHPRTADPAILPNVLICLASRAKQHLYIFPWGGH
;
_entity_poly.pdbx_strand_id   A,B
#
loop_
_chem_comp.id
_chem_comp.type
_chem_comp.name
_chem_comp.formula
ZN non-polymer 'ZINC ION' 'Zn 2'
#
# COMPACT_ATOMS: atom_id res chain seq x y z
N PRO A 35 -10.71 -2.26 43.21
CA PRO A 35 -10.45 -2.08 41.78
C PRO A 35 -9.12 -1.39 41.51
N LEU A 36 -8.74 -1.30 40.23
CA LEU A 36 -7.48 -0.66 39.85
C LEU A 36 -7.71 0.81 39.54
N VAL A 37 -6.88 1.66 40.12
CA VAL A 37 -6.95 3.11 39.93
C VAL A 37 -5.58 3.61 39.51
N VAL A 38 -5.55 4.71 38.76
CA VAL A 38 -4.30 5.26 38.28
C VAL A 38 -3.76 6.27 39.27
N GLU A 39 -2.49 6.14 39.63
CA GLU A 39 -1.87 7.08 40.55
C GLU A 39 -1.57 8.40 39.84
N PRO A 40 -2.04 9.53 40.36
CA PRO A 40 -1.92 10.80 39.63
C PRO A 40 -0.65 11.58 39.85
N SER A 41 0.24 11.13 40.75
CA SER A 41 1.45 11.87 41.07
C SER A 41 2.64 11.50 40.19
N TYR A 42 2.40 10.97 39.00
CA TYR A 42 3.47 10.55 38.11
C TYR A 42 3.24 11.10 36.71
N PRO A 43 4.32 11.31 35.92
CA PRO A 43 4.18 11.68 34.51
C PRO A 43 4.01 10.48 33.59
N ASP A 44 3.11 9.57 33.96
CA ASP A 44 2.86 8.34 33.22
C ASP A 44 1.61 7.69 33.79
N LEU A 45 1.17 6.62 33.14
CA LEU A 45 0.03 5.86 33.62
C LEU A 45 0.53 4.76 34.56
N VAL A 46 0.47 5.02 35.85
CA VAL A 46 0.95 4.08 36.87
C VAL A 46 -0.26 3.42 37.51
N ILE A 47 -0.31 2.10 37.46
CA ILE A 47 -1.39 1.32 38.05
C ILE A 47 -0.79 0.45 39.15
N ASN A 48 -1.32 0.59 40.36
CA ASN A 48 -0.87 -0.19 41.50
C ASN A 48 -1.85 -1.33 41.72
N VAL A 49 -1.36 -2.57 41.58
CA VAL A 49 -2.19 -3.75 41.72
C VAL A 49 -2.16 -4.33 43.12
N GLY A 50 -1.36 -3.76 44.02
CA GLY A 50 -1.32 -4.24 45.38
C GLY A 50 -0.20 -5.23 45.63
N GLU A 51 -0.48 -6.26 46.43
CA GLU A 51 0.52 -7.27 46.77
C GLU A 51 0.36 -8.45 45.81
N VAL A 52 1.46 -8.83 45.15
CA VAL A 52 1.47 -9.93 44.19
C VAL A 52 2.62 -10.86 44.53
N THR A 53 2.33 -12.15 44.62
CA THR A 53 3.36 -13.15 44.87
C THR A 53 4.14 -13.40 43.58
N LEU A 54 5.46 -13.31 43.68
CA LEU A 54 6.34 -13.46 42.52
C LEU A 54 7.31 -14.60 42.76
N GLY A 55 7.79 -15.18 41.67
CA GLY A 55 8.66 -16.35 41.74
C GLY A 55 7.88 -17.62 41.54
N GLU A 56 8.36 -18.49 40.65
CA GLU A 56 7.60 -19.70 40.31
C GLU A 56 7.49 -20.63 41.52
N GLU A 57 8.55 -20.74 42.31
CA GLU A 57 8.50 -21.56 43.52
C GLU A 57 7.49 -21.02 44.51
N ASN A 58 7.41 -19.69 44.65
CA ASN A 58 6.44 -19.09 45.56
C ASN A 58 5.03 -19.18 44.99
N ARG A 59 4.89 -19.06 43.67
CA ARG A 59 3.57 -19.09 43.05
C ARG A 59 2.98 -20.49 43.02
N LYS A 60 3.82 -21.53 42.99
CA LYS A 60 3.32 -22.90 42.99
C LYS A 60 2.62 -23.24 44.30
N LYS A 61 3.13 -22.74 45.42
CA LYS A 61 2.56 -23.07 46.72
C LYS A 61 1.18 -22.46 46.93
N LEU A 62 0.80 -21.47 46.13
CA LEU A 62 -0.47 -20.79 46.30
C LEU A 62 -1.62 -21.67 45.85
N GLN A 63 -2.79 -21.41 46.43
CA GLN A 63 -4.02 -22.05 45.98
C GLN A 63 -4.39 -21.53 44.59
N LYS A 64 -5.11 -22.37 43.84
CA LYS A 64 -5.44 -22.02 42.46
C LYS A 64 -6.27 -20.74 42.39
N ILE A 65 -7.20 -20.56 43.33
CA ILE A 65 -8.08 -19.39 43.30
C ILE A 65 -7.28 -18.11 43.51
N GLN A 66 -6.40 -18.10 44.51
CA GLN A 66 -5.61 -16.91 44.80
C GLN A 66 -4.64 -16.61 43.65
N ARG A 67 -4.00 -17.64 43.10
CA ARG A 67 -3.09 -17.45 41.98
C ARG A 67 -3.83 -16.89 40.78
N ASP A 68 -5.04 -17.41 40.50
CA ASP A 68 -5.83 -16.91 39.39
C ASP A 68 -6.25 -15.47 39.61
N GLN A 69 -6.62 -15.11 40.85
CA GLN A 69 -7.00 -13.74 41.13
C GLN A 69 -5.83 -12.78 40.92
N GLU A 70 -4.66 -13.14 41.43
CA GLU A 70 -3.49 -12.28 41.26
C GLU A 70 -3.12 -12.14 39.78
N LYS A 71 -3.13 -13.25 39.05
CA LYS A 71 -2.80 -13.20 37.63
C LYS A 71 -3.82 -12.37 36.87
N GLU A 72 -5.11 -12.50 37.21
CA GLU A 72 -6.14 -11.74 36.53
C GLU A 72 -5.99 -10.25 36.79
N ARG A 73 -5.64 -9.86 38.02
CA ARG A 73 -5.40 -8.46 38.31
C ARG A 73 -4.19 -7.92 37.52
N VAL A 74 -3.11 -8.71 37.47
CA VAL A 74 -1.91 -8.26 36.75
C VAL A 74 -2.22 -8.10 35.27
N MET A 75 -2.95 -9.05 34.67
CA MET A 75 -3.30 -8.93 33.27
C MET A 75 -4.33 -7.84 33.01
N ARG A 76 -5.21 -7.54 33.97
CA ARG A 76 -6.08 -6.38 33.83
C ARG A 76 -5.25 -5.11 33.71
N ALA A 77 -4.27 -4.93 34.60
CA ALA A 77 -3.41 -3.76 34.53
C ALA A 77 -2.63 -3.72 33.22
N ALA A 78 -2.07 -4.86 32.82
CA ALA A 78 -1.27 -4.91 31.59
C ALA A 78 -2.11 -4.60 30.37
N CYS A 79 -3.32 -5.15 30.30
CA CYS A 79 -4.21 -4.86 29.17
C CYS A 79 -4.62 -3.40 29.15
N ALA A 80 -4.92 -2.82 30.32
CA ALA A 80 -5.27 -1.41 30.37
C ALA A 80 -4.13 -0.54 29.88
N LEU A 81 -2.89 -0.86 30.29
CA LEU A 81 -1.76 -0.04 29.85
C LEU A 81 -1.42 -0.29 28.38
N LEU A 82 -1.69 -1.49 27.87
CA LEU A 82 -1.45 -1.74 26.45
C LEU A 82 -2.45 -0.99 25.59
N ASN A 83 -3.71 -0.92 26.02
CA ASN A 83 -4.74 -0.24 25.26
C ASN A 83 -4.84 1.25 25.57
N SER A 84 -4.09 1.75 26.55
CA SER A 84 -4.20 3.15 26.97
C SER A 84 -2.95 3.95 26.68
N GLY A 85 -2.00 3.42 25.91
CA GLY A 85 -0.83 4.16 25.53
C GLY A 85 0.44 3.88 26.32
N GLY A 86 0.43 2.88 27.18
CA GLY A 86 1.61 2.52 27.94
C GLY A 86 1.60 3.08 29.35
N GLY A 87 2.55 2.58 30.15
CA GLY A 87 2.66 3.01 31.53
C GLY A 87 3.51 2.05 32.33
N VAL A 88 3.28 2.06 33.64
CA VAL A 88 4.02 1.23 34.58
C VAL A 88 3.04 0.48 35.47
N ILE A 89 3.35 -0.78 35.76
CA ILE A 89 2.57 -1.58 36.69
C ILE A 89 3.35 -1.68 37.98
N ARG A 90 2.78 -1.19 39.07
CA ARG A 90 3.43 -1.18 40.38
C ARG A 90 2.84 -2.27 41.25
N MET A 91 3.68 -3.21 41.67
CA MET A 91 3.27 -4.27 42.59
C MET A 91 4.31 -4.40 43.69
N ALA A 92 3.83 -4.61 44.92
CA ALA A 92 4.70 -4.79 46.07
C ALA A 92 4.85 -6.28 46.36
N LYS A 93 6.08 -6.77 46.31
CA LYS A 93 6.38 -8.17 46.53
C LYS A 93 6.66 -8.42 48.01
N LYS A 94 6.53 -9.68 48.40
CA LYS A 94 6.65 -10.09 49.79
C LYS A 94 8.07 -10.50 50.18
N VAL A 95 9.03 -10.37 49.25
CA VAL A 95 10.40 -10.78 49.49
C VAL A 95 11.34 -9.63 49.16
N GLU A 96 12.55 -9.70 49.69
CA GLU A 96 13.55 -8.66 49.50
C GLU A 96 14.51 -8.98 48.37
N HIS A 97 14.95 -10.24 48.26
CA HIS A 97 15.88 -10.64 47.22
C HIS A 97 15.20 -10.61 45.85
N PRO A 98 15.98 -10.35 44.79
CA PRO A 98 15.39 -10.35 43.45
C PRO A 98 14.78 -11.69 43.08
N VAL A 99 13.63 -11.65 42.40
CA VAL A 99 12.90 -12.83 42.01
C VAL A 99 12.43 -12.70 40.57
N GLU A 100 12.17 -13.84 39.94
CA GLU A 100 11.57 -13.86 38.63
C GLU A 100 10.05 -13.66 38.74
N MET A 101 9.44 -13.27 37.63
CA MET A 101 8.02 -12.90 37.66
C MET A 101 7.11 -14.12 37.76
N GLY A 102 7.49 -15.23 37.13
CA GLY A 102 6.69 -16.43 37.21
C GLY A 102 6.25 -16.96 35.87
N LEU A 103 6.21 -18.30 35.73
CA LEU A 103 5.91 -18.91 34.43
C LEU A 103 4.50 -18.58 33.97
N ASP A 104 3.52 -18.64 34.88
CA ASP A 104 2.14 -18.38 34.49
C ASP A 104 1.95 -16.94 34.03
N LEU A 105 2.56 -15.98 34.74
CA LEU A 105 2.45 -14.59 34.34
C LEU A 105 3.12 -14.35 32.99
N GLU A 106 4.28 -14.96 32.77
CA GLU A 106 4.97 -14.84 31.49
C GLU A 106 4.11 -15.39 30.35
N GLN A 107 3.51 -16.56 30.56
CA GLN A 107 2.68 -17.15 29.52
C GLN A 107 1.44 -16.31 29.26
N SER A 108 0.84 -15.74 30.31
CA SER A 108 -0.32 -14.88 30.13
C SER A 108 0.05 -13.62 29.35
N LEU A 109 1.21 -13.02 29.64
CA LEU A 109 1.65 -11.87 28.87
C LEU A 109 1.92 -12.24 27.42
N ARG A 110 2.52 -13.42 27.19
CA ARG A 110 2.77 -13.88 25.83
C ARG A 110 1.47 -14.04 25.06
N GLU A 111 0.45 -14.62 25.70
CA GLU A 111 -0.87 -14.71 25.07
C GLU A 111 -1.46 -13.32 24.84
N LEU A 112 -1.20 -12.38 25.74
CA LEU A 112 -1.73 -11.02 25.59
C LEU A 112 -1.15 -10.34 24.36
N ILE A 113 0.15 -10.49 24.12
CA ILE A 113 0.78 -9.84 22.97
C ILE A 113 0.97 -10.79 21.79
N GLN A 114 0.59 -12.06 21.93
CA GLN A 114 0.61 -13.03 20.84
C GLN A 114 2.01 -13.18 20.25
N SER A 115 3.03 -13.14 21.09
CA SER A 115 4.41 -13.27 20.62
C SER A 115 5.30 -13.68 21.78
N SER A 116 6.41 -14.33 21.43
CA SER A 116 7.45 -14.64 22.41
C SER A 116 8.42 -13.48 22.61
N ASP A 117 8.31 -12.43 21.80
CA ASP A 117 9.13 -11.23 21.95
C ASP A 117 8.58 -10.41 23.12
N LEU A 118 8.80 -10.92 24.32
CA LEU A 118 8.24 -10.31 25.52
C LEU A 118 9.01 -9.08 25.95
N GLN A 119 10.25 -8.92 25.48
CA GLN A 119 11.05 -7.76 25.85
C GLN A 119 10.62 -6.51 25.09
N ALA A 120 10.04 -6.67 23.90
CA ALA A 120 9.66 -5.52 23.09
C ALA A 120 8.52 -4.72 23.68
N PHE A 121 7.77 -5.29 24.62
CA PHE A 121 6.63 -4.61 25.23
C PHE A 121 6.73 -4.48 26.74
N PHE A 122 7.31 -5.45 27.43
CA PHE A 122 7.37 -5.44 28.88
C PHE A 122 8.82 -5.55 29.34
N GLU A 123 9.22 -4.67 30.25
CA GLU A 123 10.52 -4.73 30.89
C GLU A 123 10.33 -4.62 32.40
N THR A 124 11.07 -5.41 33.15
CA THR A 124 10.88 -5.53 34.59
C THR A 124 12.07 -4.96 35.34
N LYS A 125 11.76 -4.21 36.40
CA LYS A 125 12.77 -3.72 37.33
C LYS A 125 12.20 -3.81 38.74
N GLN A 126 13.09 -3.94 39.71
CA GLN A 126 12.68 -4.06 41.11
C GLN A 126 13.69 -3.35 42.00
N GLN A 127 13.18 -2.55 42.94
CA GLN A 127 14.01 -1.84 43.90
C GLN A 127 13.41 -2.07 45.29
N GLY A 128 14.09 -2.89 46.10
CA GLY A 128 13.62 -3.17 47.44
C GLY A 128 12.42 -4.09 47.49
N ARG A 129 11.27 -3.54 47.88
CA ARG A 129 10.05 -4.32 48.01
C ARG A 129 9.02 -4.00 46.93
N CYS A 130 9.43 -3.35 45.85
CA CYS A 130 8.53 -2.98 44.77
C CYS A 130 9.01 -3.60 43.46
N PHE A 131 8.05 -4.11 42.69
CA PHE A 131 8.33 -4.72 41.39
C PHE A 131 7.62 -3.89 40.32
N TYR A 132 8.35 -3.50 39.28
CA TYR A 132 7.83 -2.65 38.22
C TYR A 132 7.82 -3.43 36.91
N ILE A 133 6.75 -3.24 36.12
CA ILE A 133 6.68 -3.73 34.75
C ILE A 133 6.35 -2.54 33.87
N PHE A 134 7.26 -2.19 32.96
CA PHE A 134 7.11 -1.04 32.09
C PHE A 134 6.49 -1.49 30.77
N VAL A 135 5.21 -1.18 30.59
CA VAL A 135 4.43 -1.67 29.46
C VAL A 135 4.49 -0.63 28.35
N LYS A 136 4.81 -1.08 27.14
CA LYS A 136 4.78 -0.25 25.95
C LYS A 136 3.37 -0.26 25.34
N SER A 137 3.10 0.77 24.54
CA SER A 137 1.80 0.86 23.89
C SER A 137 1.69 -0.14 22.75
N TRP A 138 0.53 -0.79 22.64
CA TRP A 138 0.31 -1.76 21.58
C TRP A 138 0.17 -1.07 20.23
N SER A 139 -0.85 -0.22 20.08
CA SER A 139 -1.09 0.52 18.85
C SER A 139 -0.91 2.01 19.14
N SER A 140 -0.04 2.65 18.37
CA SER A 140 0.29 4.06 18.58
C SER A 140 -0.14 4.86 17.36
N GLY A 141 -0.91 5.91 17.60
CA GLY A 141 -1.33 6.81 16.54
C GLY A 141 -2.72 6.50 16.03
N PRO A 142 -3.41 7.50 15.50
CA PRO A 142 -4.73 7.26 14.92
C PRO A 142 -4.68 6.62 13.55
N PHE A 143 -3.57 6.76 12.82
CA PHE A 143 -3.40 6.17 11.49
C PHE A 143 -2.10 5.38 11.49
N PRO A 144 -2.08 4.21 12.13
CA PRO A 144 -0.86 3.41 12.17
C PRO A 144 -0.53 2.84 10.79
N GLU A 145 0.77 2.51 10.62
CA GLU A 145 1.19 1.88 9.38
C GLU A 145 0.57 0.50 9.22
N ASP A 146 0.29 -0.19 10.32
CA ASP A 146 -0.36 -1.49 10.31
C ASP A 146 -1.84 -1.39 10.64
N ARG A 147 -2.51 -0.32 10.18
CA ARG A 147 -3.92 -0.13 10.48
C ARG A 147 -4.79 -1.24 9.89
N SER A 148 -4.42 -1.72 8.70
CA SER A 148 -5.16 -2.78 8.04
C SER A 148 -4.58 -4.16 8.28
N VAL A 149 -3.56 -4.28 9.14
CA VAL A 149 -2.87 -5.54 9.39
C VAL A 149 -3.08 -6.02 10.83
N LYS A 150 -2.67 -5.20 11.81
CA LYS A 150 -2.76 -5.66 13.19
C LYS A 150 -3.97 -5.02 13.89
N PRO A 151 -4.56 -5.73 14.86
CA PRO A 151 -5.71 -5.16 15.58
C PRO A 151 -5.30 -4.00 16.47
N ARG A 152 -6.26 -3.13 16.74
CA ARG A 152 -6.00 -1.96 17.57
C ARG A 152 -6.00 -2.28 19.05
N LEU A 153 -6.75 -3.30 19.46
CA LEU A 153 -6.94 -3.61 20.87
C LEU A 153 -6.26 -4.93 21.25
N CYS A 154 -5.63 -4.93 22.41
CA CYS A 154 -5.22 -6.15 23.09
C CYS A 154 -6.28 -6.51 24.12
N SER A 155 -6.63 -7.79 24.17
CA SER A 155 -7.68 -8.25 25.07
C SER A 155 -7.26 -9.56 25.71
N LEU A 156 -7.72 -9.76 26.95
CA LEU A 156 -7.53 -11.05 27.62
C LEU A 156 -8.27 -12.16 26.88
N SER A 157 -9.49 -11.89 26.44
CA SER A 157 -10.27 -12.83 25.65
C SER A 157 -11.35 -12.06 24.92
N SER A 158 -11.52 -12.38 23.63
CA SER A 158 -12.50 -11.71 22.79
C SER A 158 -13.89 -12.31 22.89
N SER A 159 -14.04 -13.45 23.57
CA SER A 159 -15.32 -14.13 23.76
C SER A 159 -15.99 -14.50 22.45
N LEU A 160 -15.22 -14.61 21.36
CA LEU A 160 -15.72 -15.03 20.06
C LEU A 160 -15.29 -16.47 19.84
N TYR A 161 -16.25 -17.39 19.91
CA TYR A 161 -15.99 -18.80 19.69
C TYR A 161 -16.44 -19.20 18.29
N ARG A 162 -15.65 -20.07 17.66
CA ARG A 162 -16.03 -20.66 16.39
C ARG A 162 -15.65 -22.12 16.38
N ARG A 163 -16.42 -22.90 15.63
CA ARG A 163 -16.21 -24.34 15.58
C ARG A 163 -14.98 -24.68 14.75
N SER A 164 -14.10 -25.52 15.30
CA SER A 164 -12.91 -25.99 14.62
C SER A 164 -12.96 -27.52 14.63
N GLU A 165 -13.52 -28.10 13.55
CA GLU A 165 -13.68 -29.54 13.39
C GLU A 165 -14.56 -30.05 14.53
N THR A 166 -14.05 -30.82 15.49
CA THR A 166 -14.86 -31.40 16.55
C THR A 166 -14.70 -30.66 17.87
N SER A 167 -14.10 -29.47 17.86
CA SER A 167 -13.86 -28.73 19.09
C SER A 167 -14.22 -27.26 18.88
N VAL A 168 -14.57 -26.60 19.99
CA VAL A 168 -14.90 -25.19 20.00
C VAL A 168 -13.68 -24.43 20.50
N ARG A 169 -13.23 -23.45 19.72
CA ARG A 169 -12.04 -22.68 20.05
C ARG A 169 -12.36 -21.20 20.02
N SER A 170 -11.65 -20.44 20.86
CA SER A 170 -11.81 -19.00 20.93
C SER A 170 -10.82 -18.31 20.00
N MET A 171 -11.25 -17.22 19.38
CA MET A 171 -10.39 -16.45 18.49
C MET A 171 -9.58 -15.45 19.31
N ASP A 172 -8.28 -15.41 19.07
CA ASP A 172 -7.44 -14.39 19.68
C ASP A 172 -7.64 -13.07 18.94
N SER A 173 -6.83 -12.06 19.26
CA SER A 173 -7.06 -10.72 18.72
C SER A 173 -6.92 -10.71 17.20
N ARG A 174 -5.91 -11.39 16.66
CA ARG A 174 -5.71 -11.38 15.22
C ARG A 174 -6.82 -12.14 14.50
N GLU A 175 -7.19 -13.32 15.02
CA GLU A 175 -8.26 -14.09 14.41
C GLU A 175 -9.59 -13.35 14.50
N ALA A 176 -9.87 -12.72 15.64
CA ALA A 176 -11.09 -11.96 15.78
C ALA A 176 -11.10 -10.76 14.82
N PHE A 177 -9.96 -10.11 14.65
CA PHE A 177 -9.85 -8.99 13.72
C PHE A 177 -10.14 -9.45 12.29
N CYS A 178 -9.55 -10.57 11.89
CA CYS A 178 -9.80 -11.08 10.53
C CYS A 178 -11.25 -11.51 10.36
N PHE A 179 -11.83 -12.15 11.37
CA PHE A 179 -13.22 -12.59 11.30
C PHE A 179 -14.16 -11.40 11.17
N LEU A 180 -13.92 -10.35 11.95
CA LEU A 180 -14.76 -9.16 11.88
C LEU A 180 -14.56 -8.42 10.56
N LYS A 181 -13.35 -8.44 10.01
CA LYS A 181 -13.14 -7.88 8.68
C LYS A 181 -13.92 -8.65 7.62
N THR A 182 -13.91 -9.97 7.72
CA THR A 182 -14.69 -10.80 6.78
C THR A 182 -16.18 -10.52 6.91
N LYS A 183 -16.68 -10.43 8.14
CA LYS A 183 -18.11 -10.18 8.35
C LYS A 183 -18.52 -8.76 8.00
N ARG A 184 -17.58 -7.82 7.93
CA ARG A 184 -17.93 -6.43 7.66
C ARG A 184 -18.28 -6.18 6.20
N LYS A 185 -17.59 -6.85 5.28
CA LYS A 185 -17.84 -6.61 3.87
C LYS A 185 -19.23 -7.11 3.47
N PRO A 186 -19.89 -6.42 2.52
CA PRO A 186 -21.22 -6.82 2.04
C PRO A 186 -21.20 -8.12 1.25
N ASP A 216 -27.27 -33.07 4.52
CA ASP A 216 -26.48 -33.73 5.55
C ASP A 216 -27.25 -34.88 6.20
N PRO A 217 -26.52 -35.90 6.67
CA PRO A 217 -27.18 -36.99 7.41
C PRO A 217 -27.79 -36.54 8.74
N ALA A 218 -27.37 -35.40 9.28
CA ALA A 218 -27.92 -34.95 10.56
C ALA A 218 -29.37 -34.51 10.45
N ASP A 219 -29.79 -34.05 9.27
CA ASP A 219 -31.16 -33.59 9.09
C ASP A 219 -32.17 -34.72 9.29
N LEU A 220 -31.87 -35.93 8.80
CA LEU A 220 -32.84 -37.01 8.86
C LEU A 220 -33.22 -37.36 10.29
N ILE A 221 -32.24 -37.40 11.20
CA ILE A 221 -32.55 -37.63 12.61
C ILE A 221 -33.32 -36.45 13.18
N PHE A 222 -33.00 -35.23 12.73
CA PHE A 222 -33.64 -34.03 13.26
C PHE A 222 -35.13 -34.00 12.96
N GLN A 223 -35.53 -34.37 11.73
CA GLN A 223 -36.95 -34.38 11.40
C GLN A 223 -37.72 -35.48 12.10
N LYS A 224 -37.05 -36.54 12.53
CA LYS A 224 -37.73 -37.67 13.16
C LYS A 224 -38.36 -37.23 14.49
N ASP A 225 -39.59 -37.66 14.72
CA ASP A 225 -40.41 -37.13 15.81
C ASP A 225 -40.16 -37.81 17.15
N TYR A 226 -39.67 -39.04 17.15
CA TYR A 226 -39.41 -39.77 18.39
C TYR A 226 -38.14 -40.60 18.23
N LEU A 227 -37.47 -40.84 19.35
CA LEU A 227 -36.20 -41.56 19.34
C LEU A 227 -36.26 -42.71 20.34
N GLU A 228 -35.92 -43.91 19.85
CA GLU A 228 -35.85 -45.08 20.70
C GLU A 228 -34.60 -45.02 21.58
N TYR A 229 -34.73 -45.51 22.81
CA TYR A 229 -33.59 -45.55 23.72
C TYR A 229 -32.51 -46.48 23.17
N GLY A 230 -31.26 -46.02 23.23
CA GLY A 230 -30.15 -46.83 22.77
C GLY A 230 -29.92 -46.84 21.27
N GLU A 231 -30.63 -46.00 20.52
CA GLU A 231 -30.44 -45.96 19.07
C GLU A 231 -29.04 -45.47 18.73
N ILE A 232 -28.43 -46.11 17.74
CA ILE A 232 -27.09 -45.75 17.31
C ILE A 232 -27.19 -44.71 16.20
N LEU A 233 -26.59 -43.55 16.43
CA LEU A 233 -26.57 -42.50 15.42
C LEU A 233 -25.41 -42.74 14.46
N PRO A 234 -25.67 -42.81 13.15
CA PRO A 234 -24.57 -43.16 12.22
C PRO A 234 -23.49 -42.09 12.13
N PHE A 235 -23.87 -40.82 12.06
CA PHE A 235 -22.89 -39.76 11.89
C PHE A 235 -22.13 -39.51 13.20
N PRO A 236 -20.84 -39.18 13.12
CA PRO A 236 -20.07 -38.85 14.32
C PRO A 236 -20.09 -37.35 14.61
N ALA A 237 -19.46 -36.94 15.69
CA ALA A 237 -19.30 -35.52 15.96
C ALA A 237 -18.38 -34.90 14.92
N SER A 238 -18.78 -33.74 14.41
CA SER A 238 -18.07 -33.11 13.30
C SER A 238 -18.30 -31.61 13.36
N GLN A 239 -17.98 -30.92 12.26
CA GLN A 239 -18.10 -29.47 12.21
C GLN A 239 -19.54 -29.01 12.41
N LEU A 240 -20.52 -29.86 12.08
CA LEU A 240 -21.92 -29.49 12.15
C LEU A 240 -22.70 -30.30 13.16
N VAL A 241 -22.08 -31.24 13.86
CA VAL A 241 -22.77 -32.12 14.80
C VAL A 241 -21.98 -32.14 16.10
N GLU A 242 -22.68 -31.97 17.23
CA GLU A 242 -22.09 -32.09 18.55
C GLU A 242 -22.99 -32.95 19.43
N PHE A 243 -22.38 -33.90 20.13
CA PHE A 243 -23.08 -34.80 21.03
C PHE A 243 -22.74 -34.43 22.47
N LYS A 244 -23.75 -34.06 23.24
CA LYS A 244 -23.57 -33.63 24.63
C LYS A 244 -24.31 -34.59 25.55
N GLN A 245 -23.58 -35.15 26.51
CA GLN A 245 -24.19 -36.04 27.50
C GLN A 245 -24.95 -35.21 28.53
N PHE A 246 -26.19 -35.63 28.80
CA PHE A 246 -27.12 -34.87 29.64
C PHE A 246 -27.29 -35.60 30.96
N SER A 247 -26.91 -34.93 32.05
CA SER A 247 -26.96 -35.51 33.39
C SER A 247 -28.19 -35.00 34.13
N THR A 248 -28.85 -35.90 34.87
CA THR A 248 -30.09 -35.57 35.55
C THR A 248 -29.88 -34.81 36.86
N LYS A 249 -28.68 -34.84 37.43
CA LYS A 249 -28.47 -34.19 38.72
C LYS A 249 -28.58 -32.67 38.61
N HIS A 250 -27.90 -32.08 37.63
CA HIS A 250 -27.91 -30.64 37.38
C HIS A 250 -28.42 -30.36 35.98
N PHE A 251 -29.53 -31.00 35.62
CA PHE A 251 -30.02 -30.96 34.24
C PHE A 251 -30.37 -29.54 33.80
N GLN A 252 -31.03 -28.77 34.67
CA GLN A 252 -31.35 -27.39 34.31
C GLN A 252 -30.11 -26.51 34.34
N GLU A 253 -29.19 -26.76 35.27
CA GLU A 253 -27.93 -26.03 35.29
C GLU A 253 -27.07 -26.41 34.09
N TYR A 254 -27.13 -27.68 33.67
CA TYR A 254 -26.36 -28.12 32.51
C TYR A 254 -26.80 -27.38 31.25
N VAL A 255 -28.11 -27.20 31.07
CA VAL A 255 -28.60 -26.46 29.90
C VAL A 255 -28.18 -25.01 29.96
N LYS A 256 -28.21 -24.40 31.16
CA LYS A 256 -27.84 -23.00 31.29
C LYS A 256 -26.41 -22.76 30.84
N ARG A 257 -25.52 -23.71 31.08
CA ARG A 257 -24.09 -23.50 30.83
C ARG A 257 -23.67 -23.95 29.44
N THR A 258 -24.29 -25.00 28.89
CA THR A 258 -23.85 -25.53 27.60
C THR A 258 -24.29 -24.65 26.42
N ILE A 259 -25.38 -23.89 26.58
CA ILE A 259 -25.85 -23.07 25.47
C ILE A 259 -24.85 -21.99 25.08
N PRO A 260 -24.29 -21.18 26.00
CA PRO A 260 -23.34 -20.15 25.59
C PRO A 260 -22.06 -20.69 24.98
N GLU A 261 -21.72 -21.96 25.20
CA GLU A 261 -20.47 -22.52 24.70
C GLU A 261 -20.56 -22.95 23.24
N TYR A 262 -21.69 -23.54 22.85
CA TYR A 262 -21.80 -24.17 21.54
C TYR A 262 -22.67 -23.39 20.55
N VAL A 263 -23.75 -22.76 21.01
CA VAL A 263 -24.64 -22.02 20.12
C VAL A 263 -23.88 -20.86 19.45
N PRO A 264 -23.12 -20.04 20.18
CA PRO A 264 -22.29 -19.05 19.48
C PRO A 264 -21.24 -19.66 18.58
N ALA A 265 -20.78 -20.88 18.87
CA ALA A 265 -19.76 -21.50 18.04
C ALA A 265 -20.31 -21.89 16.68
N PHE A 266 -21.51 -22.47 16.65
CA PHE A 266 -22.10 -22.87 15.38
C PHE A 266 -22.57 -21.68 14.56
N ALA A 267 -23.25 -20.72 15.22
CA ALA A 267 -23.79 -19.57 14.51
C ALA A 267 -22.70 -18.74 13.85
N ASN A 268 -21.48 -18.77 14.40
CA ASN A 268 -20.38 -18.00 13.82
C ASN A 268 -19.77 -18.69 12.60
N THR A 269 -19.97 -20.00 12.44
CA THR A 269 -19.39 -20.75 11.31
C THR A 269 -20.47 -21.64 10.70
N GLY A 270 -21.21 -21.09 9.74
CA GLY A 270 -22.10 -21.86 8.90
C GLY A 270 -23.20 -22.65 9.59
N GLY A 271 -23.34 -22.51 10.90
CA GLY A 271 -24.37 -23.21 11.63
C GLY A 271 -24.03 -24.68 11.84
N GLY A 272 -24.99 -25.38 12.43
CA GLY A 272 -24.81 -26.80 12.71
C GLY A 272 -25.94 -27.33 13.55
N TYR A 273 -25.72 -28.53 14.07
CA TYR A 273 -26.68 -29.24 14.90
C TYR A 273 -26.09 -29.46 16.29
N LEU A 274 -26.95 -29.46 17.30
CA LEU A 274 -26.55 -29.67 18.69
C LEU A 274 -27.47 -30.72 19.28
N PHE A 275 -26.92 -31.89 19.62
CA PHE A 275 -27.68 -33.00 20.15
C PHE A 275 -27.43 -33.11 21.66
N ILE A 276 -28.51 -32.98 22.44
CA ILE A 276 -28.46 -33.13 23.89
C ILE A 276 -29.15 -34.43 24.26
N GLY A 277 -28.48 -35.25 25.03
CA GLY A 277 -28.96 -36.56 25.39
C GLY A 277 -28.36 -37.71 24.60
N VAL A 278 -27.35 -37.46 23.78
CA VAL A 278 -26.67 -38.49 23.00
C VAL A 278 -25.24 -38.58 23.49
N ASP A 279 -24.82 -39.79 23.85
CA ASP A 279 -23.47 -40.00 24.38
C ASP A 279 -22.43 -39.64 23.33
N ASP A 280 -21.34 -39.03 23.79
CA ASP A 280 -20.29 -38.61 22.86
C ASP A 280 -19.58 -39.83 22.28
N LYS A 281 -19.19 -40.77 23.13
CA LYS A 281 -18.36 -41.89 22.67
C LYS A 281 -19.19 -42.93 21.93
N SER A 282 -20.27 -43.42 22.56
CA SER A 282 -21.05 -44.51 22.01
C SER A 282 -22.15 -44.06 21.06
N ARG A 283 -22.42 -42.75 20.99
CA ARG A 283 -23.46 -42.20 20.11
C ARG A 283 -24.81 -42.85 20.34
N GLU A 284 -25.15 -43.10 21.60
CA GLU A 284 -26.43 -43.70 21.95
C GLU A 284 -27.40 -42.64 22.46
N VAL A 285 -28.67 -42.80 22.12
CA VAL A 285 -29.72 -41.92 22.62
C VAL A 285 -30.10 -42.36 24.03
N LEU A 286 -29.93 -41.47 25.01
CA LEU A 286 -30.31 -41.75 26.39
C LEU A 286 -31.34 -40.79 26.92
N GLY A 287 -31.20 -39.49 26.64
CA GLY A 287 -32.13 -38.53 27.21
C GLY A 287 -31.93 -38.39 28.70
N CYS A 288 -33.00 -38.01 29.38
CA CYS A 288 -33.01 -37.85 30.83
C CYS A 288 -34.24 -38.55 31.41
N ALA A 289 -34.34 -38.50 32.73
CA ALA A 289 -35.51 -39.05 33.39
C ALA A 289 -36.74 -38.22 33.07
N LYS A 290 -37.84 -38.90 32.71
CA LYS A 290 -39.06 -38.19 32.35
C LYS A 290 -39.68 -37.48 33.54
N GLU A 291 -39.35 -37.90 34.76
CA GLU A 291 -39.91 -37.26 35.95
C GLU A 291 -39.26 -35.92 36.20
N ASN A 292 -37.94 -35.82 35.98
CA ASN A 292 -37.21 -34.60 36.29
C ASN A 292 -37.39 -33.52 35.22
N VAL A 293 -37.55 -33.90 33.96
CA VAL A 293 -37.57 -32.93 32.88
C VAL A 293 -39.01 -32.52 32.58
N ASP A 294 -39.25 -31.20 32.56
CA ASP A 294 -40.51 -30.64 32.12
C ASP A 294 -40.32 -30.04 30.73
N PRO A 295 -40.89 -30.63 29.69
CA PRO A 295 -40.58 -30.14 28.33
C PRO A 295 -40.98 -28.69 28.09
N ASP A 296 -42.09 -28.23 28.70
CA ASP A 296 -42.44 -26.82 28.55
C ASP A 296 -41.48 -25.93 29.31
N SER A 297 -41.11 -26.32 30.53
CA SER A 297 -40.16 -25.54 31.31
C SER A 297 -38.76 -25.60 30.71
N LEU A 298 -38.39 -26.74 30.13
CA LEU A 298 -37.08 -26.87 29.51
C LEU A 298 -36.98 -26.02 28.23
N ARG A 299 -38.07 -25.96 27.46
CA ARG A 299 -38.03 -25.23 26.19
C ARG A 299 -37.80 -23.74 26.39
N ARG A 300 -38.46 -23.14 27.38
CA ARG A 300 -38.33 -21.70 27.58
C ARG A 300 -36.92 -21.34 28.04
N LYS A 301 -36.31 -22.17 28.88
CA LYS A 301 -34.97 -21.87 29.37
C LYS A 301 -33.96 -21.86 28.23
N ILE A 302 -34.09 -22.80 27.28
CA ILE A 302 -33.21 -22.79 26.11
C ILE A 302 -33.46 -21.54 25.27
N GLU A 303 -34.73 -21.16 25.09
CA GLU A 303 -35.04 -19.96 24.32
C GLU A 303 -34.47 -18.71 24.99
N GLN A 304 -34.60 -18.61 26.31
CA GLN A 304 -34.05 -17.46 27.02
C GLN A 304 -32.53 -17.44 26.97
N ALA A 305 -31.90 -18.62 27.11
CA ALA A 305 -30.44 -18.67 27.09
C ALA A 305 -29.87 -18.26 25.75
N ILE A 306 -30.50 -18.69 24.65
CA ILE A 306 -30.00 -18.34 23.33
C ILE A 306 -30.21 -16.87 23.04
N TYR A 307 -31.38 -16.32 23.41
CA TYR A 307 -31.66 -14.92 23.16
C TYR A 307 -30.83 -13.99 24.05
N LYS A 308 -30.24 -14.51 25.12
CA LYS A 308 -29.43 -13.70 26.01
C LYS A 308 -28.06 -13.39 25.44
N LEU A 309 -27.62 -14.12 24.43
CA LEU A 309 -26.29 -13.93 23.87
C LEU A 309 -26.20 -12.57 23.18
N PRO A 310 -25.20 -11.74 23.52
CA PRO A 310 -25.05 -10.45 22.84
C PRO A 310 -24.61 -10.66 21.40
N CYS A 311 -25.25 -9.94 20.49
CA CYS A 311 -24.95 -10.01 19.06
C CYS A 311 -24.67 -8.62 18.53
N VAL A 312 -23.67 -8.53 17.66
CA VAL A 312 -23.27 -7.27 17.04
C VAL A 312 -23.50 -7.39 15.53
N HIS A 313 -24.29 -6.49 14.98
CA HIS A 313 -24.70 -6.54 13.58
C HIS A 313 -23.94 -5.51 12.76
N PHE A 314 -23.51 -5.91 11.56
CA PHE A 314 -22.86 -5.03 10.61
C PHE A 314 -23.71 -4.79 9.37
N CYS A 315 -24.97 -5.23 9.39
CA CYS A 315 -25.77 -5.25 8.17
C CYS A 315 -27.21 -4.85 8.50
N GLN A 316 -27.97 -4.52 7.46
CA GLN A 316 -29.38 -4.21 7.49
C GLN A 316 -30.10 -5.30 6.70
N PRO A 317 -31.01 -6.07 7.33
CA PRO A 317 -31.57 -5.93 8.68
C PRO A 317 -30.72 -6.53 9.80
N GLN A 318 -31.30 -6.57 11.00
CA GLN A 318 -30.62 -7.00 12.22
C GLN A 318 -31.51 -8.00 12.96
N ARG A 319 -32.01 -8.99 12.24
CA ARG A 319 -32.91 -9.97 12.84
C ARG A 319 -32.16 -10.80 13.88
N PRO A 320 -32.85 -11.29 14.92
CA PRO A 320 -32.16 -12.05 15.97
C PRO A 320 -31.64 -13.39 15.48
N ILE A 321 -31.00 -14.14 16.38
CA ILE A 321 -30.44 -15.44 16.02
C ILE A 321 -31.57 -16.41 15.70
N THR A 322 -31.47 -17.09 14.57
CA THR A 322 -32.48 -18.02 14.11
C THR A 322 -32.06 -19.45 14.41
N PHE A 323 -32.91 -20.18 15.11
CA PHE A 323 -32.61 -21.56 15.48
C PHE A 323 -33.93 -22.34 15.55
N THR A 324 -33.81 -23.65 15.51
CA THR A 324 -34.95 -24.56 15.56
C THR A 324 -34.78 -25.49 16.75
N LEU A 325 -35.71 -25.42 17.70
CA LEU A 325 -35.69 -26.26 18.88
C LEU A 325 -36.77 -27.34 18.75
N LYS A 326 -36.36 -28.59 18.97
CA LYS A 326 -37.26 -29.73 18.88
C LYS A 326 -37.07 -30.62 20.10
N ILE A 327 -38.15 -30.82 20.86
CA ILE A 327 -38.16 -31.70 22.02
C ILE A 327 -38.92 -32.96 21.63
N VAL A 328 -38.27 -34.12 21.77
CA VAL A 328 -38.85 -35.39 21.36
C VAL A 328 -38.84 -36.35 22.54
N ASN A 329 -39.74 -37.33 22.46
CA ASN A 329 -39.86 -38.33 23.51
C ASN A 329 -38.85 -39.46 23.30
N VAL A 330 -38.29 -39.94 24.40
CA VAL A 330 -37.36 -41.06 24.39
C VAL A 330 -38.12 -42.30 24.82
N LEU A 331 -38.18 -43.29 23.94
CA LEU A 331 -38.95 -44.52 24.17
C LEU A 331 -38.00 -45.67 24.47
N LYS A 332 -38.28 -46.38 25.56
CA LYS A 332 -37.50 -47.54 25.98
C LYS A 332 -38.43 -48.75 25.99
N ARG A 333 -38.13 -49.75 25.15
CA ARG A 333 -38.95 -50.94 25.01
C ARG A 333 -40.39 -50.59 24.67
N GLY A 334 -40.59 -49.56 23.86
CA GLY A 334 -41.92 -49.09 23.53
C GLY A 334 -42.58 -48.23 24.59
N GLU A 335 -41.89 -47.95 25.68
CA GLU A 335 -42.43 -47.15 26.77
C GLU A 335 -41.64 -45.85 26.89
N LEU A 336 -42.36 -44.76 27.18
CA LEU A 336 -41.71 -43.47 27.33
C LEU A 336 -40.71 -43.48 28.47
N TYR A 337 -39.51 -42.97 28.20
CA TYR A 337 -38.43 -42.93 29.17
C TYR A 337 -37.99 -41.52 29.51
N GLY A 338 -38.05 -40.59 28.57
CA GLY A 338 -37.61 -39.24 28.82
C GLY A 338 -37.69 -38.39 27.57
N TYR A 339 -36.92 -37.31 27.57
CA TYR A 339 -36.91 -36.35 26.47
C TYR A 339 -35.48 -36.11 25.99
N ALA A 340 -35.37 -35.79 24.70
CA ALA A 340 -34.10 -35.46 24.08
C ALA A 340 -34.23 -34.11 23.39
N CYS A 341 -33.14 -33.35 23.37
CA CYS A 341 -33.14 -32.00 22.83
C CYS A 341 -32.31 -31.96 21.55
N MET A 342 -32.91 -31.45 20.48
CA MET A 342 -32.21 -31.21 19.22
C MET A 342 -32.23 -29.73 18.94
N ILE A 343 -31.06 -29.16 18.64
CA ILE A 343 -30.93 -27.74 18.33
C ILE A 343 -30.25 -27.60 16.98
N ARG A 344 -30.93 -26.98 16.03
CA ARG A 344 -30.36 -26.58 14.76
C ARG A 344 -30.16 -25.07 14.77
N VAL A 345 -28.91 -24.63 14.64
CA VAL A 345 -28.57 -23.22 14.67
C VAL A 345 -28.28 -22.78 13.25
N ASN A 346 -29.12 -21.91 12.72
CA ASN A 346 -28.86 -21.37 11.38
C ASN A 346 -27.66 -20.43 11.42
N PRO A 347 -26.88 -20.37 10.35
CA PRO A 347 -25.72 -19.47 10.33
C PRO A 347 -26.15 -18.02 10.53
N PHE A 348 -25.34 -17.29 11.29
CA PHE A 348 -25.64 -15.91 11.62
C PHE A 348 -24.97 -14.96 10.64
N CYS A 349 -25.68 -13.90 10.27
CA CYS A 349 -25.16 -12.94 9.30
C CYS A 349 -24.01 -12.11 9.87
N CYS A 350 -23.79 -12.16 11.18
CA CYS A 350 -22.79 -11.32 11.82
C CYS A 350 -22.16 -12.11 12.98
N ALA A 351 -21.48 -11.41 13.87
CA ALA A 351 -20.76 -12.05 14.97
C ALA A 351 -21.68 -12.25 16.16
N VAL A 352 -21.49 -13.37 16.86
CA VAL A 352 -22.22 -13.69 18.08
C VAL A 352 -21.22 -13.85 19.21
N PHE A 353 -21.46 -13.17 20.32
CA PHE A 353 -20.59 -13.21 21.48
C PHE A 353 -21.19 -14.09 22.57
N SER A 354 -20.36 -14.96 23.14
CA SER A 354 -20.80 -15.74 24.29
C SER A 354 -20.99 -14.87 25.52
N GLU A 355 -20.17 -13.85 25.69
CA GLU A 355 -20.29 -12.87 26.76
C GLU A 355 -19.56 -11.61 26.31
N ALA A 356 -19.55 -10.59 27.16
CA ALA A 356 -18.88 -9.35 26.81
C ALA A 356 -17.37 -9.58 26.67
N PRO A 357 -16.72 -8.94 25.71
CA PRO A 357 -15.27 -9.11 25.55
C PRO A 357 -14.52 -8.65 26.79
N ASN A 358 -13.44 -9.37 27.11
CA ASN A 358 -12.63 -9.06 28.28
C ASN A 358 -11.44 -8.19 27.88
N SER A 359 -11.75 -6.95 27.54
CA SER A 359 -10.75 -5.95 27.18
C SER A 359 -10.93 -4.73 28.05
N TRP A 360 -9.81 -4.17 28.50
CA TRP A 360 -9.83 -3.06 29.45
C TRP A 360 -9.11 -1.86 28.86
N ILE A 361 -9.49 -0.67 29.35
CA ILE A 361 -8.91 0.58 28.92
C ILE A 361 -8.98 1.57 30.08
N VAL A 362 -8.06 2.52 30.09
CA VAL A 362 -7.98 3.52 31.14
C VAL A 362 -8.67 4.80 30.66
N GLU A 363 -9.77 5.15 31.33
CA GLU A 363 -10.46 6.42 31.08
C GLU A 363 -10.38 7.27 32.33
N ASP A 364 -9.98 8.53 32.16
CA ASP A 364 -9.79 9.47 33.28
C ASP A 364 -8.77 8.85 34.23
N LYS A 365 -9.12 8.62 35.50
CA LYS A 365 -8.22 7.99 36.45
C LYS A 365 -8.66 6.58 36.83
N TYR A 366 -9.52 5.95 36.03
CA TYR A 366 -10.08 4.65 36.34
C TYR A 366 -9.75 3.65 35.23
N VAL A 367 -9.75 2.38 35.60
CA VAL A 367 -9.59 1.29 34.64
C VAL A 367 -10.95 0.64 34.42
N CYS A 368 -11.45 0.72 33.20
CA CYS A 368 -12.78 0.23 32.87
C CYS A 368 -12.71 -0.72 31.69
N SER A 369 -13.68 -1.62 31.62
CA SER A 369 -13.76 -2.60 30.55
C SER A 369 -14.58 -2.06 29.39
N LEU A 370 -14.13 -2.35 28.17
CA LEU A 370 -14.82 -1.88 26.97
C LEU A 370 -16.12 -2.65 26.77
N THR A 371 -17.18 -1.91 26.42
CA THR A 371 -18.47 -2.52 26.15
C THR A 371 -18.41 -3.29 24.83
N THR A 372 -19.33 -4.24 24.67
CA THR A 372 -19.29 -5.14 23.51
C THR A 372 -19.38 -4.37 22.20
N GLU A 373 -20.28 -3.39 22.10
CA GLU A 373 -20.38 -2.61 20.88
C GLU A 373 -19.21 -1.65 20.72
N LYS A 374 -18.63 -1.19 21.84
CA LYS A 374 -17.45 -0.33 21.77
C LYS A 374 -16.19 -1.13 21.45
N TRP A 375 -16.11 -2.37 21.94
CA TRP A 375 -14.98 -3.23 21.60
C TRP A 375 -14.93 -3.53 20.11
N VAL A 376 -16.10 -3.82 19.52
CA VAL A 376 -16.15 -4.14 18.10
C VAL A 376 -15.75 -2.93 17.26
N GLY A 377 -16.23 -1.73 17.63
CA GLY A 377 -15.93 -0.55 16.84
C GLY A 377 -14.44 -0.26 16.75
N MET A 378 -13.72 -0.43 17.86
CA MET A 378 -12.28 -0.18 17.84
C MET A 378 -11.54 -1.24 17.04
N MET A 379 -12.00 -2.49 17.08
CA MET A 379 -11.34 -3.55 16.33
C MET A 379 -11.47 -3.38 14.83
N THR A 380 -12.64 -2.95 14.35
CA THR A 380 -12.89 -2.83 12.91
C THR A 380 -12.42 -1.50 12.34
N ASP A 381 -12.83 -0.39 12.96
CA ASP A 381 -12.46 0.93 12.46
C ASP A 381 -10.96 1.16 12.54
N VAL A 409 -7.28 17.96 16.91
CA VAL A 409 -7.25 18.07 15.47
C VAL A 409 -6.11 17.23 14.90
N TYR A 410 -6.44 16.31 14.01
CA TYR A 410 -5.46 15.44 13.38
C TYR A 410 -5.05 16.03 12.04
N SER A 411 -3.75 16.09 11.77
CA SER A 411 -3.20 16.70 10.57
C SER A 411 -2.80 15.61 9.58
N LYS A 412 -3.49 15.56 8.44
CA LYS A 412 -3.11 14.63 7.39
C LYS A 412 -1.79 15.05 6.74
N LYS A 413 -1.59 16.36 6.54
CA LYS A 413 -0.37 16.83 5.91
C LYS A 413 0.85 16.62 6.80
N GLY A 414 0.68 16.79 8.11
CA GLY A 414 1.80 16.62 9.02
C GLY A 414 2.32 15.20 9.06
N LEU A 415 1.42 14.22 8.96
CA LEU A 415 1.83 12.82 9.04
C LEU A 415 2.71 12.43 7.85
N GLU A 416 2.36 12.91 6.65
CA GLU A 416 3.11 12.52 5.46
C GLU A 416 4.37 13.34 5.27
N HIS A 417 4.40 14.57 5.77
CA HIS A 417 5.56 15.46 5.63
C HIS A 417 6.40 15.52 6.90
N LYS A 418 6.19 14.59 7.84
CA LYS A 418 6.84 14.69 9.15
C LYS A 418 8.35 14.57 9.04
N LYS A 419 8.87 13.91 8.01
CA LYS A 419 10.31 13.74 7.91
C LYS A 419 10.99 15.03 7.44
N GLU A 420 10.39 15.74 6.48
CA GLU A 420 10.98 16.99 6.01
C GLU A 420 10.73 18.12 6.98
N LEU A 421 9.55 18.14 7.63
CA LEU A 421 9.25 19.19 8.60
C LEU A 421 10.22 19.14 9.79
N GLN A 422 10.54 17.93 10.26
CA GLN A 422 11.48 17.80 11.36
C GLN A 422 12.86 18.30 10.96
N GLN A 423 13.30 17.99 9.75
CA GLN A 423 14.64 18.37 9.31
C GLN A 423 14.80 19.88 9.18
N LEU A 424 13.71 20.62 9.03
CA LEU A 424 13.81 22.07 8.92
C LEU A 424 13.89 22.72 10.29
N LEU A 425 12.89 22.49 11.13
CA LEU A 425 12.81 23.15 12.44
C LEU A 425 13.64 22.42 13.50
N PHE A 426 13.43 21.12 13.66
CA PHE A 426 14.03 20.35 14.74
C PHE A 426 15.20 19.49 14.27
N SER A 427 16.01 20.01 13.34
CA SER A 427 17.20 19.28 12.90
C SER A 427 18.17 19.10 14.05
N VAL A 428 18.38 17.85 14.45
CA VAL A 428 19.26 17.56 15.59
C VAL A 428 20.70 17.91 15.21
N PRO A 429 21.40 18.69 16.02
CA PRO A 429 22.78 19.07 15.69
C PRO A 429 23.76 18.06 16.26
N PRO A 430 24.71 17.59 15.44
CA PRO A 430 25.73 16.68 15.97
C PRO A 430 26.89 17.41 16.62
N GLY A 431 27.05 17.24 17.94
CA GLY A 431 28.19 17.77 18.66
C GLY A 431 27.85 18.79 19.73
N TYR A 432 26.74 19.50 19.60
CA TYR A 432 26.38 20.53 20.57
C TYR A 432 24.87 20.54 20.77
N LEU A 433 24.45 21.14 21.88
CA LEU A 433 23.04 21.23 22.24
C LEU A 433 22.48 22.56 21.76
N ARG A 434 21.38 22.49 21.01
CA ARG A 434 20.81 23.64 20.33
C ARG A 434 19.51 24.06 21.02
N TYR A 435 19.35 25.37 21.22
CA TYR A 435 18.16 25.93 21.87
C TYR A 435 17.25 26.49 20.79
N THR A 436 16.00 26.04 20.78
CA THR A 436 14.99 26.52 19.85
C THR A 436 13.74 26.92 20.60
N PRO A 437 13.04 27.98 20.17
CA PRO A 437 13.46 28.90 19.09
C PRO A 437 14.54 29.87 19.57
N GLU A 438 15.43 30.26 18.66
CA GLU A 438 16.50 31.19 19.03
C GLU A 438 15.95 32.57 19.36
N SER A 439 14.88 32.99 18.67
CA SER A 439 14.29 34.29 18.95
C SER A 439 13.70 34.35 20.35
N LEU A 440 13.00 33.29 20.77
CA LEU A 440 12.40 33.27 22.10
C LEU A 440 13.46 33.11 23.19
N TRP A 441 14.52 32.34 22.91
CA TRP A 441 15.59 32.17 23.89
C TRP A 441 16.29 33.49 24.17
N ARG A 442 16.48 34.33 23.15
CA ARG A 442 17.16 35.60 23.33
C ARG A 442 16.34 36.56 24.20
N ASP A 443 15.02 36.58 24.00
CA ASP A 443 14.18 37.49 24.77
C ASP A 443 14.04 37.03 26.22
N LEU A 444 14.17 35.72 26.46
CA LEU A 444 14.03 35.20 27.82
C LEU A 444 15.23 35.58 28.67
N ILE A 445 16.44 35.43 28.14
CA ILE A 445 17.64 35.72 28.91
C ILE A 445 17.77 37.20 29.22
N SER A 446 17.34 38.09 28.31
CA SER A 446 17.44 39.52 28.57
C SER A 446 16.38 39.98 29.56
N GLU A 447 15.19 39.37 29.53
CA GLU A 447 14.13 39.79 30.42
C GLU A 447 14.37 39.37 31.86
N HIS A 448 14.93 38.16 32.07
CA HIS A 448 15.13 37.61 33.40
C HIS A 448 16.61 37.43 33.65
N ARG A 449 17.09 37.97 34.77
CA ARG A 449 18.51 37.87 35.13
C ARG A 449 18.78 36.51 35.75
N GLY A 450 19.86 35.87 35.30
CA GLY A 450 20.26 34.58 35.82
C GLY A 450 19.67 33.38 35.12
N LEU A 451 18.74 33.58 34.19
CA LEU A 451 18.14 32.45 33.48
C LEU A 451 19.16 31.78 32.56
N GLU A 452 20.05 32.55 31.93
CA GLU A 452 21.04 31.95 31.04
C GLU A 452 21.99 31.03 31.80
N GLU A 453 22.46 31.45 32.97
CA GLU A 453 23.37 30.62 33.74
C GLU A 453 22.66 29.42 34.34
N LEU A 454 21.39 29.57 34.73
CA LEU A 454 20.65 28.45 35.30
C LEU A 454 20.45 27.33 34.26
N ILE A 455 20.14 27.70 33.02
CA ILE A 455 19.93 26.70 31.98
C ILE A 455 21.24 25.99 31.64
N ASN A 456 22.33 26.74 31.52
CA ASN A 456 23.60 26.14 31.12
C ASN A 456 24.15 25.18 32.16
N LYS A 457 23.93 25.46 33.45
CA LYS A 457 24.48 24.58 34.48
C LYS A 457 23.75 23.23 34.50
N GLN A 458 22.46 23.23 34.14
CA GLN A 458 21.72 21.97 34.12
C GLN A 458 22.06 21.14 32.89
N MET A 459 22.49 21.78 31.81
CA MET A 459 22.71 21.10 30.54
C MET A 459 24.16 20.68 30.33
N GLN A 460 25.01 20.82 31.34
CA GLN A 460 26.40 20.38 31.20
C GLN A 460 26.55 18.88 30.90
N PRO A 461 25.85 17.95 31.58
CA PRO A 461 26.04 16.53 31.27
C PRO A 461 25.66 16.15 29.84
N PHE A 462 24.79 16.92 29.19
CA PHE A 462 24.29 16.59 27.87
C PHE A 462 25.18 17.22 26.81
N PHE A 463 25.74 16.38 25.93
CA PHE A 463 26.66 16.83 24.89
C PHE A 463 26.04 16.92 23.51
N ARG A 464 24.82 16.40 23.33
CA ARG A 464 24.16 16.43 22.03
C ARG A 464 22.66 16.37 22.24
N GLY A 465 21.91 17.10 21.42
CA GLY A 465 20.47 17.10 21.48
C GLY A 465 19.93 18.46 21.06
N ILE A 466 18.63 18.64 21.29
CA ILE A 466 17.95 19.90 20.99
C ILE A 466 17.04 20.24 22.17
N LEU A 467 17.05 21.51 22.56
CA LEU A 467 16.27 22.00 23.69
C LEU A 467 15.21 22.95 23.16
N ILE A 468 13.95 22.55 23.26
CA ILE A 468 12.83 23.29 22.68
C ILE A 468 12.22 24.17 23.77
N PHE A 469 12.30 25.47 23.59
CA PHE A 469 11.80 26.44 24.57
C PHE A 469 10.38 26.87 24.22
N SER A 470 9.65 27.28 25.26
CA SER A 470 8.32 27.84 25.10
C SER A 470 7.98 28.62 26.36
N ARG A 471 7.13 29.65 26.20
CA ARG A 471 6.71 30.42 27.36
C ARG A 471 5.84 29.60 28.29
N SER A 472 5.03 28.70 27.75
CA SER A 472 4.22 27.79 28.56
C SER A 472 3.87 26.60 27.70
N TRP A 473 4.45 25.44 28.00
CA TRP A 473 4.13 24.23 27.25
C TRP A 473 2.74 23.71 27.55
N ALA A 474 2.14 24.12 28.67
CA ALA A 474 0.79 23.70 28.98
C ALA A 474 -0.22 24.35 28.05
N VAL A 475 -0.02 25.64 27.75
CA VAL A 475 -0.92 26.34 26.82
C VAL A 475 -0.80 25.74 25.42
N ASP A 476 0.41 25.33 25.04
CA ASP A 476 0.60 24.71 23.74
C ASP A 476 -0.13 23.38 23.64
N LEU A 477 -0.50 22.79 24.78
CA LEU A 477 -1.25 21.54 24.83
C LEU A 477 -2.67 21.73 25.31
N ASN A 478 -3.23 22.94 25.16
CA ASN A 478 -4.61 23.25 25.51
C ASN A 478 -4.89 23.05 27.00
N LEU A 479 -3.89 23.28 27.84
CA LEU A 479 -4.06 23.27 29.29
C LEU A 479 -4.09 24.69 29.83
N GLN A 480 -4.16 24.80 31.15
CA GLN A 480 -4.27 26.10 31.80
C GLN A 480 -2.90 26.62 32.21
N GLU A 481 -2.65 27.89 31.91
CA GLU A 481 -1.38 28.51 32.27
C GLU A 481 -1.31 28.73 33.79
N LYS A 482 -0.11 28.54 34.33
CA LYS A 482 0.15 28.78 35.74
C LYS A 482 0.94 30.07 35.90
N PRO A 483 0.38 31.10 36.53
CA PRO A 483 1.15 32.33 36.75
C PRO A 483 2.38 32.05 37.61
N GLY A 484 3.48 32.71 37.25
CA GLY A 484 4.75 32.49 37.92
C GLY A 484 5.70 31.57 37.20
N VAL A 485 5.34 31.05 36.04
CA VAL A 485 6.20 30.18 35.26
C VAL A 485 6.93 31.03 34.23
N ILE A 486 8.26 31.02 34.29
CA ILE A 486 9.04 31.81 33.34
C ILE A 486 8.98 31.20 31.94
N CYS A 487 9.38 29.93 31.83
CA CYS A 487 9.35 29.24 30.54
C CYS A 487 9.37 27.74 30.80
N ASP A 488 8.99 26.99 29.76
CA ASP A 488 9.05 25.54 29.78
C ASP A 488 9.94 25.06 28.65
N ALA A 489 10.79 24.08 28.93
CA ALA A 489 11.74 23.56 27.96
C ALA A 489 11.65 22.05 27.91
N LEU A 490 11.57 21.50 26.70
CA LEU A 490 11.50 20.06 26.48
C LEU A 490 12.85 19.61 25.91
N LEU A 491 13.63 18.93 26.73
CA LEU A 491 14.97 18.51 26.35
C LEU A 491 14.92 17.13 25.69
N ILE A 492 15.43 17.04 24.47
CA ILE A 492 15.51 15.77 23.74
C ILE A 492 16.99 15.58 23.42
N ALA A 493 17.69 14.82 24.27
CA ALA A 493 19.13 14.68 24.17
C ALA A 493 19.50 13.21 24.07
N GLN A 494 20.70 12.96 23.56
CA GLN A 494 21.21 11.59 23.44
C GLN A 494 21.56 11.04 24.81
N ASN A 495 21.32 9.73 24.98
CA ASN A 495 21.59 9.02 26.23
C ASN A 495 20.82 9.65 27.40
N SER A 496 19.59 10.08 27.13
CA SER A 496 18.75 10.67 28.16
C SER A 496 17.31 10.68 27.68
N THR A 497 16.41 10.32 28.58
CA THR A 497 14.99 10.37 28.29
C THR A 497 14.54 11.81 28.16
N PRO A 498 13.46 12.07 27.42
CA PRO A 498 12.95 13.44 27.33
C PRO A 498 12.58 14.00 28.70
N ILE A 499 12.98 15.24 28.94
CA ILE A 499 12.74 15.92 30.20
C ILE A 499 12.06 17.25 29.91
N LEU A 500 10.95 17.52 30.58
CA LEU A 500 10.24 18.78 30.46
C LEU A 500 10.58 19.65 31.66
N TYR A 501 11.42 20.66 31.44
CA TYR A 501 11.84 21.58 32.48
C TYR A 501 10.83 22.70 32.64
N THR A 502 10.45 22.99 33.88
CA THR A 502 9.59 24.11 34.21
C THR A 502 10.36 25.07 35.11
N ILE A 503 10.50 26.31 34.66
CA ILE A 503 11.27 27.32 35.37
C ILE A 503 10.32 28.22 36.15
N LEU A 504 10.49 28.29 37.47
CA LEU A 504 9.70 29.14 38.33
C LEU A 504 10.57 30.27 38.87
N ARG A 505 10.02 31.49 38.88
CA ARG A 505 10.77 32.63 39.38
C ARG A 505 10.87 32.62 40.90
N GLU A 506 9.92 31.99 41.60
CA GLU A 506 10.08 31.65 43.01
C GLU A 506 9.53 30.24 43.23
N GLN A 507 9.99 29.61 44.30
CA GLN A 507 9.52 28.27 44.64
C GLN A 507 8.03 28.29 44.91
N ASP A 508 7.33 27.29 44.36
CA ASP A 508 5.89 27.17 44.52
C ASP A 508 5.54 25.73 44.86
N ALA A 509 4.51 25.57 45.69
CA ALA A 509 4.05 24.23 46.04
C ALA A 509 3.47 23.51 44.83
N GLU A 510 2.76 24.23 43.97
CA GLU A 510 2.14 23.65 42.79
C GLU A 510 3.11 23.52 41.62
N GLY A 511 4.39 23.84 41.82
CA GLY A 511 5.33 23.79 40.72
C GLY A 511 5.54 22.39 40.18
N GLN A 512 5.69 21.40 41.06
CA GLN A 512 5.89 20.03 40.61
C GLN A 512 4.61 19.44 40.04
N ASP A 513 3.46 19.81 40.59
CA ASP A 513 2.19 19.30 40.07
C ASP A 513 1.89 19.85 38.68
N TYR A 514 2.21 21.12 38.44
CA TYR A 514 2.01 21.70 37.11
C TYR A 514 2.90 21.04 36.07
N CYS A 515 4.16 20.79 36.43
CA CYS A 515 5.10 20.20 35.48
C CYS A 515 4.77 18.73 35.22
N THR A 516 4.21 18.04 36.22
CA THR A 516 3.88 16.63 36.05
C THR A 516 2.71 16.46 35.08
N ARG A 517 1.67 17.29 35.21
CA ARG A 517 0.52 17.16 34.33
C ARG A 517 0.88 17.46 32.87
N THR A 518 1.78 18.42 32.64
CA THR A 518 2.17 18.74 31.27
C THR A 518 3.07 17.66 30.69
N ALA A 519 3.97 17.10 31.50
CA ALA A 519 4.81 16.01 31.03
C ALA A 519 3.98 14.77 30.71
N PHE A 520 3.00 14.46 31.57
CA PHE A 520 2.12 13.32 31.31
C PHE A 520 1.27 13.55 30.08
N THR A 521 0.74 14.76 29.92
CA THR A 521 -0.08 15.07 28.75
C THR A 521 0.76 15.02 27.47
N LEU A 522 1.98 15.55 27.51
CA LEU A 522 2.84 15.52 26.33
C LEU A 522 3.25 14.10 25.98
N LYS A 523 3.51 13.27 26.98
CA LYS A 523 3.88 11.88 26.70
C LYS A 523 2.74 11.11 26.04
N GLN A 524 1.50 11.33 26.49
CA GLN A 524 0.37 10.65 25.87
C GLN A 524 0.12 11.13 24.44
N LYS A 525 0.29 12.44 24.18
CA LYS A 525 0.08 12.95 22.84
C LYS A 525 1.13 12.41 21.87
N LEU A 526 2.37 12.25 22.33
CA LEU A 526 3.42 11.70 21.47
C LEU A 526 3.09 10.29 21.03
N VAL A 527 2.29 9.56 21.81
CA VAL A 527 1.95 8.19 21.50
C VAL A 527 0.61 8.13 20.77
N ASN A 528 -0.44 8.65 21.43
CA ASN A 528 -1.79 8.53 20.89
C ASN A 528 -2.06 9.48 19.74
N MET A 529 -1.29 10.55 19.59
CA MET A 529 -1.50 11.53 18.54
C MET A 529 -0.35 11.64 17.56
N GLY A 530 0.90 11.61 18.06
CA GLY A 530 2.05 11.64 17.17
C GLY A 530 2.45 10.30 16.60
N GLY A 531 1.84 9.22 17.08
CA GLY A 531 2.13 7.89 16.54
C GLY A 531 3.54 7.40 16.77
N TYR A 532 4.07 7.58 17.98
CA TYR A 532 5.41 7.10 18.30
C TYR A 532 5.33 5.64 18.74
N THR A 533 5.98 4.76 17.99
CA THR A 533 5.91 3.33 18.23
C THR A 533 7.00 2.81 19.16
N GLY A 534 7.91 3.67 19.61
CA GLY A 534 8.97 3.27 20.51
C GLY A 534 8.59 3.43 21.97
N LYS A 535 9.60 3.32 22.82
CA LYS A 535 9.44 3.47 24.26
C LYS A 535 9.78 4.91 24.64
N VAL A 536 8.80 5.63 25.19
CA VAL A 536 8.95 7.04 25.50
C VAL A 536 8.46 7.31 26.91
N CYS A 537 9.26 8.06 27.68
CA CYS A 537 8.85 8.58 28.96
C CYS A 537 9.34 10.01 29.09
N VAL A 538 8.49 10.88 29.61
CA VAL A 538 8.82 12.30 29.77
C VAL A 538 8.95 12.59 31.26
N ARG A 539 10.16 12.92 31.68
CA ARG A 539 10.41 13.28 33.07
C ARG A 539 10.00 14.72 33.33
N ALA A 540 9.41 14.96 34.50
CA ALA A 540 8.98 16.29 34.91
C ALA A 540 9.97 16.83 35.93
N LYS A 541 10.72 17.86 35.55
CA LYS A 541 11.71 18.49 36.40
C LYS A 541 11.37 19.97 36.57
N VAL A 542 11.51 20.47 37.80
CA VAL A 542 11.17 21.84 38.14
C VAL A 542 12.44 22.55 38.61
N LEU A 543 12.72 23.70 38.02
CA LEU A 543 13.86 24.54 38.41
C LEU A 543 13.35 25.88 38.91
N CYS A 544 14.06 26.45 39.88
CA CYS A 544 13.72 27.74 40.45
C CYS A 544 14.84 28.73 40.15
N LEU A 545 14.48 29.89 39.60
CA LEU A 545 15.49 30.89 39.26
C LEU A 545 16.11 31.50 40.52
N SER A 546 15.29 31.81 41.52
CA SER A 546 15.80 32.41 42.75
C SER A 546 16.27 31.33 43.70
N PRO A 547 17.54 31.31 44.11
CA PRO A 547 18.09 30.33 45.04
C PRO A 547 17.37 30.34 46.40
N VAL A 558 6.99 11.47 46.91
CA VAL A 558 7.07 10.85 45.59
C VAL A 558 8.45 11.07 44.98
N SER A 559 9.03 10.01 44.43
CA SER A 559 10.33 10.08 43.78
C SER A 559 10.21 9.55 42.36
N PRO A 560 10.97 10.12 41.42
CA PRO A 560 10.88 9.66 40.03
C PRO A 560 11.31 8.21 39.89
N MET A 561 10.64 7.48 39.01
CA MET A 561 11.00 6.10 38.75
C MET A 561 12.28 6.01 37.92
N ASP A 562 13.02 4.93 38.10
CA ASP A 562 14.22 4.67 37.33
C ASP A 562 13.85 3.81 36.13
N TYR A 563 13.62 4.44 34.99
CA TYR A 563 13.20 3.73 33.80
C TYR A 563 14.33 2.86 33.27
N PRO A 564 14.01 1.79 32.54
CA PRO A 564 15.06 0.93 32.00
C PRO A 564 15.91 1.65 30.97
N ALA A 565 17.07 1.06 30.69
CA ALA A 565 18.02 1.68 29.76
C ALA A 565 17.50 1.73 28.33
N SER A 566 16.45 0.97 28.02
CA SER A 566 15.87 1.03 26.68
C SER A 566 14.98 2.25 26.48
N TYR A 567 14.65 2.98 27.54
CA TYR A 567 13.88 4.21 27.44
C TYR A 567 14.75 5.41 27.10
N SER A 568 16.07 5.29 27.22
CA SER A 568 16.97 6.37 26.89
C SER A 568 17.21 6.44 25.38
N LEU A 569 17.38 7.67 24.88
CA LEU A 569 17.61 7.91 23.46
C LEU A 569 19.04 7.53 23.13
N ALA A 570 19.21 6.38 22.47
CA ALA A 570 20.56 5.84 22.25
C ALA A 570 21.31 6.62 21.18
N GLY A 571 20.65 6.97 20.09
CA GLY A 571 21.34 7.59 18.98
C GLY A 571 20.44 8.45 18.13
N THR A 572 20.94 8.79 16.94
CA THR A 572 20.23 9.74 16.08
C THR A 572 18.89 9.18 15.64
N GLN A 573 18.82 7.88 15.34
CA GLN A 573 17.59 7.31 14.79
C GLN A 573 16.43 7.43 15.77
N HIS A 574 16.68 7.19 17.05
CA HIS A 574 15.61 7.26 18.04
C HIS A 574 15.18 8.71 18.29
N MET A 575 16.14 9.62 18.41
CA MET A 575 15.81 11.02 18.65
C MET A 575 15.12 11.63 17.44
N GLU A 576 15.58 11.30 16.24
CA GLU A 576 14.92 11.79 15.04
C GLU A 576 13.50 11.25 14.92
N ALA A 577 13.30 9.97 15.25
CA ALA A 577 11.96 9.39 15.18
C ALA A 577 11.05 9.99 16.25
N LEU A 578 11.61 10.33 17.41
CA LEU A 578 10.81 10.96 18.45
C LEU A 578 10.43 12.38 18.07
N LEU A 579 11.35 13.11 17.44
CA LEU A 579 11.05 14.47 17.00
C LEU A 579 10.02 14.51 15.88
N GLN A 580 10.04 13.54 14.97
CA GLN A 580 9.05 13.48 13.90
C GLN A 580 7.65 13.28 14.44
N SER A 581 7.50 12.58 15.57
CA SER A 581 6.19 12.42 16.18
C SER A 581 5.78 13.66 16.96
N LEU A 582 6.75 14.50 17.35
CA LEU A 582 6.42 15.77 17.98
C LEU A 582 5.92 16.78 16.96
N VAL A 583 6.37 16.67 15.71
CA VAL A 583 5.87 17.56 14.65
C VAL A 583 4.38 17.35 14.45
N ILE A 584 3.93 16.10 14.43
CA ILE A 584 2.51 15.82 14.28
C ILE A 584 1.72 16.32 15.47
N VAL A 585 2.29 16.19 16.67
CA VAL A 585 1.62 16.67 17.89
C VAL A 585 1.48 18.19 17.84
N LEU A 586 2.56 18.89 17.47
CA LEU A 586 2.53 20.34 17.47
C LEU A 586 1.56 20.89 16.42
N LEU A 587 1.50 20.24 15.26
CA LEU A 587 0.65 20.74 14.18
C LEU A 587 -0.83 20.66 14.52
N GLY A 588 -1.21 19.91 15.53
CA GLY A 588 -2.59 19.81 15.94
C GLY A 588 -3.05 20.84 16.95
N PHE A 589 -2.18 21.77 17.32
CA PHE A 589 -2.49 22.79 18.31
C PHE A 589 -2.19 24.17 17.75
N ARG A 590 -2.38 25.19 18.59
CA ARG A 590 -2.08 26.57 18.24
C ARG A 590 -0.96 27.06 19.14
N SER A 591 0.22 27.28 18.55
CA SER A 591 1.38 27.72 19.30
C SER A 591 2.36 28.37 18.35
N LEU A 592 3.52 28.76 18.89
CA LEU A 592 4.56 29.36 18.07
C LEU A 592 5.11 28.36 17.06
N LEU A 593 5.45 27.16 17.53
CA LEU A 593 6.01 26.15 16.64
C LEU A 593 4.93 25.47 15.81
N SER A 594 3.67 25.57 16.21
CA SER A 594 2.58 25.08 15.37
C SER A 594 2.44 25.93 14.11
N ASP A 595 2.61 27.24 14.23
CA ASP A 595 2.54 28.12 13.07
C ASP A 595 3.79 28.05 12.23
N GLN A 596 4.96 27.94 12.86
CA GLN A 596 6.20 27.81 12.10
C GLN A 596 6.25 26.48 11.35
N LEU A 597 5.63 25.43 11.91
CA LEU A 597 5.46 24.20 11.15
C LEU A 597 4.36 24.32 10.11
N GLY A 598 3.31 25.09 10.42
CA GLY A 598 2.26 25.32 9.43
C GLY A 598 2.75 26.12 8.24
N CYS A 599 3.68 27.06 8.48
CA CYS A 599 4.24 27.83 7.38
C CYS A 599 5.08 26.96 6.45
N GLU A 600 5.79 25.98 7.02
CA GLU A 600 6.65 25.14 6.18
C GLU A 600 5.85 24.09 5.42
N VAL A 601 4.65 23.76 5.89
CA VAL A 601 3.78 22.87 5.12
C VAL A 601 3.30 23.57 3.86
N LEU A 602 2.97 24.86 3.96
CA LEU A 602 2.56 25.61 2.79
C LEU A 602 3.68 25.69 1.76
N ASN A 603 4.93 25.85 2.23
CA ASN A 603 6.06 25.88 1.31
C ASN A 603 6.29 24.50 0.68
N LEU A 604 5.92 23.43 1.37
CA LEU A 604 6.04 22.10 0.78
C LEU A 604 4.88 21.82 -0.16
N LEU A 605 3.70 22.34 0.14
CA LEU A 605 2.57 22.20 -0.77
C LEU A 605 2.79 22.99 -2.05
N THR A 606 3.35 24.20 -1.93
CA THR A 606 3.66 25.00 -3.11
C THR A 606 4.71 24.33 -3.98
N ALA A 607 5.73 23.73 -3.35
CA ALA A 607 6.76 23.04 -4.11
C ALA A 607 6.22 21.80 -4.80
N GLN A 608 5.12 21.24 -4.30
CA GLN A 608 4.48 20.11 -4.98
C GLN A 608 3.76 20.55 -6.24
N GLN A 609 3.07 21.69 -6.17
CA GLN A 609 2.36 22.20 -7.34
C GLN A 609 3.34 22.74 -8.38
N TYR A 610 4.49 23.28 -7.94
CA TYR A 610 5.48 23.78 -8.88
C TYR A 610 6.05 22.67 -9.74
N GLU A 611 6.29 21.49 -9.16
CA GLU A 611 6.86 20.38 -9.92
C GLU A 611 5.96 19.98 -11.07
N ILE A 612 4.64 19.94 -10.82
CA ILE A 612 3.70 19.69 -11.90
C ILE A 612 3.71 20.84 -12.90
N PHE A 613 3.81 22.08 -12.40
CA PHE A 613 3.76 23.25 -13.27
C PHE A 613 5.08 23.49 -14.00
N SER A 614 6.21 23.10 -13.41
CA SER A 614 7.51 23.36 -14.01
C SER A 614 7.76 22.53 -15.26
N ARG A 615 6.96 21.50 -15.53
CA ARG A 615 7.16 20.67 -16.72
C ARG A 615 6.77 21.38 -18.00
N SER A 616 6.11 22.54 -17.92
CA SER A 616 5.64 23.25 -19.09
C SER A 616 6.70 24.15 -19.73
N LEU A 617 7.89 24.24 -19.15
CA LEU A 617 8.93 25.08 -19.73
C LEU A 617 9.45 24.50 -21.04
N ARG A 618 9.59 23.17 -21.11
CA ARG A 618 10.08 22.53 -22.32
C ARG A 618 9.05 22.47 -23.43
N LYS A 619 7.76 22.63 -23.10
CA LYS A 619 6.70 22.52 -24.09
C LYS A 619 6.22 23.86 -24.63
N ASN A 620 6.33 24.93 -23.84
CA ASN A 620 5.78 26.23 -24.22
C ASN A 620 6.88 27.29 -24.28
N ARG A 621 6.68 28.26 -25.16
CA ARG A 621 7.50 29.47 -25.22
C ARG A 621 6.72 30.69 -24.75
N GLU A 622 5.56 30.93 -25.34
CA GLU A 622 4.62 31.94 -24.85
C GLU A 622 3.48 31.23 -24.14
N LEU A 623 3.28 31.57 -22.86
CA LEU A 623 2.28 30.91 -22.05
C LEU A 623 1.51 31.94 -21.25
N PHE A 624 0.19 31.73 -21.13
CA PHE A 624 -0.69 32.61 -20.37
C PHE A 624 -1.20 31.86 -19.15
N VAL A 625 -0.56 32.09 -18.00
CA VAL A 625 -0.89 31.39 -16.76
C VAL A 625 -2.04 32.12 -16.09
N HIS A 626 -3.15 31.41 -15.90
CA HIS A 626 -4.34 31.96 -15.24
C HIS A 626 -4.42 31.34 -13.84
N GLY A 627 -3.75 31.99 -12.89
CA GLY A 627 -3.74 31.52 -11.53
C GLY A 627 -4.97 31.97 -10.75
N LEU A 628 -5.22 31.29 -9.64
CA LEU A 628 -6.30 31.64 -8.73
C LEU A 628 -5.76 32.35 -7.50
N PRO A 629 -6.59 33.11 -6.80
CA PRO A 629 -6.13 33.76 -5.57
C PRO A 629 -5.66 32.73 -4.54
N GLY A 630 -4.48 32.98 -3.97
CA GLY A 630 -3.92 32.06 -3.00
C GLY A 630 -3.30 30.82 -3.59
N SER A 631 -3.16 30.74 -4.91
CA SER A 631 -2.61 29.56 -5.56
C SER A 631 -1.10 29.63 -5.74
N GLY A 632 -0.45 30.69 -5.24
CA GLY A 632 0.98 30.79 -5.38
C GLY A 632 1.47 31.27 -6.72
N LYS A 633 0.68 32.08 -7.41
CA LYS A 633 1.05 32.54 -8.75
C LYS A 633 2.37 33.29 -8.74
N THR A 634 2.57 34.16 -7.74
CA THR A 634 3.82 34.92 -7.65
C THR A 634 5.00 34.03 -7.27
N ILE A 635 4.75 32.97 -6.50
CA ILE A 635 5.83 32.10 -6.07
C ILE A 635 6.39 31.30 -7.25
N MET A 636 5.52 30.82 -8.13
CA MET A 636 5.99 30.09 -9.30
C MET A 636 6.80 30.99 -10.23
N ALA A 637 6.40 32.26 -10.36
CA ALA A 637 7.15 33.17 -11.22
C ALA A 637 8.60 33.30 -10.77
N MET A 638 8.84 33.36 -9.46
CA MET A 638 10.20 33.38 -8.95
C MET A 638 10.90 32.05 -9.21
N LYS A 639 10.17 30.93 -9.08
CA LYS A 639 10.78 29.61 -9.21
C LYS A 639 11.14 29.29 -10.66
N ILE A 640 10.33 29.73 -11.63
CA ILE A 640 10.61 29.44 -13.03
C ILE A 640 11.93 30.08 -13.45
N MET A 641 12.19 31.30 -13.00
CA MET A 641 13.41 31.99 -13.41
C MET A 641 14.66 31.27 -12.93
N GLU A 642 14.59 30.59 -11.78
CA GLU A 642 15.70 29.73 -11.39
C GLU A 642 15.83 28.55 -12.35
N LYS A 643 14.70 28.00 -12.81
CA LYS A 643 14.74 26.92 -13.79
C LYS A 643 15.11 27.44 -15.18
N ILE A 644 14.62 28.64 -15.55
CA ILE A 644 14.96 29.21 -16.85
C ILE A 644 16.47 29.44 -16.95
N ARG A 645 17.07 29.95 -15.88
CA ARG A 645 18.52 30.21 -15.90
C ARG A 645 19.30 28.92 -16.10
N ASN A 646 18.89 27.84 -15.44
CA ASN A 646 19.59 26.57 -15.58
C ASN A 646 19.32 25.91 -16.93
N VAL A 647 18.05 25.88 -17.36
CA VAL A 647 17.69 25.16 -18.57
C VAL A 647 18.28 25.82 -19.81
N PHE A 648 18.10 27.14 -19.92
CA PHE A 648 18.56 27.87 -21.10
C PHE A 648 20.00 28.35 -20.97
N HIS A 649 20.64 28.14 -19.81
CA HIS A 649 22.04 28.46 -19.58
C HIS A 649 22.36 29.93 -19.81
N CYS A 650 21.39 30.81 -19.63
CA CYS A 650 21.61 32.24 -19.75
C CYS A 650 21.93 32.84 -18.38
N GLU A 651 22.65 33.96 -18.39
CA GLU A 651 22.98 34.63 -17.15
C GLU A 651 21.75 35.35 -16.60
N ALA A 652 21.84 35.75 -15.32
CA ALA A 652 20.67 36.22 -14.59
C ALA A 652 20.09 37.50 -15.19
N HIS A 653 20.94 38.42 -15.64
CA HIS A 653 20.45 39.73 -16.04
C HIS A 653 19.70 39.70 -17.37
N ARG A 654 19.72 38.58 -18.10
CA ARG A 654 18.96 38.47 -19.34
C ARG A 654 17.46 38.32 -19.10
N ILE A 655 17.05 37.76 -17.96
CA ILE A 655 15.64 37.54 -17.65
C ILE A 655 15.08 38.83 -17.07
N LEU A 656 13.92 39.24 -17.58
CA LEU A 656 13.26 40.47 -17.17
C LEU A 656 11.94 40.16 -16.52
N TYR A 657 11.68 40.77 -15.37
CA TYR A 657 10.42 40.63 -14.65
C TYR A 657 9.70 41.97 -14.67
N VAL A 658 8.45 41.96 -15.11
CA VAL A 658 7.65 43.18 -15.25
C VAL A 658 6.42 43.07 -14.36
N CYS A 659 6.19 44.09 -13.54
CA CYS A 659 5.05 44.13 -12.64
C CYS A 659 4.46 45.53 -12.66
N GLU A 660 3.30 45.68 -12.02
CA GLU A 660 2.60 46.94 -11.97
C GLU A 660 2.93 47.78 -10.74
N ASN A 661 3.10 47.15 -9.59
CA ASN A 661 3.31 47.85 -8.32
C ASN A 661 4.80 47.94 -8.00
N GLN A 662 5.21 49.10 -7.49
CA GLN A 662 6.60 49.29 -7.08
C GLN A 662 7.03 48.38 -5.94
N PRO A 663 6.26 48.20 -4.86
CA PRO A 663 6.75 47.38 -3.74
C PRO A 663 7.13 45.96 -4.14
N LEU A 664 6.36 45.33 -5.04
CA LEU A 664 6.69 43.97 -5.44
C LEU A 664 7.97 43.94 -6.27
N ARG A 665 8.22 44.99 -7.05
CA ARG A 665 9.45 45.05 -7.86
C ARG A 665 10.69 45.02 -6.95
N ASN A 666 10.64 45.72 -5.82
CA ASN A 666 11.76 45.70 -4.89
C ASN A 666 12.00 44.31 -4.32
N PHE A 667 10.92 43.56 -4.07
CA PHE A 667 11.07 42.21 -3.51
C PHE A 667 11.84 41.31 -4.47
N ILE A 668 11.51 41.36 -5.76
CA ILE A 668 12.17 40.49 -6.73
C ILE A 668 13.62 40.92 -6.92
N SER A 669 13.88 42.23 -6.95
CA SER A 669 15.24 42.71 -7.15
C SER A 669 16.17 42.31 -6.01
N ASP A 670 15.62 42.12 -4.81
CA ASP A 670 16.45 41.75 -3.66
C ASP A 670 17.02 40.34 -3.79
N ARG A 671 16.32 39.43 -4.46
CA ARG A 671 16.76 38.05 -4.57
C ARG A 671 17.81 37.85 -5.67
N ASN A 672 18.04 38.85 -6.51
CA ASN A 672 19.07 38.81 -7.55
C ASN A 672 18.91 37.60 -8.48
N ILE A 673 17.67 37.26 -8.82
CA ILE A 673 17.42 36.19 -9.77
C ILE A 673 17.19 36.69 -11.19
N CYS A 674 16.93 37.99 -11.36
CA CYS A 674 16.63 38.56 -12.66
C CYS A 674 16.70 40.08 -12.53
N ARG A 675 16.28 40.77 -13.59
CA ARG A 675 16.06 42.20 -13.55
C ARG A 675 14.56 42.47 -13.42
N ALA A 676 14.17 43.10 -12.32
CA ALA A 676 12.77 43.39 -12.04
C ALA A 676 12.50 44.86 -12.30
N GLU A 677 11.52 45.14 -13.16
CA GLU A 677 11.19 46.51 -13.52
C GLU A 677 9.67 46.67 -13.55
N THR A 678 9.24 47.91 -13.38
CA THR A 678 7.83 48.28 -13.44
C THR A 678 7.42 48.42 -14.91
N ARG A 679 6.11 48.38 -15.15
CA ARG A 679 5.60 48.52 -16.51
C ARG A 679 6.06 49.82 -17.15
N LYS A 680 6.03 50.92 -16.38
CA LYS A 680 6.41 52.22 -16.92
C LYS A 680 7.86 52.23 -17.37
N THR A 681 8.76 51.62 -16.58
CA THR A 681 10.16 51.54 -17.00
C THR A 681 10.33 50.60 -18.18
N PHE A 682 9.50 49.56 -18.27
CA PHE A 682 9.58 48.64 -19.40
C PHE A 682 9.24 49.34 -20.71
N LEU A 683 8.21 50.19 -20.71
CA LEU A 683 7.86 50.92 -21.92
C LEU A 683 8.85 52.03 -22.23
N ARG A 684 9.42 52.66 -21.21
CA ARG A 684 10.31 53.79 -21.43
C ARG A 684 11.72 53.34 -21.80
N GLU A 685 12.37 52.59 -20.91
CA GLU A 685 13.73 52.15 -21.14
C GLU A 685 13.78 51.11 -22.26
N ASN A 686 14.89 51.10 -22.99
CA ASN A 686 15.12 50.14 -24.06
C ASN A 686 15.66 48.84 -23.47
N PHE A 687 15.12 47.72 -23.94
CA PHE A 687 15.48 46.39 -23.46
C PHE A 687 15.77 45.46 -24.64
N GLU A 688 16.59 45.92 -25.57
CA GLU A 688 16.97 45.09 -26.71
C GLU A 688 17.88 43.93 -26.31
N HIS A 689 18.50 44.00 -25.14
CA HIS A 689 19.42 42.96 -24.68
C HIS A 689 18.72 41.84 -23.92
N ILE A 690 17.41 41.94 -23.70
CA ILE A 690 16.68 40.97 -22.90
C ILE A 690 16.30 39.78 -23.77
N GLN A 691 16.54 38.57 -23.25
CA GLN A 691 16.22 37.33 -23.94
C GLN A 691 14.85 36.79 -23.55
N HIS A 692 14.63 36.56 -22.26
CA HIS A 692 13.36 36.04 -21.75
C HIS A 692 12.66 37.09 -20.90
N ILE A 693 11.33 37.13 -20.98
CA ILE A 693 10.54 38.10 -20.25
C ILE A 693 9.45 37.36 -19.49
N VAL A 694 9.34 37.64 -18.19
CA VAL A 694 8.29 37.08 -17.34
C VAL A 694 7.46 38.24 -16.81
N ILE A 695 6.15 38.17 -16.98
CA ILE A 695 5.24 39.24 -16.62
C ILE A 695 4.29 38.74 -15.54
N ASP A 696 4.18 39.50 -14.46
CA ASP A 696 3.33 39.14 -13.33
C ASP A 696 2.26 40.20 -13.14
N GLU A 697 1.15 39.79 -12.52
CA GLU A 697 -0.05 40.62 -12.34
C GLU A 697 -0.39 41.41 -13.61
N ALA A 698 -0.39 40.71 -14.74
CA ALA A 698 -0.65 41.36 -16.03
C ALA A 698 -2.05 41.95 -16.10
N GLN A 699 -2.99 41.48 -15.27
CA GLN A 699 -4.33 42.05 -15.29
C GLN A 699 -4.38 43.46 -14.72
N ASN A 700 -3.35 43.88 -13.99
CA ASN A 700 -3.30 45.22 -13.42
C ASN A 700 -2.53 46.21 -14.28
N PHE A 701 -2.06 45.80 -15.45
CA PHE A 701 -1.34 46.70 -16.33
C PHE A 701 -2.30 47.71 -16.95
N ARG A 702 -1.73 48.78 -17.51
CA ARG A 702 -2.51 49.82 -18.15
C ARG A 702 -1.92 50.12 -19.52
N THR A 703 -2.79 50.47 -20.46
CA THR A 703 -2.39 50.66 -21.85
C THR A 703 -2.18 52.13 -22.21
N GLU A 704 -2.57 53.06 -21.34
CA GLU A 704 -2.44 54.48 -21.65
C GLU A 704 -0.99 54.91 -21.81
N ASP A 705 -0.05 54.20 -21.18
CA ASP A 705 1.36 54.56 -21.28
C ASP A 705 2.03 53.98 -22.51
N GLY A 706 1.39 53.04 -23.20
CA GLY A 706 1.96 52.43 -24.38
C GLY A 706 1.43 51.02 -24.56
N ASP A 707 2.01 50.33 -25.54
CA ASP A 707 1.62 48.96 -25.87
C ASP A 707 2.70 48.02 -25.33
N TRP A 708 2.49 47.55 -24.10
CA TRP A 708 3.46 46.67 -23.46
C TRP A 708 3.45 45.26 -24.04
N TYR A 709 2.28 44.75 -24.43
CA TYR A 709 2.18 43.39 -24.92
C TYR A 709 2.96 43.21 -26.22
N GLY A 710 2.85 44.17 -27.14
CA GLY A 710 3.57 44.07 -28.40
C GLY A 710 5.07 44.17 -28.23
N LYS A 711 5.53 45.08 -27.38
CA LYS A 711 6.96 45.25 -27.17
C LYS A 711 7.57 44.01 -26.53
N ALA A 712 6.88 43.41 -25.56
CA ALA A 712 7.37 42.18 -24.95
C ALA A 712 7.43 41.06 -25.97
N LYS A 713 6.43 40.97 -26.85
CA LYS A 713 6.45 39.96 -27.90
C LYS A 713 7.62 40.20 -28.86
N SER A 714 7.85 41.46 -29.24
CA SER A 714 8.90 41.76 -30.20
C SER A 714 10.28 41.41 -29.65
N ILE A 715 10.54 41.72 -28.38
CA ILE A 715 11.85 41.45 -27.81
C ILE A 715 12.10 39.95 -27.71
N THR A 716 11.11 39.18 -27.26
CA THR A 716 11.30 37.75 -27.08
C THR A 716 11.32 37.02 -28.42
N ARG A 717 10.50 37.46 -29.37
CA ARG A 717 10.48 36.81 -30.68
C ARG A 717 11.81 36.99 -31.41
N ARG A 718 12.50 38.10 -31.16
CA ARG A 718 13.77 38.40 -31.82
C ARG A 718 14.98 37.90 -31.03
N ALA A 719 14.80 36.91 -30.15
CA ALA A 719 15.90 36.40 -29.37
C ALA A 719 16.86 35.61 -30.25
N LYS A 720 18.08 35.41 -29.73
CA LYS A 720 19.09 34.68 -30.48
C LYS A 720 18.67 33.22 -30.70
N GLY A 721 18.14 32.58 -29.66
CA GLY A 721 17.69 31.20 -29.78
C GLY A 721 16.25 31.09 -30.22
N GLY A 722 15.93 31.67 -31.37
CA GLY A 722 14.57 31.71 -31.86
C GLY A 722 13.65 32.45 -30.92
N PRO A 723 12.46 31.89 -30.67
CA PRO A 723 11.52 32.53 -29.74
C PRO A 723 11.99 32.37 -28.30
N GLY A 724 12.06 33.48 -27.58
CA GLY A 724 12.40 33.45 -26.18
C GLY A 724 11.20 33.11 -25.31
N ILE A 725 11.47 32.94 -24.02
CA ILE A 725 10.41 32.62 -23.07
C ILE A 725 9.64 33.90 -22.74
N LEU A 726 8.33 33.89 -23.01
CA LEU A 726 7.45 35.01 -22.65
C LEU A 726 6.25 34.41 -21.93
N TRP A 727 6.38 34.23 -20.61
CA TRP A 727 5.32 33.69 -19.78
C TRP A 727 4.61 34.83 -19.07
N ILE A 728 3.29 34.92 -19.25
CA ILE A 728 2.48 36.00 -18.71
C ILE A 728 1.63 35.42 -17.58
N PHE A 729 1.86 35.93 -16.38
CA PHE A 729 1.10 35.51 -15.20
C PHE A 729 0.00 36.53 -14.92
N LEU A 730 -1.22 36.05 -14.75
CA LEU A 730 -2.34 36.94 -14.50
C LEU A 730 -3.41 36.19 -13.72
N ASP A 731 -4.21 36.95 -12.97
CA ASP A 731 -5.35 36.41 -12.25
C ASP A 731 -6.47 37.44 -12.31
N TYR A 732 -7.56 37.09 -12.98
CA TYR A 732 -8.63 38.02 -13.24
C TYR A 732 -9.47 38.35 -12.01
N PHE A 733 -9.32 37.60 -10.91
CA PHE A 733 -10.02 37.93 -9.68
C PHE A 733 -9.43 39.12 -8.95
N GLN A 734 -8.14 39.40 -9.17
CA GLN A 734 -7.45 40.50 -8.50
C GLN A 734 -7.23 41.70 -9.43
N THR A 735 -8.20 41.99 -10.28
CA THR A 735 -8.11 43.16 -11.16
C THR A 735 -8.37 44.42 -10.34
N SER A 736 -7.40 45.34 -10.34
CA SER A 736 -7.46 46.52 -9.48
C SER A 736 -8.08 47.73 -10.18
N HIS A 737 -8.33 47.68 -11.48
CA HIS A 737 -8.90 48.81 -12.19
C HIS A 737 -9.88 48.30 -13.24
N LEU A 738 -10.81 49.18 -13.62
CA LEU A 738 -11.85 48.84 -14.58
C LEU A 738 -11.49 49.24 -16.02
N ASP A 739 -10.28 49.74 -16.24
CA ASP A 739 -9.86 50.14 -17.58
C ASP A 739 -9.31 48.92 -18.33
N CYS A 740 -8.86 49.16 -19.56
CA CYS A 740 -8.31 48.10 -20.38
C CYS A 740 -6.86 47.83 -20.02
N SER A 741 -6.53 46.56 -19.80
CA SER A 741 -5.18 46.18 -19.40
C SER A 741 -4.23 45.99 -20.57
N GLY A 742 -4.73 46.06 -21.80
CA GLY A 742 -3.91 45.85 -22.97
C GLY A 742 -3.67 44.41 -23.33
N LEU A 743 -4.26 43.47 -22.59
CA LEU A 743 -4.09 42.06 -22.89
C LEU A 743 -4.88 41.70 -24.16
N PRO A 744 -4.46 40.66 -24.87
CA PRO A 744 -5.24 40.18 -26.01
C PRO A 744 -6.55 39.56 -25.54
N PRO A 745 -7.54 39.45 -26.41
CA PRO A 745 -8.81 38.83 -26.01
C PRO A 745 -8.61 37.41 -25.48
N LEU A 746 -9.57 36.96 -24.68
CA LEU A 746 -9.45 35.66 -24.02
C LEU A 746 -9.27 34.52 -25.02
N SER A 747 -9.80 34.67 -26.23
CA SER A 747 -9.63 33.65 -27.26
C SER A 747 -8.19 33.51 -27.72
N ASP A 748 -7.43 34.61 -27.70
CA ASP A 748 -6.05 34.60 -28.17
C ASP A 748 -5.04 34.34 -27.06
N GLN A 749 -5.50 34.11 -25.82
CA GLN A 749 -4.61 33.86 -24.70
C GLN A 749 -4.28 32.37 -24.62
N TYR A 750 -3.53 31.91 -25.62
CA TYR A 750 -3.13 30.51 -25.72
C TYR A 750 -1.67 30.40 -26.11
N PRO A 751 -0.98 29.34 -25.69
CA PRO A 751 -1.45 28.26 -24.81
C PRO A 751 -1.66 28.74 -23.37
N ARG A 752 -2.45 28.00 -22.60
CA ARG A 752 -2.88 28.44 -21.29
C ARG A 752 -2.54 27.39 -20.24
N GLU A 753 -2.04 27.84 -19.10
CA GLU A 753 -1.80 26.99 -17.94
C GLU A 753 -2.62 27.52 -16.77
N GLU A 754 -3.14 26.60 -15.96
CA GLU A 754 -4.09 26.96 -14.91
C GLU A 754 -3.55 26.50 -13.57
N LEU A 755 -3.59 27.39 -12.58
CA LEU A 755 -3.25 27.08 -11.19
C LEU A 755 -4.53 27.19 -10.37
N THR A 756 -5.09 26.04 -9.98
CA THR A 756 -6.38 26.00 -9.31
C THR A 756 -6.29 25.67 -7.83
N ARG A 757 -5.17 25.08 -7.39
CA ARG A 757 -5.03 24.67 -5.99
C ARG A 757 -4.58 25.86 -5.15
N ILE A 758 -5.32 26.15 -4.09
CA ILE A 758 -4.96 27.20 -3.15
C ILE A 758 -3.95 26.61 -2.16
N VAL A 759 -2.67 26.99 -2.31
CA VAL A 759 -1.59 26.38 -1.55
C VAL A 759 -0.78 27.41 -0.78
N ARG A 760 -1.31 28.61 -0.57
CA ARG A 760 -0.59 29.64 0.16
C ARG A 760 -1.38 30.23 1.33
N ASN A 761 -2.55 29.70 1.64
CA ASN A 761 -3.36 30.20 2.74
C ASN A 761 -3.86 29.04 3.59
N ALA A 762 -4.09 29.33 4.86
CA ALA A 762 -4.53 28.30 5.80
C ALA A 762 -5.95 27.85 5.47
N ASP A 763 -6.41 26.84 6.21
CA ASP A 763 -7.75 26.29 5.96
C ASP A 763 -8.86 27.31 6.12
N PRO A 764 -8.96 28.08 7.21
CA PRO A 764 -10.05 29.06 7.29
C PRO A 764 -9.89 30.21 6.31
N ILE A 765 -8.65 30.54 5.93
CA ILE A 765 -8.44 31.59 4.93
C ILE A 765 -8.87 31.09 3.55
N ALA A 766 -8.54 29.85 3.22
CA ALA A 766 -8.92 29.30 1.92
C ALA A 766 -10.43 29.21 1.77
N LYS A 767 -11.13 28.80 2.83
CA LYS A 767 -12.59 28.73 2.77
C LYS A 767 -13.20 30.11 2.57
N TYR A 768 -12.58 31.14 3.16
CA TYR A 768 -13.05 32.50 2.94
C TYR A 768 -12.87 32.92 1.49
N LEU A 769 -11.74 32.54 0.88
CA LEU A 769 -11.51 32.91 -0.52
C LEU A 769 -12.52 32.24 -1.45
N GLN A 770 -12.72 30.94 -1.29
CA GLN A 770 -13.64 30.22 -2.17
C GLN A 770 -15.07 30.75 -2.03
N LYS A 771 -15.48 31.05 -0.81
CA LYS A 771 -16.80 31.66 -0.60
C LYS A 771 -16.88 33.03 -1.26
N GLU A 772 -15.81 33.83 -1.17
CA GLU A 772 -15.81 35.15 -1.79
C GLU A 772 -15.69 35.06 -3.30
N MET A 773 -15.02 34.03 -3.82
CA MET A 773 -14.93 33.86 -5.28
C MET A 773 -16.31 33.62 -5.90
N GLN A 774 -17.21 32.97 -5.16
CA GLN A 774 -18.55 32.75 -5.68
C GLN A 774 -19.30 34.06 -5.88
N VAL A 775 -19.09 35.04 -5.02
CA VAL A 775 -19.73 36.34 -5.19
C VAL A 775 -19.20 37.04 -6.42
N ILE A 776 -17.89 36.91 -6.69
CA ILE A 776 -17.29 37.54 -7.86
C ILE A 776 -17.90 36.97 -9.14
N ARG A 777 -18.08 35.66 -9.20
CA ARG A 777 -18.63 35.04 -10.40
C ARG A 777 -20.06 35.51 -10.66
N SER A 778 -20.86 35.65 -9.61
CA SER A 778 -22.24 36.08 -9.77
C SER A 778 -22.37 37.51 -10.27
N ASN A 779 -21.39 38.37 -10.00
CA ASN A 779 -21.42 39.76 -10.44
C ASN A 779 -20.10 40.12 -11.09
N PRO A 780 -19.86 39.62 -12.32
CA PRO A 780 -18.61 39.94 -13.01
C PRO A 780 -18.56 41.40 -13.42
N SER A 781 -17.34 41.93 -13.50
CA SER A 781 -17.15 43.30 -13.96
C SER A 781 -17.34 43.38 -15.47
N PHE A 782 -17.69 44.58 -15.95
CA PHE A 782 -17.97 44.75 -17.36
C PHE A 782 -16.70 44.69 -18.21
N ASN A 783 -15.59 45.21 -17.70
CA ASN A 783 -14.35 45.16 -18.47
C ASN A 783 -13.73 43.76 -18.46
N ILE A 784 -13.99 42.99 -17.41
CA ILE A 784 -13.43 41.64 -17.30
C ILE A 784 -14.07 40.75 -18.35
N PRO A 785 -13.29 39.91 -19.04
CA PRO A 785 -13.88 39.01 -20.04
C PRO A 785 -14.90 38.07 -19.43
N THR A 786 -15.89 37.69 -20.24
CA THR A 786 -17.02 36.91 -19.74
C THR A 786 -16.60 35.52 -19.28
N GLY A 787 -15.87 34.79 -20.12
CA GLY A 787 -15.56 33.41 -19.85
C GLY A 787 -14.33 33.15 -19.00
N CYS A 788 -13.60 34.18 -18.59
CA CYS A 788 -12.38 33.96 -17.81
C CYS A 788 -12.71 33.63 -16.37
N LEU A 789 -13.77 34.24 -15.81
CA LEU A 789 -14.13 34.02 -14.41
C LEU A 789 -14.82 32.69 -14.16
N GLU A 790 -14.94 31.83 -15.17
CA GLU A 790 -15.55 30.52 -15.00
C GLU A 790 -14.57 29.49 -14.44
N VAL A 791 -13.43 29.92 -13.89
CA VAL A 791 -12.44 29.01 -13.35
C VAL A 791 -12.88 28.59 -11.95
N PHE A 792 -12.82 27.29 -11.67
CA PHE A 792 -13.14 26.77 -10.36
C PHE A 792 -11.92 26.11 -9.73
N PRO A 793 -11.77 26.18 -8.41
CA PRO A 793 -10.66 25.49 -7.75
C PRO A 793 -10.85 23.99 -7.78
N GLU A 794 -9.92 23.28 -7.14
CA GLU A 794 -10.00 21.84 -7.05
C GLU A 794 -11.27 21.42 -6.32
N ALA A 795 -11.86 20.30 -6.75
CA ALA A 795 -13.13 19.87 -6.19
C ALA A 795 -13.03 19.62 -4.69
N GLU A 796 -12.02 18.87 -4.25
CA GLU A 796 -11.81 18.58 -2.84
C GLU A 796 -10.31 18.76 -2.55
N TRP A 797 -9.92 19.97 -2.17
CA TRP A 797 -8.54 20.28 -1.83
C TRP A 797 -8.50 20.96 -0.47
N SER A 798 -7.70 20.41 0.44
CA SER A 798 -7.52 20.97 1.77
C SER A 798 -6.03 21.13 2.05
N GLN A 799 -5.66 22.29 2.58
CA GLN A 799 -4.26 22.57 2.86
C GLN A 799 -3.75 21.81 4.07
N GLY A 800 -4.65 21.35 4.95
CA GLY A 800 -4.24 20.64 6.13
C GLY A 800 -3.55 21.49 7.17
N VAL A 801 -3.58 22.81 7.01
CA VAL A 801 -2.98 23.75 7.96
C VAL A 801 -4.08 24.63 8.51
N GLN A 802 -4.19 24.67 9.84
CA GLN A 802 -5.21 25.47 10.49
C GLN A 802 -4.71 26.89 10.73
N GLY A 803 -5.63 27.83 10.67
CA GLY A 803 -5.29 29.23 10.86
C GLY A 803 -6.31 29.97 11.70
N THR A 804 -6.43 31.28 11.49
CA THR A 804 -7.36 32.10 12.24
C THR A 804 -7.97 33.15 11.33
N LEU A 805 -9.28 33.34 11.44
CA LEU A 805 -9.98 34.37 10.68
C LEU A 805 -11.10 34.91 11.54
N ARG A 806 -10.95 36.16 12.00
CA ARG A 806 -11.93 36.79 12.85
C ARG A 806 -12.39 38.11 12.22
N ILE A 807 -13.70 38.32 12.23
CA ILE A 807 -14.31 39.53 11.70
C ILE A 807 -14.90 40.30 12.86
N LYS A 808 -14.43 41.53 13.06
CA LYS A 808 -14.91 42.41 14.12
C LYS A 808 -15.41 43.69 13.47
N LYS A 809 -16.68 44.00 13.67
CA LYS A 809 -17.32 45.15 13.04
C LYS A 809 -17.98 46.03 14.09
N TYR A 810 -18.39 47.23 13.66
CA TYR A 810 -18.96 48.26 14.51
C TYR A 810 -17.97 48.79 15.55
N LEU A 811 -16.68 48.76 15.23
CA LEU A 811 -15.65 49.35 16.07
C LEU A 811 -15.19 50.68 15.48
N THR A 812 -15.00 51.67 16.35
CA THR A 812 -14.51 52.96 15.92
C THR A 812 -13.01 52.88 15.61
N VAL A 813 -12.49 53.96 15.00
CA VAL A 813 -11.09 53.98 14.59
C VAL A 813 -10.17 53.80 15.80
N GLU A 814 -10.47 54.49 16.89
CA GLU A 814 -9.69 54.30 18.11
C GLU A 814 -9.87 52.89 18.67
N GLN A 815 -11.11 52.37 18.60
CA GLN A 815 -11.38 51.03 19.14
C GLN A 815 -10.69 49.95 18.31
N ILE A 816 -10.68 50.11 16.98
CA ILE A 816 -9.97 49.16 16.12
C ILE A 816 -8.49 49.17 16.44
N MET A 817 -7.91 50.36 16.62
CA MET A 817 -6.46 50.47 16.72
C MET A 817 -5.92 49.80 17.98
N THR A 818 -6.69 49.82 19.08
CA THR A 818 -6.25 49.14 20.29
C THR A 818 -6.25 47.62 20.09
N CYS A 819 -7.24 47.10 19.36
CA CYS A 819 -7.29 45.66 19.11
C CYS A 819 -6.09 45.20 18.30
N VAL A 820 -5.68 46.00 17.30
CA VAL A 820 -4.48 45.66 16.53
C VAL A 820 -3.25 45.69 17.42
N ALA A 821 -3.13 46.71 18.27
CA ALA A 821 -1.98 46.81 19.16
C ALA A 821 -1.98 45.69 20.20
N ASP A 822 -3.15 45.39 20.77
CA ASP A 822 -3.24 44.32 21.76
C ASP A 822 -2.91 42.96 21.14
N THR A 823 -3.44 42.69 19.94
CA THR A 823 -3.17 41.42 19.28
C THR A 823 -1.69 41.29 18.93
N CYS A 824 -1.08 42.37 18.44
CA CYS A 824 0.35 42.33 18.12
C CYS A 824 1.18 42.07 19.36
N ARG A 825 0.85 42.72 20.48
CA ARG A 825 1.58 42.48 21.71
C ARG A 825 1.41 41.05 22.19
N ARG A 826 0.20 40.51 22.08
CA ARG A 826 -0.03 39.12 22.46
C ARG A 826 0.80 38.17 21.60
N PHE A 827 0.89 38.44 20.29
CA PHE A 827 1.72 37.63 19.43
C PHE A 827 3.20 37.81 19.75
N PHE A 828 3.63 39.05 19.97
CA PHE A 828 5.04 39.30 20.27
C PHE A 828 5.42 38.76 21.64
N ASP A 829 4.48 38.76 22.59
CA ASP A 829 4.75 38.17 23.89
C ASP A 829 5.03 36.68 23.77
N ARG A 830 4.26 35.98 22.93
CA ARG A 830 4.46 34.55 22.74
C ARG A 830 5.75 34.23 22.01
N GLY A 831 6.38 35.21 21.37
CA GLY A 831 7.65 35.01 20.70
C GLY A 831 7.64 35.23 19.20
N TYR A 832 6.53 35.66 18.60
CA TYR A 832 6.52 35.93 17.17
C TYR A 832 7.41 37.12 16.83
N SER A 833 7.92 37.12 15.62
CA SER A 833 8.74 38.25 15.22
C SER A 833 7.87 39.38 14.67
N PRO A 834 8.29 40.63 14.84
CA PRO A 834 7.50 41.75 14.30
C PRO A 834 7.37 41.74 12.78
N LYS A 835 8.27 41.05 12.08
CA LYS A 835 8.21 40.99 10.61
C LYS A 835 7.12 40.06 10.10
N ASP A 836 6.26 39.52 10.96
CA ASP A 836 5.18 38.64 10.54
C ASP A 836 3.83 39.34 10.52
N VAL A 837 3.79 40.64 10.80
CA VAL A 837 2.54 41.39 10.90
C VAL A 837 2.49 42.44 9.80
N ALA A 838 1.37 42.47 9.08
CA ALA A 838 1.13 43.49 8.06
C ALA A 838 -0.24 44.10 8.31
N VAL A 839 -0.32 45.42 8.22
CA VAL A 839 -1.58 46.14 8.40
C VAL A 839 -1.91 46.79 7.07
N LEU A 840 -3.09 46.48 6.54
CA LEU A 840 -3.50 46.90 5.21
C LEU A 840 -4.75 47.76 5.29
N VAL A 841 -4.74 48.90 4.63
CA VAL A 841 -5.88 49.82 4.62
C VAL A 841 -6.47 49.87 3.21
N SER A 842 -7.60 50.56 3.07
CA SER A 842 -8.32 50.57 1.80
C SER A 842 -7.53 51.32 0.72
N THR A 843 -7.09 52.53 1.02
CA THR A 843 -6.48 53.41 0.03
C THR A 843 -5.15 53.93 0.53
N ALA A 844 -4.25 54.22 -0.42
CA ALA A 844 -2.93 54.74 -0.07
C ALA A 844 -2.98 56.15 0.50
N LYS A 845 -4.08 56.88 0.28
CA LYS A 845 -4.18 58.23 0.83
C LYS A 845 -4.42 58.21 2.33
N GLU A 846 -5.00 57.13 2.85
CA GLU A 846 -5.26 56.99 4.28
C GLU A 846 -4.14 56.30 5.03
N VAL A 847 -3.05 55.93 4.35
CA VAL A 847 -1.93 55.25 5.02
C VAL A 847 -1.31 56.16 6.07
N GLU A 848 -1.08 57.43 5.72
CA GLU A 848 -0.45 58.36 6.65
C GLU A 848 -1.35 58.65 7.85
N HIS A 849 -2.66 58.73 7.64
CA HIS A 849 -3.58 59.01 8.74
C HIS A 849 -3.63 57.85 9.73
N TYR A 850 -3.68 56.62 9.22
CA TYR A 850 -3.74 55.45 10.10
C TYR A 850 -2.39 55.18 10.77
N LYS A 851 -1.29 55.61 10.15
CA LYS A 851 0.02 55.36 10.74
C LYS A 851 0.18 56.11 12.07
N TYR A 852 -0.22 57.37 12.10
CA TYR A 852 -0.16 58.14 13.34
C TYR A 852 -1.08 57.54 14.40
N GLU A 853 -2.27 57.10 13.99
CA GLU A 853 -3.20 56.47 14.93
C GLU A 853 -2.65 55.15 15.45
N LEU A 854 -1.97 54.38 14.60
CA LEU A 854 -1.41 53.11 15.04
C LEU A 854 -0.29 53.33 16.06
N LEU A 855 0.57 54.30 15.82
CA LEU A 855 1.63 54.60 16.79
C LEU A 855 1.07 55.12 18.10
N LYS A 856 -0.06 55.83 18.06
CA LYS A 856 -0.65 56.38 19.27
C LYS A 856 -1.08 55.25 20.21
N ALA A 857 -1.66 54.19 19.67
CA ALA A 857 -2.10 53.06 20.49
C ALA A 857 -1.00 52.04 20.73
N MET A 858 0.00 51.96 19.85
CA MET A 858 1.05 50.98 19.98
C MET A 858 2.26 51.49 20.77
N ARG A 859 2.34 52.80 21.03
CA ARG A 859 3.41 53.33 21.85
C ARG A 859 3.40 52.73 23.25
N LYS A 860 2.21 52.35 23.75
CA LYS A 860 2.10 51.68 25.03
C LYS A 860 2.67 50.26 24.99
N LYS A 861 2.97 49.74 23.80
CA LYS A 861 3.45 48.37 23.64
C LYS A 861 4.94 48.31 23.30
N ARG A 862 5.69 49.37 23.59
CA ARG A 862 7.15 49.36 23.55
C ARG A 862 7.71 49.28 22.13
N VAL A 863 6.86 49.42 21.10
CA VAL A 863 7.30 49.50 19.71
C VAL A 863 6.59 50.67 19.05
N VAL A 864 7.38 51.53 18.39
CA VAL A 864 6.85 52.78 17.84
C VAL A 864 7.30 52.91 16.38
N GLN A 865 7.86 51.85 15.82
CA GLN A 865 8.48 51.93 14.50
C GLN A 865 7.73 51.04 13.52
N LEU A 866 7.41 51.59 12.35
CA LEU A 866 6.76 50.87 11.28
C LEU A 866 7.57 51.02 10.00
N SER A 867 7.34 50.10 9.06
CA SER A 867 8.00 50.13 7.77
C SER A 867 6.95 50.18 6.66
N ASP A 868 7.35 50.69 5.51
CA ASP A 868 6.48 50.78 4.35
C ASP A 868 6.54 49.48 3.54
N ALA A 869 5.60 49.33 2.61
CA ALA A 869 5.55 48.13 1.79
C ALA A 869 6.78 48.00 0.90
N CYS A 870 7.46 49.12 0.62
CA CYS A 870 8.66 49.08 -0.19
C CYS A 870 9.82 48.35 0.50
N ASP A 871 9.80 48.27 1.83
CA ASP A 871 10.84 47.58 2.59
C ASP A 871 10.20 46.41 3.32
N MET A 872 10.43 45.20 2.83
CA MET A 872 9.87 43.99 3.44
C MET A 872 10.88 43.24 4.30
N LEU A 873 12.17 43.39 4.05
CA LEU A 873 13.20 42.70 4.82
C LEU A 873 13.37 43.27 6.22
N GLY A 874 12.98 44.52 6.45
CA GLY A 874 13.11 45.11 7.77
C GLY A 874 12.25 44.42 8.81
N ASP A 875 12.78 44.34 10.03
CA ASP A 875 12.08 43.69 11.13
C ASP A 875 11.15 44.71 11.77
N HIS A 876 10.11 45.07 11.01
CA HIS A 876 9.12 46.04 11.45
C HIS A 876 7.76 45.67 10.90
N ILE A 877 6.72 46.18 11.55
CA ILE A 877 5.36 45.95 11.09
C ILE A 877 5.11 46.79 9.85
N VAL A 878 4.61 46.15 8.79
CA VAL A 878 4.37 46.79 7.51
C VAL A 878 2.96 47.35 7.49
N LEU A 879 2.83 48.66 7.24
CA LEU A 879 1.54 49.32 7.14
C LEU A 879 1.49 50.06 5.81
N ASP A 880 0.60 49.64 4.93
CA ASP A 880 0.48 50.20 3.59
C ASP A 880 -0.86 49.75 3.01
N SER A 881 -1.21 50.28 1.85
CA SER A 881 -2.51 50.01 1.23
C SER A 881 -2.53 48.61 0.61
N VAL A 882 -3.75 48.12 0.38
CA VAL A 882 -3.93 46.78 -0.18
C VAL A 882 -3.41 46.71 -1.61
N ARG A 883 -3.75 47.72 -2.43
CA ARG A 883 -3.38 47.67 -3.84
C ARG A 883 -1.87 47.67 -4.01
N ARG A 884 -1.17 48.49 -3.22
CA ARG A 884 0.29 48.53 -3.27
C ARG A 884 0.94 47.31 -2.60
N PHE A 885 0.16 46.50 -1.89
CA PHE A 885 0.65 45.28 -1.27
C PHE A 885 0.42 44.05 -2.13
N SER A 886 -0.06 44.22 -3.36
CA SER A 886 -0.30 43.08 -4.23
C SER A 886 1.01 42.39 -4.59
N GLY A 887 0.98 41.07 -4.57
CA GLY A 887 2.15 40.26 -4.86
C GLY A 887 2.97 39.86 -3.65
N LEU A 888 2.71 40.44 -2.48
CA LEU A 888 3.42 40.10 -1.27
C LEU A 888 2.51 39.29 -0.35
N GLU A 889 3.12 38.64 0.64
CA GLU A 889 2.38 37.81 1.57
C GLU A 889 3.01 37.92 2.96
N ARG A 890 2.15 37.93 3.97
CA ARG A 890 2.57 38.03 5.36
C ARG A 890 1.79 37.02 6.19
N SER A 891 2.39 36.61 7.31
CA SER A 891 1.77 35.60 8.15
C SER A 891 0.51 36.12 8.84
N ILE A 892 0.58 37.31 9.41
CA ILE A 892 -0.55 37.93 10.08
C ILE A 892 -0.88 39.22 9.35
N VAL A 893 -2.15 39.38 8.96
CA VAL A 893 -2.61 40.53 8.20
C VAL A 893 -3.84 41.10 8.88
N PHE A 894 -3.81 42.42 9.13
CA PHE A 894 -4.95 43.14 9.67
C PHE A 894 -5.52 44.04 8.58
N GLY A 895 -6.78 43.80 8.20
CA GLY A 895 -7.47 44.62 7.23
C GLY A 895 -8.38 45.60 7.91
N ILE A 896 -8.11 46.89 7.71
CA ILE A 896 -8.85 47.97 8.35
C ILE A 896 -9.69 48.66 7.29
N HIS A 897 -11.02 48.56 7.44
CA HIS A 897 -12.00 49.26 6.61
C HIS A 897 -11.74 49.05 5.12
N PRO A 898 -12.00 47.85 4.58
CA PRO A 898 -11.87 47.66 3.12
C PRO A 898 -12.89 48.52 2.38
N ARG A 899 -12.39 49.39 1.51
CA ARG A 899 -13.22 50.38 0.84
C ARG A 899 -12.62 50.72 -0.52
N THR A 900 -13.48 51.14 -1.43
CA THR A 900 -13.05 51.56 -2.76
C THR A 900 -14.05 52.56 -3.31
N ALA A 901 -13.63 53.26 -4.36
CA ALA A 901 -14.47 54.32 -4.93
C ALA A 901 -15.69 53.78 -5.66
N ASP A 902 -15.63 52.56 -6.19
CA ASP A 902 -16.73 51.98 -6.95
C ASP A 902 -17.22 50.72 -6.25
N PRO A 903 -18.49 50.62 -5.89
CA PRO A 903 -18.98 49.41 -5.22
C PRO A 903 -18.84 48.15 -6.05
N ALA A 904 -18.68 48.25 -7.36
CA ALA A 904 -18.42 47.07 -8.18
C ALA A 904 -17.11 46.40 -7.78
N ILE A 905 -16.08 47.20 -7.49
CA ILE A 905 -14.79 46.66 -7.06
C ILE A 905 -14.80 46.27 -5.58
N LEU A 906 -15.83 46.68 -4.84
CA LEU A 906 -15.88 46.37 -3.41
C LEU A 906 -15.76 44.87 -3.10
N PRO A 907 -16.42 43.96 -3.82
CA PRO A 907 -16.13 42.54 -3.59
C PRO A 907 -14.72 42.13 -3.95
N ASN A 908 -14.00 42.93 -4.74
CA ASN A 908 -12.67 42.53 -5.18
C ASN A 908 -11.58 42.94 -4.19
N VAL A 909 -11.83 43.96 -3.36
CA VAL A 909 -10.80 44.37 -2.41
C VAL A 909 -10.63 43.33 -1.32
N LEU A 910 -11.72 42.67 -0.92
CA LEU A 910 -11.62 41.64 0.13
C LEU A 910 -10.79 40.45 -0.33
N ILE A 911 -11.01 39.98 -1.56
CA ILE A 911 -10.28 38.82 -2.05
C ILE A 911 -8.81 39.16 -2.27
N CYS A 912 -8.54 40.40 -2.69
CA CYS A 912 -7.15 40.86 -2.75
C CYS A 912 -6.54 41.06 -1.38
N LEU A 913 -7.36 41.11 -0.33
CA LEU A 913 -6.89 41.30 1.03
C LEU A 913 -6.67 39.96 1.74
N ALA A 914 -7.66 39.08 1.70
CA ALA A 914 -7.55 37.79 2.38
C ALA A 914 -6.44 36.94 1.78
N SER A 915 -6.13 37.11 0.50
CA SER A 915 -5.08 36.34 -0.13
C SER A 915 -3.68 36.74 0.33
N ARG A 916 -3.55 37.84 1.08
CA ARG A 916 -2.26 38.29 1.57
C ARG A 916 -1.89 37.67 2.92
N ALA A 917 -2.82 36.98 3.57
CA ALA A 917 -2.59 36.39 4.89
C ALA A 917 -2.40 34.89 4.74
N LYS A 918 -1.30 34.38 5.28
CA LYS A 918 -1.02 32.95 5.21
C LYS A 918 -1.71 32.16 6.32
N GLN A 919 -1.67 32.64 7.55
CA GLN A 919 -2.24 31.88 8.66
C GLN A 919 -3.28 32.65 9.46
N HIS A 920 -3.04 33.93 9.72
CA HIS A 920 -3.93 34.72 10.57
C HIS A 920 -4.43 35.92 9.79
N LEU A 921 -5.71 36.23 9.92
CA LEU A 921 -6.33 37.36 9.24
C LEU A 921 -7.40 37.95 10.14
N TYR A 922 -7.36 39.27 10.33
CA TYR A 922 -8.35 39.99 11.12
C TYR A 922 -8.87 41.15 10.29
N ILE A 923 -10.16 41.14 9.99
CA ILE A 923 -10.80 42.13 9.14
C ILE A 923 -11.71 43.00 9.98
N PHE A 924 -11.62 44.32 9.79
CA PHE A 924 -12.43 45.29 10.51
C PHE A 924 -13.20 46.10 9.47
N PRO A 925 -14.35 45.59 9.02
CA PRO A 925 -15.08 46.26 7.95
C PRO A 925 -15.77 47.54 8.43
N TRP A 926 -16.27 48.30 7.46
CA TRP A 926 -16.99 49.53 7.76
C TRP A 926 -18.27 49.23 8.54
N GLY A 927 -18.61 50.13 9.45
CA GLY A 927 -19.80 49.97 10.25
C GLY A 927 -21.08 50.24 9.48
N PRO B 35 9.34 -43.38 2.42
CA PRO B 35 9.02 -41.96 2.30
C PRO B 35 7.72 -41.70 1.56
N LEU B 36 7.21 -40.47 1.65
CA LEU B 36 5.98 -40.08 0.99
C LEU B 36 6.25 -39.73 -0.46
N VAL B 37 5.48 -40.32 -1.37
CA VAL B 37 5.59 -40.05 -2.80
C VAL B 37 4.20 -39.77 -3.36
N VAL B 38 4.12 -38.79 -4.24
CA VAL B 38 2.85 -38.46 -4.89
C VAL B 38 2.58 -39.47 -5.99
N GLU B 39 1.33 -39.92 -6.08
CA GLU B 39 0.97 -40.90 -7.10
C GLU B 39 0.46 -40.21 -8.35
N PRO B 40 1.10 -40.43 -9.51
CA PRO B 40 0.76 -39.67 -10.71
C PRO B 40 -0.37 -40.28 -11.53
N SER B 41 -1.55 -40.40 -10.95
CA SER B 41 -2.72 -40.91 -11.64
C SER B 41 -3.93 -39.99 -11.51
N TYR B 42 -3.74 -38.79 -10.93
CA TYR B 42 -4.84 -37.88 -10.67
C TYR B 42 -4.46 -36.50 -11.17
N PRO B 43 -5.44 -35.64 -11.47
CA PRO B 43 -5.11 -34.26 -11.85
C PRO B 43 -4.93 -33.37 -10.63
N ASP B 44 -4.10 -33.82 -9.68
CA ASP B 44 -3.86 -33.10 -8.44
C ASP B 44 -2.65 -33.73 -7.76
N LEU B 45 -2.22 -33.12 -6.66
CA LEU B 45 -1.13 -33.65 -5.85
C LEU B 45 -1.73 -34.54 -4.77
N VAL B 46 -1.74 -35.85 -5.02
CA VAL B 46 -2.33 -36.81 -4.09
C VAL B 46 -1.18 -37.53 -3.38
N ILE B 47 -1.18 -37.46 -2.05
CA ILE B 47 -0.17 -38.11 -1.23
C ILE B 47 -0.85 -39.20 -0.42
N ASN B 48 -0.33 -40.42 -0.54
CA ASN B 48 -0.82 -41.57 0.21
C ASN B 48 0.10 -41.80 1.40
N VAL B 49 -0.44 -41.67 2.61
CA VAL B 49 0.35 -41.83 3.83
C VAL B 49 0.22 -43.21 4.43
N GLY B 50 -0.60 -44.08 3.85
CA GLY B 50 -0.74 -45.43 4.36
C GLY B 50 -1.87 -45.54 5.37
N GLU B 51 -1.74 -46.53 6.26
CA GLU B 51 -2.76 -46.76 7.27
C GLU B 51 -2.58 -45.80 8.43
N VAL B 52 -3.66 -45.11 8.79
CA VAL B 52 -3.65 -44.13 9.88
C VAL B 52 -4.84 -44.39 10.78
N THR B 53 -4.59 -44.47 12.08
CA THR B 53 -5.67 -44.65 13.05
C THR B 53 -6.41 -43.33 13.24
N LEU B 54 -7.74 -43.38 13.15
CA LEU B 54 -8.56 -42.19 13.24
C LEU B 54 -9.60 -42.36 14.35
N GLY B 55 -10.03 -41.23 14.90
CA GLY B 55 -10.96 -41.25 16.02
C GLY B 55 -10.25 -41.10 17.35
N GLU B 56 -10.71 -40.18 18.19
CA GLU B 56 -10.04 -39.92 19.45
C GLU B 56 -10.07 -41.15 20.36
N GLU B 57 -11.21 -41.84 20.40
CA GLU B 57 -11.29 -43.06 21.21
C GLU B 57 -10.32 -44.13 20.71
N ASN B 58 -10.14 -44.25 19.40
CA ASN B 58 -9.18 -45.20 18.88
C ASN B 58 -7.76 -44.70 19.06
N ARG B 59 -7.53 -43.40 18.87
CA ARG B 59 -6.18 -42.84 18.95
C ARG B 59 -5.63 -42.78 20.36
N LYS B 60 -6.50 -42.80 21.38
CA LYS B 60 -6.02 -42.78 22.75
C LYS B 60 -5.33 -44.09 23.12
N LYS B 61 -5.76 -45.21 22.50
CA LYS B 61 -5.27 -46.52 22.89
C LYS B 61 -3.86 -46.80 22.37
N LEU B 62 -3.41 -46.10 21.34
CA LEU B 62 -2.09 -46.35 20.78
C LEU B 62 -1.00 -45.85 21.71
N GLN B 63 0.18 -46.45 21.58
CA GLN B 63 1.35 -46.00 22.31
C GLN B 63 1.82 -44.65 21.75
N LYS B 64 2.51 -43.88 22.60
CA LYS B 64 2.91 -42.52 22.23
C LYS B 64 3.79 -42.52 20.99
N ILE B 65 4.68 -43.51 20.85
CA ILE B 65 5.61 -43.52 19.73
C ILE B 65 4.88 -43.70 18.41
N GLN B 66 3.98 -44.69 18.35
CA GLN B 66 3.24 -44.96 17.12
C GLN B 66 2.31 -43.80 16.77
N ARG B 67 1.63 -43.26 17.78
CA ARG B 67 0.75 -42.11 17.55
C ARG B 67 1.53 -40.92 17.02
N ASP B 68 2.71 -40.66 17.60
CA ASP B 68 3.55 -39.56 17.15
C ASP B 68 4.03 -39.79 15.72
N GLN B 69 4.39 -41.04 15.39
CA GLN B 69 4.82 -41.33 14.02
C GLN B 69 3.70 -41.09 13.02
N GLU B 70 2.49 -41.57 13.32
CA GLU B 70 1.36 -41.35 12.42
C GLU B 70 1.05 -39.86 12.27
N LYS B 71 1.03 -39.14 13.39
CA LYS B 71 0.74 -37.71 13.35
C LYS B 71 1.81 -36.97 12.55
N GLU B 72 3.07 -37.34 12.72
CA GLU B 72 4.15 -36.63 12.03
C GLU B 72 4.12 -36.93 10.53
N ARG B 73 3.73 -38.15 10.14
CA ARG B 73 3.56 -38.46 8.72
C ARG B 73 2.43 -37.63 8.12
N VAL B 74 1.30 -37.55 8.83
CA VAL B 74 0.16 -36.78 8.33
C VAL B 74 0.54 -35.31 8.21
N MET B 75 1.26 -34.79 9.19
CA MET B 75 1.68 -33.38 9.13
C MET B 75 2.72 -33.15 8.04
N ARG B 76 3.59 -34.12 7.77
CA ARG B 76 4.50 -33.99 6.63
C ARG B 76 3.70 -33.86 5.34
N ALA B 77 2.70 -34.71 5.15
CA ALA B 77 1.89 -34.63 3.94
C ALA B 77 1.15 -33.30 3.85
N ALA B 78 0.56 -32.86 4.97
CA ALA B 78 -0.19 -31.61 4.97
C ALA B 78 0.70 -30.42 4.69
N CYS B 79 1.90 -30.39 5.29
CA CYS B 79 2.85 -29.31 5.04
C CYS B 79 3.31 -29.31 3.59
N ALA B 80 3.58 -30.49 3.03
CA ALA B 80 3.99 -30.57 1.63
C ALA B 80 2.91 -30.04 0.71
N LEU B 81 1.65 -30.38 0.98
CA LEU B 81 0.57 -29.91 0.11
C LEU B 81 0.27 -28.43 0.34
N LEU B 82 0.51 -27.92 1.55
CA LEU B 82 0.33 -26.49 1.80
C LEU B 82 1.39 -25.68 1.07
N ASN B 83 2.63 -26.16 1.04
CA ASN B 83 3.71 -25.44 0.39
C ASN B 83 3.85 -25.76 -1.09
N SER B 84 3.11 -26.74 -1.61
CA SER B 84 3.25 -27.17 -2.99
C SER B 84 2.05 -26.80 -3.86
N GLY B 85 1.12 -26.00 -3.35
CA GLY B 85 -0.01 -25.55 -4.13
C GLY B 85 -1.32 -26.27 -3.90
N GLY B 86 -1.39 -27.17 -2.92
CA GLY B 86 -2.62 -27.87 -2.61
C GLY B 86 -2.64 -29.28 -3.15
N GLY B 87 -3.62 -30.04 -2.70
CA GLY B 87 -3.76 -31.42 -3.12
C GLY B 87 -4.68 -32.18 -2.19
N VAL B 88 -4.52 -33.51 -2.18
CA VAL B 88 -5.34 -34.41 -1.39
C VAL B 88 -4.43 -35.34 -0.61
N ILE B 89 -4.78 -35.59 0.65
CA ILE B 89 -4.09 -36.57 1.48
C ILE B 89 -4.97 -37.80 1.60
N ARG B 90 -4.50 -38.92 1.08
CA ARG B 90 -5.24 -40.18 1.12
C ARG B 90 -4.69 -41.08 2.21
N MET B 91 -5.55 -41.46 3.15
CA MET B 91 -5.18 -42.41 4.20
C MET B 91 -6.26 -43.48 4.30
N ALA B 92 -5.82 -44.72 4.47
CA ALA B 92 -6.72 -45.86 4.57
C ALA B 92 -6.97 -46.15 6.05
N LYS B 93 -8.20 -45.92 6.50
CA LYS B 93 -8.57 -46.16 7.89
C LYS B 93 -8.88 -47.63 8.12
N LYS B 94 -8.85 -48.04 9.38
CA LYS B 94 -9.02 -49.43 9.76
C LYS B 94 -10.46 -49.79 10.07
N VAL B 95 -11.40 -48.86 9.93
CA VAL B 95 -12.80 -49.08 10.26
C VAL B 95 -13.67 -48.66 9.08
N GLU B 96 -14.90 -49.17 9.08
CA GLU B 96 -15.84 -48.88 8.01
C GLU B 96 -16.77 -47.71 8.33
N HIS B 97 -17.25 -47.63 9.57
CA HIS B 97 -18.17 -46.56 9.95
C HIS B 97 -17.44 -45.22 9.96
N PRO B 98 -18.17 -44.13 9.69
CA PRO B 98 -17.53 -42.80 9.72
C PRO B 98 -16.96 -42.49 11.09
N VAL B 99 -15.77 -41.86 11.08
CA VAL B 99 -15.07 -41.50 12.30
C VAL B 99 -14.52 -40.08 12.17
N GLU B 100 -14.26 -39.47 13.32
CA GLU B 100 -13.60 -38.17 13.35
C GLU B 100 -12.10 -38.34 13.20
N MET B 101 -11.43 -37.24 12.84
CA MET B 101 -10.00 -37.31 12.54
C MET B 101 -9.15 -37.43 13.81
N GLY B 102 -9.57 -36.80 14.90
CA GLY B 102 -8.84 -36.90 16.14
C GLY B 102 -8.36 -35.57 16.68
N LEU B 103 -8.37 -35.43 18.01
CA LEU B 103 -8.04 -34.15 18.64
C LEU B 103 -6.59 -33.74 18.35
N ASP B 104 -5.66 -34.68 18.46
CA ASP B 104 -4.25 -34.34 18.25
C ASP B 104 -3.98 -33.90 16.82
N LEU B 105 -4.57 -34.58 15.84
CA LEU B 105 -4.38 -34.18 14.45
C LEU B 105 -5.00 -32.81 14.18
N GLU B 106 -6.17 -32.55 14.75
CA GLU B 106 -6.80 -31.24 14.60
C GLU B 106 -5.92 -30.14 15.19
N GLN B 107 -5.37 -30.37 16.38
CA GLN B 107 -4.50 -29.38 17.01
C GLN B 107 -3.23 -29.17 16.20
N SER B 108 -2.66 -30.25 15.67
CA SER B 108 -1.45 -30.11 14.84
C SER B 108 -1.73 -29.31 13.58
N LEU B 109 -2.88 -29.55 12.93
CA LEU B 109 -3.24 -28.75 11.76
C LEU B 109 -3.47 -27.29 12.14
N ARG B 110 -4.09 -27.05 13.30
CA ARG B 110 -4.30 -25.67 13.75
C ARG B 110 -2.97 -24.96 13.96
N GLU B 111 -2.00 -25.63 14.57
CA GLU B 111 -0.66 -25.06 14.69
C GLU B 111 -0.02 -24.86 13.33
N LEU B 112 -0.29 -25.76 12.38
CA LEU B 112 0.28 -25.64 11.04
C LEU B 112 -0.20 -24.38 10.34
N ILE B 113 -1.50 -24.07 10.44
CA ILE B 113 -2.05 -22.89 9.77
C ILE B 113 -2.19 -21.70 10.72
N GLN B 114 -1.84 -21.86 12.00
CA GLN B 114 -1.86 -20.77 12.97
C GLN B 114 -3.24 -20.11 13.06
N SER B 115 -4.30 -20.91 13.01
CA SER B 115 -5.64 -20.36 13.06
C SER B 115 -6.62 -21.47 13.43
N SER B 116 -7.72 -21.08 14.06
CA SER B 116 -8.81 -22.01 14.35
C SER B 116 -9.74 -22.19 13.17
N ASP B 117 -9.57 -21.40 12.10
CA ASP B 117 -10.35 -21.55 10.87
C ASP B 117 -9.82 -22.74 10.08
N LEU B 118 -10.09 -23.93 10.62
CA LEU B 118 -9.56 -25.15 10.04
C LEU B 118 -10.29 -25.55 8.76
N GLN B 119 -11.51 -25.05 8.56
CA GLN B 119 -12.27 -25.38 7.36
C GLN B 119 -11.79 -24.65 6.12
N ALA B 120 -11.21 -23.46 6.27
CA ALA B 120 -10.81 -22.68 5.11
C ALA B 120 -9.64 -23.31 4.37
N PHE B 121 -8.92 -24.24 5.02
CA PHE B 121 -7.79 -24.89 4.39
C PHE B 121 -7.92 -26.40 4.29
N PHE B 122 -8.56 -27.06 5.25
CA PHE B 122 -8.69 -28.51 5.26
C PHE B 122 -10.15 -28.90 5.36
N GLU B 123 -10.61 -29.74 4.44
CA GLU B 123 -11.94 -30.33 4.51
C GLU B 123 -11.82 -31.81 4.25
N THR B 124 -12.56 -32.61 5.01
CA THR B 124 -12.38 -34.05 5.06
C THR B 124 -13.55 -34.76 4.40
N LYS B 125 -13.23 -35.83 3.66
CA LYS B 125 -14.23 -36.72 3.09
C LYS B 125 -13.77 -38.16 3.29
N GLN B 126 -14.74 -39.05 3.45
CA GLN B 126 -14.44 -40.46 3.65
C GLN B 126 -15.45 -41.31 2.88
N GLN B 127 -14.94 -42.32 2.17
CA GLN B 127 -15.78 -43.22 1.38
C GLN B 127 -15.25 -44.63 1.60
N GLY B 128 -16.01 -45.44 2.33
CA GLY B 128 -15.62 -46.81 2.59
C GLY B 128 -14.44 -46.94 3.53
N ARG B 129 -13.30 -47.38 3.02
CA ARG B 129 -12.10 -47.60 3.82
C ARG B 129 -11.04 -46.53 3.60
N CYS B 130 -11.35 -45.45 2.89
CA CYS B 130 -10.40 -44.40 2.59
C CYS B 130 -10.85 -43.09 3.22
N PHE B 131 -9.89 -42.35 3.75
CA PHE B 131 -10.13 -41.04 4.35
C PHE B 131 -9.32 -40.00 3.58
N TYR B 132 -9.99 -38.95 3.13
CA TYR B 132 -9.35 -37.90 2.33
C TYR B 132 -9.38 -36.58 3.08
N ILE B 133 -8.28 -35.83 2.96
CA ILE B 133 -8.20 -34.46 3.44
C ILE B 133 -7.79 -33.58 2.27
N PHE B 134 -8.65 -32.65 1.88
CA PHE B 134 -8.41 -31.80 0.74
C PHE B 134 -7.76 -30.50 1.21
N VAL B 135 -6.46 -30.38 0.96
CA VAL B 135 -5.66 -29.27 1.49
C VAL B 135 -5.62 -28.15 0.46
N LYS B 136 -5.95 -26.94 0.89
CA LYS B 136 -5.84 -25.76 0.06
C LYS B 136 -4.41 -25.20 0.11
N SER B 137 -4.05 -24.42 -0.90
CA SER B 137 -2.72 -23.83 -0.94
C SER B 137 -2.61 -22.69 0.06
N TRP B 138 -1.46 -22.60 0.74
CA TRP B 138 -1.24 -21.55 1.71
C TRP B 138 -1.06 -20.20 1.03
N SER B 139 -0.03 -20.07 0.20
CA SER B 139 0.24 -18.85 -0.55
C SER B 139 0.14 -19.14 -2.03
N SER B 140 -0.64 -18.32 -2.75
CA SER B 140 -0.89 -18.52 -4.17
C SER B 140 -0.35 -17.33 -4.94
N GLY B 141 0.45 -17.63 -5.98
CA GLY B 141 0.97 -16.61 -6.86
C GLY B 141 2.38 -16.19 -6.49
N PRO B 142 3.13 -15.69 -7.48
CA PRO B 142 4.48 -15.19 -7.19
C PRO B 142 4.48 -13.81 -6.55
N PHE B 143 3.42 -13.03 -6.73
CA PHE B 143 3.29 -11.71 -6.11
C PHE B 143 1.95 -11.63 -5.40
N PRO B 144 1.82 -12.28 -4.25
CA PRO B 144 0.54 -12.25 -3.52
C PRO B 144 0.27 -10.87 -2.93
N GLU B 145 -0.99 -10.66 -2.55
CA GLU B 145 -1.38 -9.40 -1.92
C GLU B 145 -0.83 -9.25 -0.51
N ASP B 146 -0.24 -10.30 0.06
CA ASP B 146 0.27 -10.28 1.43
C ASP B 146 1.74 -10.70 1.47
N ARG B 147 2.57 -10.14 0.59
CA ARG B 147 4.00 -10.45 0.62
C ARG B 147 4.64 -10.00 1.93
N SER B 148 4.29 -8.81 2.39
CA SER B 148 4.83 -8.26 3.63
C SER B 148 3.95 -8.52 4.84
N VAL B 149 2.86 -9.28 4.69
CA VAL B 149 1.93 -9.54 5.77
C VAL B 149 2.03 -10.98 6.26
N LYS B 150 1.79 -11.95 5.37
CA LYS B 150 1.80 -13.34 5.79
C LYS B 150 3.03 -14.06 5.25
N PRO B 151 3.54 -15.06 5.97
CA PRO B 151 4.71 -15.79 5.49
C PRO B 151 4.38 -16.64 4.28
N ARG B 152 5.42 -16.89 3.46
CA ARG B 152 5.27 -17.72 2.28
C ARG B 152 5.16 -19.20 2.60
N LEU B 153 5.83 -19.68 3.64
CA LEU B 153 5.95 -21.10 3.92
C LEU B 153 5.21 -21.46 5.20
N CYS B 154 4.56 -22.63 5.17
CA CYS B 154 4.09 -23.31 6.36
C CYS B 154 5.10 -24.37 6.76
N SER B 155 5.37 -24.47 8.05
CA SER B 155 6.36 -25.41 8.55
C SER B 155 5.89 -26.03 9.85
N LEU B 156 6.30 -27.28 10.07
CA LEU B 156 6.03 -27.93 11.35
C LEU B 156 6.72 -27.20 12.49
N SER B 157 7.97 -26.79 12.27
CA SER B 157 8.74 -26.02 13.25
C SER B 157 9.87 -25.31 12.52
N SER B 158 10.07 -24.05 12.86
CA SER B 158 11.10 -23.25 12.22
C SER B 158 12.47 -23.40 12.85
N SER B 159 12.56 -24.11 13.98
CA SER B 159 13.82 -24.35 14.69
C SER B 159 14.52 -23.06 15.10
N LEU B 160 13.79 -21.95 15.17
CA LEU B 160 14.32 -20.67 15.62
C LEU B 160 13.82 -20.42 17.04
N TYR B 161 14.74 -20.51 18.00
CA TYR B 161 14.42 -20.29 19.40
C TYR B 161 14.95 -18.93 19.85
N ARG B 162 14.12 -18.22 20.61
CA ARG B 162 14.56 -16.97 21.21
C ARG B 162 14.13 -16.95 22.67
N ARG B 163 14.94 -16.28 23.50
CA ARG B 163 14.66 -16.21 24.92
C ARG B 163 13.43 -15.36 25.18
N SER B 164 12.52 -15.88 25.99
CA SER B 164 11.29 -15.19 26.39
C SER B 164 11.26 -15.15 27.91
N GLU B 165 11.85 -14.09 28.47
CA GLU B 165 11.94 -13.89 29.92
C GLU B 165 12.76 -15.04 30.50
N THR B 166 12.18 -15.94 31.28
CA THR B 166 12.92 -17.03 31.91
C THR B 166 12.74 -18.36 31.20
N SER B 167 12.21 -18.34 29.97
CA SER B 167 11.95 -19.56 29.24
C SER B 167 12.36 -19.39 27.78
N VAL B 168 12.68 -20.51 27.15
CA VAL B 168 13.07 -20.54 25.74
C VAL B 168 11.87 -21.01 24.93
N ARG B 169 11.48 -20.20 23.94
CA ARG B 169 10.30 -20.49 23.13
C ARG B 169 10.68 -20.51 21.65
N SER B 170 10.05 -21.41 20.91
CA SER B 170 10.28 -21.50 19.47
C SER B 170 9.38 -20.53 18.73
N MET B 171 9.90 -19.94 17.66
CA MET B 171 9.14 -18.99 16.86
C MET B 171 8.26 -19.73 15.86
N ASP B 172 7.00 -19.32 15.78
CA ASP B 172 6.11 -19.86 14.75
C ASP B 172 6.43 -19.22 13.41
N SER B 173 5.61 -19.53 12.39
CA SER B 173 5.89 -19.02 11.05
C SER B 173 5.82 -17.50 11.00
N ARG B 174 4.80 -16.91 11.63
CA ARG B 174 4.67 -15.46 11.63
C ARG B 174 5.78 -14.79 12.44
N GLU B 175 6.08 -15.33 13.62
CA GLU B 175 7.15 -14.78 14.44
C GLU B 175 8.50 -14.91 13.74
N ALA B 176 8.76 -16.06 13.12
CA ALA B 176 10.01 -16.23 12.39
C ALA B 176 10.08 -15.29 11.20
N PHE B 177 8.97 -15.08 10.51
CA PHE B 177 8.93 -14.14 9.39
C PHE B 177 9.28 -12.73 9.85
N CYS B 178 8.67 -12.29 10.96
CA CYS B 178 8.96 -10.95 11.47
C CYS B 178 10.39 -10.84 11.96
N PHE B 179 10.91 -11.89 12.61
CA PHE B 179 12.29 -11.86 13.10
C PHE B 179 13.28 -11.79 11.96
N LEU B 180 13.05 -12.55 10.89
CA LEU B 180 13.94 -12.49 9.74
C LEU B 180 13.80 -11.18 8.98
N LYS B 181 12.60 -10.60 8.97
CA LYS B 181 12.43 -9.27 8.39
C LYS B 181 13.23 -8.23 9.15
N THR B 182 13.21 -8.31 10.48
CA THR B 182 13.98 -7.38 11.30
C THR B 182 15.49 -7.58 11.10
N LYS B 183 15.94 -8.83 11.11
CA LYS B 183 17.36 -9.12 10.98
C LYS B 183 17.89 -8.78 9.59
N ARG B 184 17.03 -8.80 8.57
CA ARG B 184 17.49 -8.54 7.21
C ARG B 184 17.78 -7.06 6.97
N LYS B 185 17.15 -6.17 7.72
CA LYS B 185 17.38 -4.73 7.53
C LYS B 185 18.81 -4.38 7.93
N PRO B 186 19.59 -3.75 7.03
CA PRO B 186 20.97 -3.36 7.33
C PRO B 186 21.06 -2.16 8.27
N ASP B 216 25.83 -5.60 34.51
CA ASP B 216 25.10 -6.81 34.86
C ASP B 216 25.75 -7.52 36.04
N PRO B 217 24.95 -7.83 37.06
CA PRO B 217 25.49 -8.58 38.22
C PRO B 217 25.99 -9.97 37.87
N ALA B 218 25.54 -10.55 36.74
CA ALA B 218 26.02 -11.86 36.34
C ALA B 218 27.46 -11.81 35.86
N ASP B 219 27.91 -10.65 35.38
CA ASP B 219 29.28 -10.51 34.91
C ASP B 219 30.28 -10.72 36.04
N LEU B 220 29.98 -10.20 37.24
CA LEU B 220 30.90 -10.29 38.35
C LEU B 220 31.21 -11.74 38.73
N ILE B 221 30.18 -12.60 38.76
CA ILE B 221 30.42 -14.01 39.04
C ILE B 221 31.22 -14.66 37.91
N PHE B 222 31.01 -14.20 36.68
CA PHE B 222 31.75 -14.76 35.54
C PHE B 222 33.24 -14.50 35.66
N GLN B 223 33.64 -13.33 36.14
CA GLN B 223 35.05 -13.00 36.26
C GLN B 223 35.76 -13.78 37.36
N LYS B 224 35.01 -14.43 38.24
CA LYS B 224 35.61 -15.20 39.33
C LYS B 224 36.38 -16.40 38.77
N ASP B 225 37.50 -16.72 39.43
CA ASP B 225 38.32 -17.85 39.02
C ASP B 225 38.05 -19.13 39.81
N TYR B 226 37.47 -19.04 41.01
CA TYR B 226 36.97 -20.23 41.68
C TYR B 226 35.67 -19.88 42.40
N LEU B 227 34.89 -20.91 42.71
CA LEU B 227 33.60 -20.75 43.38
C LEU B 227 33.53 -21.65 44.61
N GLU B 228 33.20 -21.05 45.74
CA GLU B 228 32.95 -21.80 46.96
C GLU B 228 31.74 -22.71 46.79
N TYR B 229 31.86 -23.95 47.25
CA TYR B 229 30.74 -24.88 47.18
C TYR B 229 29.61 -24.38 48.08
N GLY B 230 28.38 -24.45 47.57
CA GLY B 230 27.24 -23.95 48.31
C GLY B 230 27.05 -22.46 48.24
N GLU B 231 27.85 -21.75 47.44
CA GLU B 231 27.69 -20.31 47.30
C GLU B 231 26.34 -19.98 46.67
N ILE B 232 25.71 -18.93 47.17
CA ILE B 232 24.40 -18.50 46.70
C ILE B 232 24.59 -17.36 45.72
N LEU B 233 24.12 -17.55 44.49
CA LEU B 233 24.21 -16.51 43.48
C LEU B 233 23.10 -15.48 43.72
N PRO B 234 23.43 -14.19 43.88
CA PRO B 234 22.39 -13.21 44.19
C PRO B 234 21.32 -13.06 43.12
N PHE B 235 21.69 -13.23 41.85
CA PHE B 235 20.73 -12.97 40.78
C PHE B 235 19.91 -14.23 40.47
N PRO B 236 18.65 -14.05 40.05
CA PRO B 236 17.84 -15.20 39.64
C PRO B 236 17.92 -15.44 38.14
N ALA B 237 17.31 -16.53 37.67
CA ALA B 237 17.22 -16.76 36.25
C ALA B 237 16.36 -15.69 35.59
N SER B 238 16.85 -15.16 34.46
CA SER B 238 16.20 -14.03 33.81
C SER B 238 16.50 -14.08 32.33
N GLN B 239 16.23 -12.97 31.64
CA GLN B 239 16.43 -12.89 30.20
C GLN B 239 17.87 -13.13 29.79
N LEU B 240 18.84 -12.82 30.66
CA LEU B 240 20.24 -12.96 30.34
C LEU B 240 20.96 -14.03 31.15
N VAL B 241 20.28 -14.70 32.08
CA VAL B 241 20.91 -15.66 32.97
C VAL B 241 20.09 -16.95 32.95
N GLU B 242 20.77 -18.09 32.84
CA GLU B 242 20.14 -19.39 32.93
C GLU B 242 20.93 -20.29 33.86
N PHE B 243 20.24 -20.94 34.80
CA PHE B 243 20.85 -21.85 35.75
C PHE B 243 20.50 -23.29 35.37
N LYS B 244 21.52 -24.14 35.29
CA LYS B 244 21.32 -25.54 34.92
C LYS B 244 22.03 -26.46 35.90
N GLN B 245 21.30 -27.44 36.40
CA GLN B 245 21.85 -28.49 37.25
C GLN B 245 22.63 -29.47 36.39
N PHE B 246 23.74 -29.97 36.92
CA PHE B 246 24.65 -30.85 36.19
C PHE B 246 24.64 -32.22 36.86
N SER B 247 24.15 -33.23 36.14
CA SER B 247 24.02 -34.58 36.68
C SER B 247 25.27 -35.39 36.34
N THR B 248 25.82 -36.06 37.34
CA THR B 248 27.11 -36.74 37.17
C THR B 248 26.99 -38.10 36.50
N LYS B 249 25.80 -38.71 36.48
CA LYS B 249 25.67 -40.03 35.88
C LYS B 249 25.80 -39.97 34.37
N HIS B 250 25.22 -38.95 33.74
CA HIS B 250 25.28 -38.75 32.30
C HIS B 250 25.82 -37.36 31.98
N PHE B 251 26.92 -37.00 32.65
CA PHE B 251 27.43 -35.64 32.59
C PHE B 251 27.89 -35.27 31.19
N GLN B 252 28.59 -36.18 30.50
CA GLN B 252 29.02 -35.90 29.14
C GLN B 252 27.84 -35.78 28.19
N GLU B 253 26.89 -36.70 28.27
CA GLU B 253 25.77 -36.68 27.34
C GLU B 253 24.82 -35.53 27.65
N TYR B 254 24.78 -35.08 28.92
CA TYR B 254 23.94 -33.95 29.29
C TYR B 254 24.31 -32.69 28.53
N VAL B 255 25.60 -32.41 28.40
CA VAL B 255 26.05 -31.19 27.75
C VAL B 255 25.72 -31.21 26.26
N LYS B 256 25.80 -32.38 25.61
CA LYS B 256 25.62 -32.45 24.17
C LYS B 256 24.23 -31.99 23.73
N ARG B 257 23.21 -32.13 24.58
CA ARG B 257 21.88 -31.72 24.17
C ARG B 257 21.45 -30.39 24.75
N THR B 258 22.15 -29.89 25.77
CA THR B 258 21.77 -28.62 26.39
C THR B 258 22.14 -27.44 25.51
N ILE B 259 23.31 -27.49 24.86
CA ILE B 259 23.74 -26.40 24.01
C ILE B 259 22.77 -26.12 22.86
N PRO B 260 22.24 -27.12 22.14
CA PRO B 260 21.41 -26.81 20.96
C PRO B 260 20.21 -25.91 21.21
N GLU B 261 19.53 -25.99 22.36
CA GLU B 261 18.33 -25.20 22.57
C GLU B 261 18.55 -23.90 23.35
N TYR B 262 19.68 -23.74 24.04
CA TYR B 262 19.90 -22.55 24.85
C TYR B 262 20.85 -21.53 24.23
N VAL B 263 21.92 -21.97 23.56
CA VAL B 263 22.84 -21.02 22.93
C VAL B 263 22.17 -20.24 21.81
N PRO B 264 21.45 -20.87 20.85
CA PRO B 264 20.72 -20.06 19.87
C PRO B 264 19.66 -19.17 20.49
N ALA B 265 19.09 -19.56 21.63
CA ALA B 265 18.10 -18.72 22.28
C ALA B 265 18.70 -17.40 22.73
N PHE B 266 19.90 -17.44 23.32
CA PHE B 266 20.54 -16.20 23.76
C PHE B 266 21.08 -15.42 22.56
N ALA B 267 21.75 -16.10 21.63
CA ALA B 267 22.36 -15.42 20.49
C ALA B 267 21.34 -14.71 19.62
N ASN B 268 20.10 -15.21 19.60
CA ASN B 268 19.07 -14.57 18.78
C ASN B 268 18.48 -13.34 19.44
N THR B 269 18.67 -13.16 20.75
CA THR B 269 18.11 -12.01 21.48
C THR B 269 19.16 -11.46 22.43
N GLY B 270 19.97 -10.52 21.93
CA GLY B 270 20.86 -9.73 22.76
C GLY B 270 21.92 -10.48 23.54
N GLY B 271 21.99 -11.81 23.41
CA GLY B 271 22.96 -12.56 24.16
C GLY B 271 22.52 -12.79 25.60
N GLY B 272 23.41 -13.43 26.36
CA GLY B 272 23.11 -13.73 27.74
C GLY B 272 24.22 -14.57 28.36
N TYR B 273 23.92 -15.08 29.55
CA TYR B 273 24.86 -15.87 30.34
C TYR B 273 24.25 -17.25 30.59
N LEU B 274 25.08 -18.28 30.56
CA LEU B 274 24.64 -19.65 30.78
C LEU B 274 25.54 -20.28 31.84
N PHE B 275 24.94 -20.72 32.95
CA PHE B 275 25.68 -21.31 34.06
C PHE B 275 25.35 -22.79 34.16
N ILE B 276 26.38 -23.63 34.18
CA ILE B 276 26.24 -25.07 34.32
C ILE B 276 26.83 -25.47 35.67
N GLY B 277 26.04 -26.20 36.46
CA GLY B 277 26.45 -26.64 37.77
C GLY B 277 25.83 -25.92 38.93
N VAL B 278 24.81 -25.10 38.70
CA VAL B 278 24.14 -24.33 39.75
C VAL B 278 22.67 -24.72 39.77
N ASP B 279 22.14 -24.93 40.97
CA ASP B 279 20.75 -25.35 41.11
C ASP B 279 19.81 -24.26 40.62
N ASP B 280 18.77 -24.66 39.89
CA ASP B 280 17.81 -23.69 39.36
C ASP B 280 17.00 -23.07 40.49
N LYS B 281 16.45 -23.91 41.37
CA LYS B 281 15.53 -23.40 42.39
C LYS B 281 16.27 -22.60 43.46
N SER B 282 17.37 -23.13 43.98
CA SER B 282 18.05 -22.54 45.13
C SER B 282 19.22 -21.63 44.76
N ARG B 283 19.57 -21.56 43.48
CA ARG B 283 20.72 -20.76 43.01
C ARG B 283 22.02 -21.17 43.68
N GLU B 284 22.12 -22.43 44.12
CA GLU B 284 23.30 -22.91 44.81
C GLU B 284 24.31 -23.49 43.83
N VAL B 285 25.58 -23.19 44.06
CA VAL B 285 26.66 -23.70 43.20
C VAL B 285 27.07 -25.08 43.71
N LEU B 286 26.95 -26.09 42.86
CA LEU B 286 27.32 -27.46 43.20
C LEU B 286 28.44 -28.03 42.35
N GLY B 287 28.40 -27.81 41.03
CA GLY B 287 29.41 -28.41 40.18
C GLY B 287 29.17 -29.90 40.01
N CYS B 288 30.27 -30.61 39.77
CA CYS B 288 30.24 -32.06 39.55
C CYS B 288 31.33 -32.72 40.38
N ALA B 289 31.55 -34.00 40.12
CA ALA B 289 32.60 -34.74 40.81
C ALA B 289 33.92 -34.63 40.05
N LYS B 290 35.03 -34.66 40.79
CA LYS B 290 36.34 -34.56 40.17
C LYS B 290 36.64 -35.77 39.29
N GLU B 291 36.27 -36.97 39.73
CA GLU B 291 36.65 -38.19 39.05
C GLU B 291 35.98 -38.35 37.69
N ASN B 292 34.89 -37.63 37.44
CA ASN B 292 34.15 -37.77 36.19
C ASN B 292 34.49 -36.69 35.16
N VAL B 293 34.47 -35.42 35.56
CA VAL B 293 34.64 -34.33 34.61
C VAL B 293 36.13 -34.05 34.42
N ASP B 294 36.58 -34.09 33.17
CA ASP B 294 37.92 -33.68 32.82
C ASP B 294 37.88 -32.31 32.16
N PRO B 295 38.42 -31.27 32.80
CA PRO B 295 38.22 -29.90 32.28
C PRO B 295 38.78 -29.70 30.88
N ASP B 296 39.91 -30.32 30.54
CA ASP B 296 40.52 -30.09 29.24
C ASP B 296 39.66 -30.66 28.11
N SER B 297 39.19 -31.91 28.27
CA SER B 297 38.42 -32.54 27.21
C SER B 297 37.00 -32.00 27.15
N LEU B 298 36.44 -31.59 28.29
CA LEU B 298 35.07 -31.07 28.31
C LEU B 298 34.95 -29.80 27.50
N ARG B 299 36.02 -28.99 27.46
CA ARG B 299 36.01 -27.78 26.65
C ARG B 299 35.87 -28.11 25.17
N ARG B 300 36.45 -29.22 24.72
CA ARG B 300 36.45 -29.56 23.30
C ARG B 300 35.03 -29.78 22.78
N LYS B 301 34.22 -30.57 23.49
CA LYS B 301 32.88 -30.85 23.01
C LYS B 301 31.98 -29.63 23.08
N ILE B 302 32.14 -28.81 24.11
CA ILE B 302 31.27 -27.63 24.26
C ILE B 302 31.50 -26.67 23.10
N GLU B 303 32.76 -26.44 22.74
CA GLU B 303 33.02 -25.61 21.57
C GLU B 303 32.69 -26.35 20.28
N GLN B 304 32.73 -27.68 20.29
CA GLN B 304 32.32 -28.44 19.12
C GLN B 304 30.81 -28.36 18.92
N ALA B 305 30.03 -28.49 20.00
CA ALA B 305 28.59 -28.47 19.88
C ALA B 305 28.07 -27.08 19.50
N ILE B 306 28.71 -26.04 20.02
CA ILE B 306 28.24 -24.68 19.73
C ILE B 306 28.55 -24.30 18.30
N TYR B 307 29.60 -24.89 17.71
CA TYR B 307 29.96 -24.62 16.33
C TYR B 307 29.15 -25.44 15.34
N LYS B 308 28.40 -26.44 15.81
CA LYS B 308 27.61 -27.27 14.92
C LYS B 308 26.26 -26.65 14.57
N LEU B 309 25.86 -25.60 15.26
CA LEU B 309 24.57 -24.97 15.00
C LEU B 309 24.59 -24.28 13.63
N PRO B 310 23.66 -24.59 12.74
CA PRO B 310 23.62 -23.88 11.45
C PRO B 310 23.28 -22.42 11.64
N CYS B 311 24.01 -21.56 10.93
CA CYS B 311 23.81 -20.12 11.01
C CYS B 311 23.62 -19.56 9.60
N VAL B 312 22.62 -18.71 9.44
CA VAL B 312 22.32 -18.07 8.17
C VAL B 312 22.60 -16.58 8.31
N HIS B 313 23.50 -16.06 7.48
CA HIS B 313 23.95 -14.68 7.58
C HIS B 313 23.27 -13.82 6.51
N PHE B 314 22.93 -12.59 6.90
CA PHE B 314 22.38 -11.60 5.98
C PHE B 314 23.33 -10.43 5.76
N CYS B 315 24.60 -10.57 6.15
CA CYS B 315 25.50 -9.43 6.21
C CYS B 315 26.92 -9.86 5.92
N GLN B 316 27.76 -8.87 5.61
CA GLN B 316 29.19 -9.00 5.41
C GLN B 316 29.89 -8.18 6.49
N PRO B 317 30.73 -8.76 7.35
CA PRO B 317 31.28 -10.12 7.32
C PRO B 317 30.36 -11.20 7.89
N GLN B 318 30.86 -12.44 7.87
CA GLN B 318 30.07 -13.59 8.27
C GLN B 318 30.80 -14.37 9.36
N ARG B 319 31.26 -13.66 10.39
CA ARG B 319 32.00 -14.31 11.47
C ARG B 319 31.10 -15.30 12.19
N PRO B 320 31.66 -16.41 12.69
CA PRO B 320 30.84 -17.39 13.40
C PRO B 320 30.33 -16.89 14.73
N ILE B 321 29.62 -17.73 15.47
CA ILE B 321 29.08 -17.33 16.77
C ILE B 321 30.23 -17.07 17.74
N THR B 322 30.13 -15.96 18.47
CA THR B 322 31.18 -15.54 19.39
C THR B 322 30.71 -15.79 20.82
N PHE B 323 31.53 -16.49 21.59
CA PHE B 323 31.17 -16.85 22.96
C PHE B 323 32.43 -16.97 23.79
N THR B 324 32.26 -16.90 25.10
CA THR B 324 33.35 -17.02 26.06
C THR B 324 33.08 -18.19 26.99
N LEU B 325 34.00 -19.13 27.05
CA LEU B 325 33.88 -20.32 27.89
C LEU B 325 34.94 -20.29 28.98
N LYS B 326 34.51 -20.52 30.23
CA LYS B 326 35.42 -20.64 31.35
C LYS B 326 34.97 -21.79 32.24
N ILE B 327 35.89 -22.71 32.51
CA ILE B 327 35.65 -23.80 33.45
C ILE B 327 36.46 -23.51 34.70
N VAL B 328 35.78 -23.41 35.84
CA VAL B 328 36.40 -22.98 37.08
C VAL B 328 36.30 -24.11 38.10
N ASN B 329 37.29 -24.14 39.00
CA ASN B 329 37.31 -25.16 40.04
C ASN B 329 36.23 -24.89 41.08
N VAL B 330 35.65 -25.98 41.58
CA VAL B 330 34.66 -25.90 42.65
C VAL B 330 35.33 -26.40 43.92
N LEU B 331 35.52 -25.51 44.89
CA LEU B 331 36.19 -25.82 46.14
C LEU B 331 35.17 -26.10 47.22
N LYS B 332 35.40 -27.15 47.99
CA LYS B 332 34.56 -27.52 49.12
C LYS B 332 35.40 -27.53 50.38
N ARG B 333 35.06 -26.66 51.33
CA ARG B 333 35.81 -26.51 52.58
C ARG B 333 37.29 -26.24 52.31
N GLY B 334 37.57 -25.46 51.28
CA GLY B 334 38.94 -25.19 50.88
C GLY B 334 39.58 -26.26 50.03
N GLU B 335 38.87 -27.35 49.74
CA GLU B 335 39.39 -28.45 48.95
C GLU B 335 38.60 -28.57 47.65
N LEU B 336 39.32 -28.86 46.56
CA LEU B 336 38.69 -28.96 45.25
C LEU B 336 37.66 -30.09 45.24
N TYR B 337 36.48 -29.81 44.70
CA TYR B 337 35.39 -30.78 44.65
C TYR B 337 34.92 -31.09 43.24
N GLY B 338 35.03 -30.14 42.32
CA GLY B 338 34.56 -30.35 40.97
C GLY B 338 34.78 -29.14 40.10
N TYR B 339 34.06 -29.10 38.99
CA TYR B 339 34.17 -28.03 38.02
C TYR B 339 32.80 -27.48 37.67
N ALA B 340 32.75 -26.19 37.37
CA ALA B 340 31.53 -25.52 36.93
C ALA B 340 31.82 -24.80 35.62
N CYS B 341 30.87 -24.88 34.69
CA CYS B 341 31.03 -24.31 33.35
C CYS B 341 30.18 -23.05 33.23
N MET B 342 30.82 -21.96 32.81
CA MET B 342 30.13 -20.69 32.59
C MET B 342 30.29 -20.30 31.13
N ILE B 343 29.17 -19.97 30.48
CA ILE B 343 29.15 -19.62 29.06
C ILE B 343 28.52 -18.25 28.92
N ARG B 344 29.23 -17.34 28.25
CA ARG B 344 28.68 -16.05 27.86
C ARG B 344 28.54 -16.03 26.35
N VAL B 345 27.32 -15.80 25.87
CA VAL B 345 27.02 -15.81 24.44
C VAL B 345 26.81 -14.38 23.99
N ASN B 346 27.71 -13.89 23.14
CA ASN B 346 27.55 -12.57 22.57
C ASN B 346 26.39 -12.55 21.58
N PRO B 347 25.68 -11.42 21.48
CA PRO B 347 24.56 -11.36 20.52
C PRO B 347 25.04 -11.59 19.10
N PHE B 348 24.22 -12.28 18.32
CA PHE B 348 24.58 -12.64 16.95
C PHE B 348 23.99 -11.64 15.96
N CYS B 349 24.76 -11.35 14.92
CA CYS B 349 24.34 -10.40 13.91
C CYS B 349 23.18 -10.91 13.07
N CYS B 350 22.93 -12.22 13.07
CA CYS B 350 21.93 -12.82 12.18
C CYS B 350 21.21 -13.92 12.97
N ALA B 351 20.48 -14.76 12.26
CA ALA B 351 19.69 -15.81 12.88
C ALA B 351 20.54 -17.05 13.13
N VAL B 352 20.27 -17.73 14.24
CA VAL B 352 20.94 -18.98 14.60
C VAL B 352 19.88 -20.06 14.71
N PHE B 353 20.13 -21.20 14.06
CA PHE B 353 19.20 -22.32 14.06
C PHE B 353 19.71 -23.44 14.95
N SER B 354 18.83 -23.96 15.80
CA SER B 354 19.17 -25.14 16.58
C SER B 354 19.34 -26.37 15.70
N GLU B 355 18.55 -26.47 14.63
CA GLU B 355 18.69 -27.54 13.66
C GLU B 355 18.03 -27.07 12.36
N ALA B 356 18.00 -27.94 11.36
CA ALA B 356 17.40 -27.58 10.08
C ALA B 356 15.90 -27.36 10.26
N PRO B 357 15.33 -26.36 9.59
CA PRO B 357 13.88 -26.13 9.69
C PRO B 357 13.10 -27.33 9.19
N ASN B 358 11.97 -27.59 9.84
CA ASN B 358 11.12 -28.73 9.51
C ASN B 358 10.00 -28.31 8.57
N SER B 359 10.39 -27.95 7.35
CA SER B 359 9.46 -27.56 6.29
C SER B 359 9.63 -28.49 5.09
N TRP B 360 8.52 -28.88 4.50
CA TRP B 360 8.51 -29.85 3.41
C TRP B 360 7.86 -29.25 2.18
N ILE B 361 8.22 -29.78 1.01
CA ILE B 361 7.67 -29.33 -0.26
C ILE B 361 7.75 -30.50 -1.25
N VAL B 362 6.81 -30.53 -2.18
CA VAL B 362 6.75 -31.57 -3.20
C VAL B 362 7.51 -31.09 -4.42
N GLU B 363 8.64 -31.74 -4.71
CA GLU B 363 9.44 -31.43 -5.89
C GLU B 363 9.51 -32.67 -6.77
N ASP B 364 9.14 -32.52 -8.03
CA ASP B 364 9.01 -33.63 -9.00
C ASP B 364 8.01 -34.63 -8.40
N LYS B 365 8.38 -35.89 -8.24
CA LYS B 365 7.46 -36.92 -7.76
C LYS B 365 7.68 -37.28 -6.30
N TYR B 366 8.51 -36.53 -5.58
CA TYR B 366 8.85 -36.86 -4.19
C TYR B 366 8.47 -35.72 -3.26
N VAL B 367 8.43 -36.02 -1.97
CA VAL B 367 8.23 -35.03 -0.92
C VAL B 367 9.58 -34.83 -0.23
N CYS B 368 10.16 -33.65 -0.38
CA CYS B 368 11.48 -33.35 0.15
C CYS B 368 11.41 -32.19 1.13
N SER B 369 12.37 -32.17 2.05
CA SER B 369 12.43 -31.13 3.08
C SER B 369 13.32 -29.99 2.61
N LEU B 370 12.89 -28.76 2.88
CA LEU B 370 13.66 -27.59 2.50
C LEU B 370 14.91 -27.46 3.37
N THR B 371 16.04 -27.17 2.72
CA THR B 371 17.28 -26.96 3.46
C THR B 371 17.24 -25.63 4.19
N THR B 372 18.18 -25.46 5.12
CA THR B 372 18.20 -24.26 5.95
C THR B 372 18.41 -23.01 5.12
N GLU B 373 19.32 -23.06 4.15
CA GLU B 373 19.57 -21.90 3.31
C GLU B 373 18.39 -21.61 2.38
N LYS B 374 17.73 -22.66 1.89
CA LYS B 374 16.59 -22.46 0.99
C LYS B 374 15.35 -22.06 1.77
N TRP B 375 15.19 -22.58 2.99
CA TRP B 375 14.04 -22.21 3.82
C TRP B 375 14.04 -20.72 4.13
N VAL B 376 15.21 -20.17 4.45
CA VAL B 376 15.30 -18.74 4.74
C VAL B 376 14.96 -17.91 3.51
N GLY B 377 15.46 -18.32 2.35
CA GLY B 377 15.27 -17.53 1.14
C GLY B 377 13.81 -17.39 0.75
N MET B 378 13.06 -18.49 0.82
CA MET B 378 11.65 -18.44 0.45
C MET B 378 10.84 -17.60 1.43
N MET B 379 11.19 -17.64 2.71
CA MET B 379 10.42 -16.90 3.72
C MET B 379 10.72 -15.42 3.69
N THR B 380 11.94 -15.01 3.33
CA THR B 380 12.32 -13.62 3.32
C THR B 380 11.96 -12.94 2.00
N ASP B 381 12.27 -13.58 0.87
CA ASP B 381 11.98 -13.02 -0.44
C ASP B 381 10.47 -12.92 -0.67
N VAL B 409 7.51 -17.28 -17.63
CA VAL B 409 7.46 -15.83 -17.77
C VAL B 409 6.30 -15.27 -16.94
N TYR B 410 6.63 -14.35 -16.03
CA TYR B 410 5.64 -13.70 -15.18
C TYR B 410 5.32 -12.33 -15.75
N SER B 411 4.03 -12.07 -15.97
CA SER B 411 3.58 -10.83 -16.59
C SER B 411 3.10 -9.87 -15.50
N LYS B 412 3.78 -8.72 -15.38
CA LYS B 412 3.37 -7.71 -14.43
C LYS B 412 2.11 -6.97 -14.90
N LYS B 413 2.03 -6.70 -16.20
CA LYS B 413 0.87 -5.98 -16.73
C LYS B 413 -0.39 -6.82 -16.63
N GLY B 414 -0.28 -8.13 -16.78
CA GLY B 414 -1.45 -8.99 -16.67
C GLY B 414 -2.08 -8.96 -15.29
N LEU B 415 -1.24 -8.83 -14.25
CA LEU B 415 -1.77 -8.80 -12.89
C LEU B 415 -2.57 -7.53 -12.63
N GLU B 416 -2.13 -6.40 -13.19
CA GLU B 416 -2.80 -5.14 -12.95
C GLU B 416 -4.15 -5.07 -13.67
N HIS B 417 -4.19 -5.49 -14.93
CA HIS B 417 -5.38 -5.38 -15.77
C HIS B 417 -6.18 -6.67 -15.84
N LYS B 418 -5.99 -7.58 -14.89
CA LYS B 418 -6.65 -8.88 -14.99
C LYS B 418 -8.17 -8.76 -14.91
N LYS B 419 -8.68 -7.70 -14.27
CA LYS B 419 -10.13 -7.51 -14.21
C LYS B 419 -10.67 -6.97 -15.53
N GLU B 420 -9.94 -6.06 -16.18
CA GLU B 420 -10.40 -5.52 -17.45
C GLU B 420 -10.21 -6.52 -18.58
N LEU B 421 -9.10 -7.27 -18.55
CA LEU B 421 -8.84 -8.26 -19.60
C LEU B 421 -9.89 -9.37 -19.57
N GLN B 422 -10.32 -9.78 -18.38
CA GLN B 422 -11.29 -10.86 -18.28
C GLN B 422 -12.63 -10.47 -18.90
N GLN B 423 -13.08 -9.23 -18.66
CA GLN B 423 -14.37 -8.80 -19.19
C GLN B 423 -14.37 -8.75 -20.72
N LEU B 424 -13.23 -8.43 -21.32
CA LEU B 424 -13.16 -8.34 -22.78
C LEU B 424 -13.29 -9.71 -23.43
N LEU B 425 -12.55 -10.69 -22.93
CA LEU B 425 -12.48 -12.01 -23.54
C LEU B 425 -13.35 -13.04 -22.84
N PHE B 426 -13.22 -13.18 -21.52
CA PHE B 426 -13.83 -14.27 -20.77
C PHE B 426 -14.99 -13.79 -19.90
N SER B 427 -15.80 -12.86 -20.42
CA SER B 427 -16.97 -12.40 -19.68
C SER B 427 -18.00 -13.52 -19.59
N VAL B 428 -18.34 -13.91 -18.37
CA VAL B 428 -19.29 -15.00 -18.17
C VAL B 428 -20.69 -14.54 -18.60
N PRO B 429 -21.36 -15.29 -19.46
CA PRO B 429 -22.69 -14.88 -19.91
C PRO B 429 -23.77 -15.41 -18.98
N PRO B 430 -24.68 -14.56 -18.53
CA PRO B 430 -25.78 -15.02 -17.67
C PRO B 430 -26.92 -15.60 -18.48
N GLY B 431 -27.10 -16.92 -18.38
CA GLY B 431 -28.23 -17.61 -18.97
C GLY B 431 -27.87 -18.69 -19.97
N TYR B 432 -26.69 -18.66 -20.57
CA TYR B 432 -26.32 -19.64 -21.58
C TYR B 432 -24.82 -19.89 -21.55
N LEU B 433 -24.42 -21.00 -22.15
CA LEU B 433 -23.02 -21.39 -22.21
C LEU B 433 -22.38 -20.86 -23.48
N ARG B 434 -21.27 -20.15 -23.32
CA ARG B 434 -20.60 -19.47 -24.42
C ARG B 434 -19.34 -20.24 -24.83
N TYR B 435 -19.13 -20.35 -26.14
CA TYR B 435 -17.99 -21.07 -26.69
C TYR B 435 -16.96 -20.06 -27.18
N THR B 436 -15.73 -20.17 -26.68
CA THR B 436 -14.65 -19.29 -27.11
C THR B 436 -13.42 -20.12 -27.44
N PRO B 437 -12.66 -19.73 -28.47
CA PRO B 437 -12.97 -18.64 -29.41
C PRO B 437 -14.03 -19.06 -30.42
N GLU B 438 -14.87 -18.11 -30.86
CA GLU B 438 -15.91 -18.44 -31.82
C GLU B 438 -15.33 -18.78 -33.19
N SER B 439 -14.23 -18.14 -33.57
CA SER B 439 -13.60 -18.44 -34.86
C SER B 439 -13.07 -19.87 -34.88
N LEU B 440 -12.46 -20.31 -33.78
CA LEU B 440 -11.91 -21.67 -33.74
C LEU B 440 -13.01 -22.71 -33.63
N TRP B 441 -14.10 -22.38 -32.91
CA TRP B 441 -15.21 -23.31 -32.77
C TRP B 441 -15.87 -23.59 -34.12
N ARG B 442 -15.98 -22.57 -34.97
CA ARG B 442 -16.59 -22.76 -36.28
C ARG B 442 -15.75 -23.64 -37.18
N ASP B 443 -14.42 -23.47 -37.12
CA ASP B 443 -13.55 -24.29 -37.96
C ASP B 443 -13.50 -25.73 -37.49
N LEU B 444 -13.59 -25.95 -36.17
CA LEU B 444 -13.50 -27.31 -35.64
C LEU B 444 -14.68 -28.17 -36.09
N ILE B 445 -15.90 -27.61 -36.04
CA ILE B 445 -17.08 -28.37 -36.43
C ILE B 445 -17.11 -28.62 -37.93
N SER B 446 -16.51 -27.74 -38.74
CA SER B 446 -16.55 -27.92 -40.19
C SER B 446 -15.62 -29.04 -40.63
N GLU B 447 -14.41 -29.11 -40.05
CA GLU B 447 -13.46 -30.14 -40.46
C GLU B 447 -13.89 -31.53 -40.00
N HIS B 448 -14.42 -31.63 -38.78
CA HIS B 448 -14.73 -32.91 -38.16
C HIS B 448 -16.24 -33.07 -38.07
N ARG B 449 -16.76 -34.17 -38.61
CA ARG B 449 -18.19 -34.41 -38.59
C ARG B 449 -18.63 -34.99 -37.25
N GLY B 450 -19.70 -34.45 -36.70
CA GLY B 450 -20.23 -34.93 -35.43
C GLY B 450 -19.64 -34.29 -34.20
N LEU B 451 -18.64 -33.40 -34.35
CA LEU B 451 -18.06 -32.75 -33.19
C LEU B 451 -19.06 -31.81 -32.52
N GLU B 452 -19.87 -31.10 -33.32
CA GLU B 452 -20.87 -30.21 -32.76
C GLU B 452 -21.91 -30.97 -31.95
N GLU B 453 -22.34 -32.13 -32.45
CA GLU B 453 -23.33 -32.92 -31.72
C GLU B 453 -22.76 -33.49 -30.43
N LEU B 454 -21.49 -33.94 -30.47
CA LEU B 454 -20.89 -34.52 -29.28
C LEU B 454 -20.70 -33.48 -28.18
N ILE B 455 -20.17 -32.31 -28.54
CA ILE B 455 -19.93 -31.26 -27.54
C ILE B 455 -21.26 -30.76 -26.98
N ASN B 456 -22.26 -30.54 -27.83
CA ASN B 456 -23.54 -30.05 -27.36
C ASN B 456 -24.23 -31.05 -26.45
N LYS B 457 -24.07 -32.35 -26.75
CA LYS B 457 -24.64 -33.38 -25.88
C LYS B 457 -23.98 -33.40 -24.52
N GLN B 458 -22.66 -33.20 -24.46
CA GLN B 458 -21.95 -33.25 -23.20
C GLN B 458 -22.23 -32.02 -22.32
N MET B 459 -22.59 -30.89 -22.92
CA MET B 459 -22.79 -29.65 -22.21
C MET B 459 -24.24 -29.43 -21.77
N GLN B 460 -25.10 -30.43 -21.93
CA GLN B 460 -26.50 -30.26 -21.57
C GLN B 460 -26.73 -29.95 -20.09
N PRO B 461 -26.12 -30.65 -19.12
CA PRO B 461 -26.43 -30.34 -17.71
C PRO B 461 -26.08 -28.93 -17.29
N PHE B 462 -25.11 -28.30 -17.94
CA PHE B 462 -24.62 -26.98 -17.55
C PHE B 462 -25.44 -25.90 -18.23
N PHE B 463 -25.98 -24.97 -17.44
CA PHE B 463 -26.84 -23.92 -17.94
C PHE B 463 -26.18 -22.54 -17.96
N ARG B 464 -24.96 -22.41 -17.44
CA ARG B 464 -24.29 -21.12 -17.39
C ARG B 464 -22.79 -21.36 -17.26
N GLY B 465 -22.01 -20.55 -17.96
CA GLY B 465 -20.57 -20.66 -17.91
C GLY B 465 -19.98 -20.33 -19.26
N ILE B 466 -18.68 -20.62 -19.40
CA ILE B 466 -17.95 -20.38 -20.63
C ILE B 466 -17.09 -21.60 -20.93
N LEU B 467 -17.07 -22.01 -22.19
CA LEU B 467 -16.30 -23.18 -22.64
C LEU B 467 -15.19 -22.68 -23.56
N ILE B 468 -13.95 -22.76 -23.08
CA ILE B 468 -12.80 -22.20 -23.77
C ILE B 468 -12.17 -23.30 -24.62
N PHE B 469 -12.26 -23.15 -25.94
CA PHE B 469 -11.74 -24.14 -26.87
C PHE B 469 -10.30 -23.84 -27.24
N SER B 470 -9.61 -24.88 -27.70
CA SER B 470 -8.24 -24.77 -28.18
C SER B 470 -7.90 -26.05 -28.93
N ARG B 471 -7.04 -25.92 -29.94
CA ARG B 471 -6.62 -27.11 -30.69
C ARG B 471 -5.81 -28.06 -29.81
N SER B 472 -5.04 -27.52 -28.88
CA SER B 472 -4.28 -28.34 -27.94
C SER B 472 -3.95 -27.49 -26.73
N TRP B 473 -4.56 -27.80 -25.58
CA TRP B 473 -4.26 -27.06 -24.36
C TRP B 473 -2.90 -27.42 -23.80
N ALA B 474 -2.35 -28.57 -24.16
CA ALA B 474 -1.02 -28.95 -23.69
C ALA B 474 0.06 -28.07 -24.32
N VAL B 475 -0.08 -27.78 -25.62
CA VAL B 475 0.87 -26.90 -26.29
C VAL B 475 0.78 -25.48 -25.71
N ASP B 476 -0.43 -25.06 -25.35
CA ASP B 476 -0.60 -23.75 -24.73
C ASP B 476 0.10 -23.68 -23.38
N LEU B 477 0.38 -24.83 -22.77
CA LEU B 477 1.07 -24.90 -21.48
C LEU B 477 2.48 -25.45 -21.61
N ASN B 478 3.08 -25.34 -22.79
CA ASN B 478 4.46 -25.74 -23.04
C ASN B 478 4.68 -27.24 -22.83
N LEU B 479 3.64 -28.04 -23.02
CA LEU B 479 3.75 -29.49 -22.95
C LEU B 479 3.92 -30.05 -24.37
N GLN B 480 3.86 -31.38 -24.49
CA GLN B 480 4.09 -32.04 -25.77
C GLN B 480 2.78 -32.33 -26.48
N GLU B 481 2.74 -32.02 -27.77
CA GLU B 481 1.56 -32.30 -28.59
C GLU B 481 1.37 -33.80 -28.77
N LYS B 482 0.13 -34.24 -28.64
CA LYS B 482 -0.21 -35.64 -28.86
C LYS B 482 -0.98 -35.78 -30.18
N PRO B 483 -0.41 -36.41 -31.19
CA PRO B 483 -1.16 -36.63 -32.43
C PRO B 483 -2.41 -37.47 -32.17
N GLY B 484 -3.49 -37.11 -32.87
CA GLY B 484 -4.77 -37.76 -32.68
C GLY B 484 -5.75 -37.01 -31.79
N VAL B 485 -5.35 -35.85 -31.27
CA VAL B 485 -6.23 -35.04 -30.43
C VAL B 485 -6.91 -34.01 -31.31
N ILE B 486 -8.24 -33.98 -31.28
CA ILE B 486 -8.99 -33.04 -32.11
C ILE B 486 -8.94 -31.65 -31.51
N CYS B 487 -9.39 -31.51 -30.26
CA CYS B 487 -9.37 -30.22 -29.59
C CYS B 487 -9.46 -30.46 -28.09
N ASP B 488 -9.07 -29.44 -27.33
CA ASP B 488 -9.18 -29.43 -25.88
C ASP B 488 -10.04 -28.25 -25.46
N ALA B 489 -10.99 -28.50 -24.54
CA ALA B 489 -11.91 -27.48 -24.08
C ALA B 489 -11.90 -27.45 -22.55
N LEU B 490 -11.72 -26.26 -21.99
CA LEU B 490 -11.74 -26.05 -20.55
C LEU B 490 -13.06 -25.42 -20.17
N LEU B 491 -13.88 -26.15 -19.41
CA LEU B 491 -15.22 -25.72 -19.04
C LEU B 491 -15.19 -25.07 -17.66
N ILE B 492 -15.65 -23.83 -17.58
CA ILE B 492 -15.78 -23.10 -16.32
C ILE B 492 -17.25 -22.71 -16.19
N ALA B 493 -18.03 -23.54 -15.49
CA ALA B 493 -19.46 -23.39 -15.41
C ALA B 493 -19.90 -23.24 -13.95
N GLN B 494 -21.14 -22.80 -13.77
CA GLN B 494 -21.70 -22.65 -12.44
C GLN B 494 -22.08 -24.01 -11.87
N ASN B 495 -21.88 -24.16 -10.56
CA ASN B 495 -22.15 -25.41 -9.84
C ASN B 495 -21.42 -26.60 -10.45
N SER B 496 -20.17 -26.38 -10.86
CA SER B 496 -19.36 -27.44 -11.43
C SER B 496 -17.89 -27.03 -11.39
N THR B 497 -17.05 -27.96 -10.96
CA THR B 497 -15.62 -27.73 -10.96
C THR B 497 -15.11 -27.63 -12.39
N PRO B 498 -14.01 -26.92 -12.62
CA PRO B 498 -13.45 -26.84 -13.97
C PRO B 498 -13.11 -28.22 -14.52
N ILE B 499 -13.46 -28.45 -15.77
CA ILE B 499 -13.23 -29.72 -16.46
C ILE B 499 -12.49 -29.44 -17.75
N LEU B 500 -11.39 -30.15 -17.97
CA LEU B 500 -10.64 -30.07 -19.22
C LEU B 500 -11.02 -31.27 -20.08
N TYR B 501 -11.72 -31.02 -21.17
CA TYR B 501 -12.17 -32.06 -22.08
C TYR B 501 -11.13 -32.28 -23.18
N THR B 502 -10.76 -33.53 -23.41
CA THR B 502 -9.86 -33.91 -24.49
C THR B 502 -10.63 -34.80 -25.45
N ILE B 503 -10.93 -34.29 -26.64
CA ILE B 503 -11.68 -35.02 -27.65
C ILE B 503 -10.68 -35.73 -28.56
N LEU B 504 -10.81 -37.05 -28.65
CA LEU B 504 -9.95 -37.87 -29.48
C LEU B 504 -10.70 -38.38 -30.70
N ARG B 505 -10.02 -38.40 -31.85
CA ARG B 505 -10.61 -38.95 -33.06
C ARG B 505 -10.90 -40.43 -32.90
N GLU B 506 -9.98 -41.18 -32.29
CA GLU B 506 -10.15 -42.60 -32.04
C GLU B 506 -9.71 -42.91 -30.62
N GLN B 507 -10.24 -44.01 -30.08
CA GLN B 507 -9.89 -44.40 -28.72
C GLN B 507 -8.40 -44.69 -28.59
N ASP B 508 -7.79 -44.16 -27.54
CA ASP B 508 -6.37 -44.32 -27.30
C ASP B 508 -6.14 -44.61 -25.82
N ALA B 509 -5.25 -45.56 -25.54
CA ALA B 509 -4.92 -45.87 -24.15
C ALA B 509 -4.23 -44.69 -23.47
N GLU B 510 -3.35 -44.01 -24.19
CA GLU B 510 -2.63 -42.85 -23.66
C GLU B 510 -3.52 -41.62 -23.54
N GLY B 511 -4.72 -41.64 -24.13
CA GLY B 511 -5.56 -40.45 -24.14
C GLY B 511 -5.92 -39.96 -22.75
N GLN B 512 -6.20 -40.89 -21.82
CA GLN B 512 -6.51 -40.49 -20.46
C GLN B 512 -5.28 -39.91 -19.77
N ASP B 513 -4.10 -40.45 -20.06
CA ASP B 513 -2.87 -39.93 -19.47
C ASP B 513 -2.58 -38.53 -19.99
N TYR B 514 -2.87 -38.27 -21.27
CA TYR B 514 -2.65 -36.94 -21.83
C TYR B 514 -3.55 -35.90 -21.18
N CYS B 515 -4.83 -36.25 -20.97
CA CYS B 515 -5.76 -35.28 -20.39
C CYS B 515 -5.48 -35.05 -18.91
N THR B 516 -5.11 -36.10 -18.18
CA THR B 516 -4.83 -35.94 -16.76
C THR B 516 -3.59 -35.08 -16.53
N ARG B 517 -2.54 -35.29 -17.33
CA ARG B 517 -1.31 -34.52 -17.15
C ARG B 517 -1.51 -33.05 -17.49
N THR B 518 -2.38 -32.75 -18.46
CA THR B 518 -2.65 -31.35 -18.80
C THR B 518 -3.53 -30.68 -17.74
N ALA B 519 -4.51 -31.40 -17.22
CA ALA B 519 -5.35 -30.86 -16.15
C ALA B 519 -4.55 -30.58 -14.89
N PHE B 520 -3.63 -31.48 -14.53
CA PHE B 520 -2.78 -31.25 -13.37
C PHE B 520 -1.87 -30.04 -13.59
N THR B 521 -1.30 -29.93 -14.80
CA THR B 521 -0.44 -28.79 -15.09
C THR B 521 -1.22 -27.48 -15.07
N LEU B 522 -2.44 -27.49 -15.63
CA LEU B 522 -3.24 -26.27 -15.66
C LEU B 522 -3.69 -25.87 -14.27
N LYS B 523 -4.01 -26.85 -13.41
CA LYS B 523 -4.43 -26.53 -12.05
C LYS B 523 -3.29 -25.90 -11.25
N GLN B 524 -2.07 -26.41 -11.42
CA GLN B 524 -0.94 -25.84 -10.71
C GLN B 524 -0.61 -24.44 -11.20
N LYS B 525 -0.75 -24.19 -12.51
CA LYS B 525 -0.50 -22.86 -13.04
C LYS B 525 -1.50 -21.85 -12.50
N LEU B 526 -2.77 -22.24 -12.38
CA LEU B 526 -3.79 -21.34 -11.84
C LEU B 526 -3.48 -20.91 -10.41
N VAL B 527 -2.74 -21.71 -9.65
CA VAL B 527 -2.43 -21.41 -8.26
C VAL B 527 -1.06 -20.75 -8.16
N ASN B 528 -0.03 -21.45 -8.62
CA ASN B 528 1.33 -20.98 -8.45
C ASN B 528 1.68 -19.82 -9.38
N MET B 529 0.95 -19.66 -10.48
CA MET B 529 1.24 -18.60 -11.45
C MET B 529 0.11 -17.59 -11.58
N GLY B 530 -1.14 -18.06 -11.64
CA GLY B 530 -2.26 -17.15 -11.71
C GLY B 530 -2.69 -16.54 -10.40
N GLY B 531 -2.16 -17.02 -9.29
CA GLY B 531 -2.48 -16.45 -7.99
C GLY B 531 -3.91 -16.65 -7.55
N TYR B 532 -4.47 -17.83 -7.75
CA TYR B 532 -5.85 -18.09 -7.32
C TYR B 532 -5.84 -18.55 -5.87
N THR B 533 -6.48 -17.77 -5.00
CA THR B 533 -6.47 -18.01 -3.57
C THR B 533 -7.63 -18.89 -3.09
N GLY B 534 -8.50 -19.31 -3.99
CA GLY B 534 -9.63 -20.15 -3.64
C GLY B 534 -9.30 -21.62 -3.77
N LYS B 535 -10.35 -22.44 -3.69
CA LYS B 535 -10.24 -23.89 -3.84
C LYS B 535 -10.53 -24.26 -5.28
N VAL B 536 -9.54 -24.81 -5.97
CA VAL B 536 -9.65 -25.11 -7.39
C VAL B 536 -9.20 -26.55 -7.63
N CYS B 537 -10.00 -27.28 -8.40
CA CYS B 537 -9.62 -28.59 -8.91
C CYS B 537 -10.07 -28.69 -10.36
N VAL B 538 -9.22 -29.25 -11.20
CA VAL B 538 -9.51 -29.39 -12.63
C VAL B 538 -9.69 -30.87 -12.93
N ARG B 539 -10.90 -31.26 -13.29
CA ARG B 539 -11.20 -32.63 -13.67
C ARG B 539 -10.75 -32.90 -15.09
N ALA B 540 -10.27 -34.10 -15.33
CA ALA B 540 -9.80 -34.53 -16.65
C ALA B 540 -10.79 -35.53 -17.21
N LYS B 541 -11.43 -35.16 -18.32
CA LYS B 541 -12.40 -36.02 -18.98
C LYS B 541 -12.02 -36.19 -20.44
N VAL B 542 -12.16 -37.41 -20.96
CA VAL B 542 -11.79 -37.76 -22.32
C VAL B 542 -13.03 -38.18 -23.08
N LEU B 543 -13.25 -37.56 -24.24
CA LEU B 543 -14.35 -37.90 -25.13
C LEU B 543 -13.78 -38.43 -26.44
N CYS B 544 -14.52 -39.34 -27.07
CA CYS B 544 -14.11 -39.93 -28.34
C CYS B 544 -15.19 -39.66 -29.38
N LEU B 545 -14.78 -39.06 -30.51
CA LEU B 545 -15.73 -38.79 -31.58
C LEU B 545 -16.27 -40.07 -32.18
N SER B 546 -15.42 -41.06 -32.41
CA SER B 546 -15.85 -42.32 -33.00
C SER B 546 -16.51 -43.19 -31.92
N PRO B 547 -17.77 -43.60 -32.11
CA PRO B 547 -18.49 -44.45 -31.15
C PRO B 547 -17.78 -45.79 -30.91
N VAL B 558 -8.13 -46.69 -11.45
CA VAL B 558 -8.29 -45.30 -11.05
C VAL B 558 -9.73 -44.85 -11.26
N SER B 559 -10.25 -44.10 -10.30
CA SER B 559 -11.61 -43.60 -10.34
C SER B 559 -11.60 -42.09 -10.13
N PRO B 560 -12.59 -41.38 -10.67
CA PRO B 560 -12.63 -39.92 -10.49
C PRO B 560 -12.94 -39.57 -9.05
N MET B 561 -12.00 -38.89 -8.39
CA MET B 561 -12.16 -38.53 -6.99
C MET B 561 -13.27 -37.50 -6.83
N ASP B 562 -14.07 -37.67 -5.78
CA ASP B 562 -15.24 -36.83 -5.53
C ASP B 562 -14.81 -35.70 -4.59
N TYR B 563 -14.67 -34.50 -5.15
CA TYR B 563 -14.26 -33.35 -4.37
C TYR B 563 -15.44 -32.79 -3.56
N PRO B 564 -15.17 -32.06 -2.48
CA PRO B 564 -16.26 -31.52 -1.67
C PRO B 564 -17.06 -30.47 -2.42
N ALA B 565 -18.23 -30.12 -1.85
CA ALA B 565 -19.10 -29.14 -2.48
C ALA B 565 -18.53 -27.73 -2.45
N SER B 566 -17.48 -27.49 -1.66
CA SER B 566 -16.85 -26.18 -1.64
C SER B 566 -15.93 -25.96 -2.82
N TYR B 567 -15.62 -27.00 -3.59
CA TYR B 567 -14.80 -26.87 -4.79
C TYR B 567 -15.62 -26.48 -6.02
N SER B 568 -16.95 -26.57 -5.94
CA SER B 568 -17.80 -26.21 -7.06
C SER B 568 -18.00 -24.70 -7.13
N LEU B 569 -17.99 -24.17 -8.36
CA LEU B 569 -18.17 -22.74 -8.59
C LEU B 569 -19.61 -22.38 -8.28
N ALA B 570 -19.83 -21.73 -7.13
CA ALA B 570 -21.19 -21.47 -6.67
C ALA B 570 -21.86 -20.36 -7.48
N GLY B 571 -21.14 -19.30 -7.78
CA GLY B 571 -21.77 -18.16 -8.44
C GLY B 571 -20.78 -17.38 -9.29
N THR B 572 -21.23 -16.19 -9.71
CA THR B 572 -20.45 -15.38 -10.63
C THR B 572 -19.12 -14.94 -10.01
N GLN B 573 -19.12 -14.68 -8.70
CA GLN B 573 -17.91 -14.18 -8.06
C GLN B 573 -16.78 -15.18 -8.14
N HIS B 574 -17.08 -16.48 -7.94
CA HIS B 574 -16.03 -17.49 -7.99
C HIS B 574 -15.59 -17.75 -9.43
N MET B 575 -16.54 -17.80 -10.37
CA MET B 575 -16.17 -18.00 -11.77
C MET B 575 -15.38 -16.81 -12.31
N GLU B 576 -15.78 -15.59 -11.94
CA GLU B 576 -15.04 -14.41 -12.38
C GLU B 576 -13.64 -14.38 -11.78
N ALA B 577 -13.51 -14.74 -10.51
CA ALA B 577 -12.20 -14.73 -9.87
C ALA B 577 -11.29 -15.83 -10.41
N LEU B 578 -11.89 -16.95 -10.84
CA LEU B 578 -11.09 -18.02 -11.42
C LEU B 578 -10.58 -17.64 -12.80
N LEU B 579 -11.39 -16.96 -13.59
CA LEU B 579 -10.98 -16.56 -14.93
C LEU B 579 -9.93 -15.46 -14.91
N GLN B 580 -9.98 -14.56 -13.92
CA GLN B 580 -8.96 -13.53 -13.82
C GLN B 580 -7.58 -14.13 -13.54
N SER B 581 -7.53 -15.28 -12.86
CA SER B 581 -6.27 -15.97 -12.67
C SER B 581 -5.85 -16.75 -13.91
N LEU B 582 -6.81 -17.16 -14.74
CA LEU B 582 -6.47 -17.80 -16.00
C LEU B 582 -5.91 -16.79 -17.00
N VAL B 583 -6.32 -15.54 -16.90
CA VAL B 583 -5.77 -14.49 -17.76
C VAL B 583 -4.28 -14.34 -17.52
N ILE B 584 -3.87 -14.33 -16.24
CA ILE B 584 -2.45 -14.22 -15.91
C ILE B 584 -1.69 -15.45 -16.38
N VAL B 585 -2.32 -16.62 -16.27
CA VAL B 585 -1.67 -17.85 -16.73
C VAL B 585 -1.49 -17.84 -18.24
N LEU B 586 -2.52 -17.42 -18.98
CA LEU B 586 -2.43 -17.42 -20.43
C LEU B 586 -1.39 -16.44 -20.93
N LEU B 587 -1.30 -15.26 -20.30
CA LEU B 587 -0.38 -14.23 -20.75
C LEU B 587 1.08 -14.62 -20.60
N GLY B 588 1.38 -15.65 -19.81
CA GLY B 588 2.75 -16.11 -19.65
C GLY B 588 3.23 -17.09 -20.68
N PHE B 589 2.37 -17.51 -21.61
CA PHE B 589 2.70 -18.48 -22.63
C PHE B 589 2.46 -17.89 -24.00
N ARG B 590 2.70 -18.72 -25.03
CA ARG B 590 2.49 -18.33 -26.42
C ARG B 590 1.36 -19.18 -27.00
N SER B 591 0.22 -18.54 -27.24
CA SER B 591 -0.94 -19.24 -27.76
C SER B 591 -1.86 -18.23 -28.43
N LEU B 592 -3.02 -18.71 -28.88
CA LEU B 592 -4.00 -17.83 -29.51
C LEU B 592 -4.59 -16.86 -28.49
N LEU B 593 -5.03 -17.37 -27.34
CA LEU B 593 -5.61 -16.52 -26.33
C LEU B 593 -4.54 -15.67 -25.64
N SER B 594 -3.29 -16.14 -25.63
CA SER B 594 -2.20 -15.32 -25.12
C SER B 594 -1.98 -14.10 -26.00
N ASP B 595 -2.11 -14.27 -27.32
CA ASP B 595 -1.96 -13.15 -28.25
C ASP B 595 -3.17 -12.22 -28.23
N GLN B 596 -4.38 -12.77 -28.10
CA GLN B 596 -5.57 -11.92 -28.05
C GLN B 596 -5.62 -11.13 -26.74
N LEU B 597 -5.06 -11.68 -25.67
CA LEU B 597 -4.91 -10.90 -24.45
C LEU B 597 -3.75 -9.92 -24.57
N GLY B 598 -2.71 -10.28 -25.32
CA GLY B 598 -1.61 -9.35 -25.54
C GLY B 598 -2.03 -8.13 -26.33
N CYS B 599 -2.96 -8.31 -27.28
CA CYS B 599 -3.46 -7.17 -28.05
C CYS B 599 -4.31 -6.25 -27.17
N GLU B 600 -5.05 -6.82 -26.22
CA GLU B 600 -5.90 -6.01 -25.37
C GLU B 600 -5.09 -5.25 -24.31
N VAL B 601 -3.94 -5.79 -23.91
CA VAL B 601 -3.07 -5.05 -23.00
C VAL B 601 -2.51 -3.81 -23.69
N LEU B 602 -2.13 -3.95 -24.96
CA LEU B 602 -1.65 -2.79 -25.71
C LEU B 602 -2.73 -1.73 -25.86
N ASN B 603 -3.98 -2.15 -26.05
CA ASN B 603 -5.07 -1.17 -26.13
C ASN B 603 -5.35 -0.52 -24.78
N LEU B 604 -4.99 -1.19 -23.68
CA LEU B 604 -5.15 -0.58 -22.37
C LEU B 604 -3.97 0.30 -22.01
N LEU B 605 -2.77 -0.02 -22.50
CA LEU B 605 -1.63 0.87 -22.32
C LEU B 605 -1.80 2.16 -23.10
N THR B 606 -2.32 2.06 -24.33
CA THR B 606 -2.55 3.25 -25.13
C THR B 606 -3.62 4.15 -24.49
N ALA B 607 -4.68 3.54 -23.95
CA ALA B 607 -5.71 4.34 -23.29
C ALA B 607 -5.20 5.01 -22.03
N GLN B 608 -4.14 4.46 -21.43
CA GLN B 608 -3.53 5.12 -20.27
C GLN B 608 -2.76 6.36 -20.69
N GLN B 609 -2.03 6.28 -21.81
CA GLN B 609 -1.27 7.43 -22.28
C GLN B 609 -2.17 8.49 -22.88
N TYR B 610 -3.31 8.09 -23.45
CA TYR B 610 -4.23 9.07 -24.01
C TYR B 610 -4.83 9.95 -22.92
N GLU B 611 -5.15 9.36 -21.76
CA GLU B 611 -5.74 10.15 -20.67
C GLU B 611 -4.79 11.25 -20.22
N ILE B 612 -3.49 10.96 -20.14
CA ILE B 612 -2.50 11.99 -19.85
C ILE B 612 -2.45 13.00 -20.99
N PHE B 613 -2.51 12.52 -22.24
CA PHE B 613 -2.38 13.39 -23.40
C PHE B 613 -3.66 14.18 -23.68
N SER B 614 -4.82 13.62 -23.34
CA SER B 614 -6.09 14.29 -23.67
C SER B 614 -6.32 15.55 -22.85
N ARG B 615 -5.54 15.79 -21.80
CA ARG B 615 -5.71 16.99 -20.99
C ARG B 615 -5.25 18.26 -21.69
N SER B 616 -4.57 18.14 -22.83
CA SER B 616 -4.05 19.30 -23.54
C SER B 616 -5.09 19.97 -24.43
N LEU B 617 -6.26 19.38 -24.60
CA LEU B 617 -7.29 20.02 -25.43
C LEU B 617 -7.79 21.30 -24.79
N ARG B 618 -7.94 21.32 -23.47
CA ARG B 618 -8.40 22.53 -22.79
C ARG B 618 -7.34 23.62 -22.77
N LYS B 619 -6.07 23.25 -22.88
CA LYS B 619 -4.98 24.20 -22.74
C LYS B 619 -4.43 24.72 -24.07
N ASN B 620 -4.58 23.98 -25.15
CA ASN B 620 -3.96 24.33 -26.42
C ASN B 620 -5.00 24.43 -27.53
N ARG B 621 -4.69 25.27 -28.52
CA ARG B 621 -5.44 25.36 -29.76
C ARG B 621 -4.60 24.94 -30.96
N GLU B 622 -3.39 25.47 -31.07
CA GLU B 622 -2.41 24.99 -32.04
C GLU B 622 -1.34 24.20 -31.29
N LEU B 623 -1.09 22.98 -31.75
CA LEU B 623 -0.17 22.09 -31.06
C LEU B 623 0.64 21.30 -32.09
N PHE B 624 1.89 21.01 -31.74
CA PHE B 624 2.79 20.23 -32.58
C PHE B 624 3.23 18.99 -31.80
N VAL B 625 2.58 17.87 -32.07
CA VAL B 625 2.79 16.64 -31.33
C VAL B 625 3.94 15.88 -31.98
N HIS B 626 5.06 15.78 -31.27
CA HIS B 626 6.22 15.03 -31.74
C HIS B 626 6.18 13.66 -31.08
N GLY B 627 5.68 12.67 -31.82
CA GLY B 627 5.55 11.32 -31.31
C GLY B 627 6.74 10.46 -31.69
N LEU B 628 6.94 9.39 -30.95
CA LEU B 628 7.97 8.42 -31.28
C LEU B 628 7.37 7.24 -32.03
N PRO B 629 8.18 6.50 -32.78
CA PRO B 629 7.65 5.30 -33.46
C PRO B 629 7.12 4.29 -32.47
N GLY B 630 5.94 3.74 -32.78
CA GLY B 630 5.30 2.79 -31.90
C GLY B 630 4.65 3.38 -30.68
N SER B 631 4.55 4.71 -30.58
CA SER B 631 3.99 5.37 -29.42
C SER B 631 2.49 5.61 -29.54
N GLY B 632 1.86 5.17 -30.63
CA GLY B 632 0.44 5.37 -30.79
C GLY B 632 0.04 6.74 -31.29
N LYS B 633 0.89 7.39 -32.07
CA LYS B 633 0.60 8.75 -32.54
C LYS B 633 -0.70 8.79 -33.34
N THR B 634 -0.91 7.80 -34.22
CA THR B 634 -2.13 7.76 -35.00
C THR B 634 -3.35 7.44 -34.15
N ILE B 635 -3.16 6.65 -33.09
CA ILE B 635 -4.28 6.27 -32.24
C ILE B 635 -4.82 7.47 -31.48
N MET B 636 -3.93 8.32 -30.95
CA MET B 636 -4.38 9.50 -30.23
C MET B 636 -5.11 10.47 -31.16
N ALA B 637 -4.69 10.54 -32.43
CA ALA B 637 -5.35 11.44 -33.37
C ALA B 637 -6.82 11.06 -33.55
N MET B 638 -7.11 9.76 -33.67
CA MET B 638 -8.50 9.32 -33.78
C MET B 638 -9.25 9.58 -32.49
N LYS B 639 -8.62 9.31 -31.34
CA LYS B 639 -9.30 9.50 -30.06
C LYS B 639 -9.55 10.96 -29.76
N ILE B 640 -8.64 11.85 -30.16
CA ILE B 640 -8.82 13.27 -29.92
C ILE B 640 -10.05 13.79 -30.65
N MET B 641 -10.23 13.38 -31.91
CA MET B 641 -11.37 13.86 -32.70
C MET B 641 -12.70 13.42 -32.12
N GLU B 642 -12.73 12.31 -31.37
CA GLU B 642 -13.95 11.96 -30.66
C GLU B 642 -14.16 12.86 -29.46
N LYS B 643 -13.08 13.31 -28.82
CA LYS B 643 -13.19 14.23 -27.71
C LYS B 643 -13.52 15.65 -28.17
N ILE B 644 -12.99 16.06 -29.32
CA ILE B 644 -13.29 17.40 -29.85
C ILE B 644 -14.79 17.53 -30.13
N ARG B 645 -15.38 16.48 -30.72
CA ARG B 645 -16.81 16.52 -31.01
C ARG B 645 -17.65 16.65 -29.75
N ASN B 646 -17.28 15.93 -28.69
CA ASN B 646 -18.07 15.98 -27.45
C ASN B 646 -17.86 17.30 -26.72
N VAL B 647 -16.60 17.75 -26.61
CA VAL B 647 -16.30 18.92 -25.80
C VAL B 647 -16.84 20.19 -26.45
N PHE B 648 -16.64 20.34 -27.76
CA PHE B 648 -17.06 21.54 -28.47
C PHE B 648 -18.46 21.43 -29.05
N HIS B 649 -19.11 20.27 -28.91
CA HIS B 649 -20.48 20.05 -29.37
C HIS B 649 -20.65 20.29 -30.87
N CYS B 650 -19.57 20.22 -31.63
CA CYS B 650 -19.64 20.43 -33.07
C CYS B 650 -20.04 19.14 -33.77
N GLU B 651 -20.60 19.28 -34.97
CA GLU B 651 -20.99 18.13 -35.76
C GLU B 651 -19.75 17.42 -36.31
N ALA B 652 -19.91 16.12 -36.58
CA ALA B 652 -18.77 15.27 -36.91
C ALA B 652 -18.06 15.73 -38.18
N HIS B 653 -18.79 16.30 -39.14
CA HIS B 653 -18.17 16.70 -40.40
C HIS B 653 -17.41 18.01 -40.27
N ARG B 654 -17.51 18.71 -39.14
CA ARG B 654 -16.79 19.95 -38.93
C ARG B 654 -15.30 19.75 -38.68
N ILE B 655 -14.88 18.52 -38.37
CA ILE B 655 -13.48 18.21 -38.10
C ILE B 655 -12.86 17.60 -39.34
N LEU B 656 -11.71 18.13 -39.75
CA LEU B 656 -11.02 17.68 -40.94
C LEU B 656 -9.74 16.96 -40.57
N TYR B 657 -9.53 15.79 -41.14
CA TYR B 657 -8.33 14.99 -40.93
C TYR B 657 -7.55 14.92 -42.24
N VAL B 658 -6.29 15.34 -42.19
CA VAL B 658 -5.45 15.45 -43.38
C VAL B 658 -4.25 14.53 -43.22
N CYS B 659 -4.03 13.65 -44.20
CA CYS B 659 -2.92 12.73 -44.19
C CYS B 659 -2.33 12.63 -45.60
N GLU B 660 -1.06 12.25 -45.65
CA GLU B 660 -0.37 12.16 -46.94
C GLU B 660 -0.82 10.95 -47.74
N ASN B 661 -0.98 9.80 -47.08
CA ASN B 661 -1.24 8.54 -47.76
C ASN B 661 -2.74 8.30 -47.93
N GLN B 662 -3.07 7.57 -49.00
CA GLN B 662 -4.45 7.20 -49.32
C GLN B 662 -4.95 6.03 -48.48
N PRO B 663 -4.16 4.95 -48.29
CA PRO B 663 -4.65 3.86 -47.43
C PRO B 663 -4.99 4.30 -46.02
N LEU B 664 -4.21 5.21 -45.44
CA LEU B 664 -4.54 5.73 -44.12
C LEU B 664 -5.82 6.56 -44.15
N ARG B 665 -6.03 7.33 -45.22
CA ARG B 665 -7.24 8.12 -45.35
C ARG B 665 -8.48 7.24 -45.39
N ASN B 666 -8.40 6.10 -46.10
CA ASN B 666 -9.55 5.21 -46.18
C ASN B 666 -9.92 4.65 -44.82
N PHE B 667 -8.91 4.26 -44.02
CA PHE B 667 -9.19 3.68 -42.71
C PHE B 667 -9.86 4.70 -41.79
N ILE B 668 -9.39 5.95 -41.80
CA ILE B 668 -9.97 6.97 -40.93
C ILE B 668 -11.38 7.33 -41.39
N SER B 669 -11.58 7.44 -42.70
CA SER B 669 -12.88 7.85 -43.23
C SER B 669 -13.96 6.81 -42.98
N ASP B 670 -13.56 5.54 -42.80
CA ASP B 670 -14.53 4.47 -42.55
C ASP B 670 -15.10 4.50 -41.14
N ARG B 671 -14.44 5.17 -40.19
CA ARG B 671 -14.90 5.17 -38.82
C ARG B 671 -15.99 6.21 -38.56
N ASN B 672 -16.26 7.09 -39.51
CA ASN B 672 -17.35 8.07 -39.43
C ASN B 672 -17.23 8.94 -38.17
N ILE B 673 -16.01 9.40 -37.89
CA ILE B 673 -15.78 10.32 -36.77
C ILE B 673 -15.40 11.71 -37.23
N CYS B 674 -15.01 11.89 -38.48
CA CYS B 674 -14.59 13.17 -39.02
C CYS B 674 -14.61 13.06 -40.54
N ARG B 675 -14.05 14.07 -41.21
CA ARG B 675 -13.81 14.02 -42.65
C ARG B 675 -12.34 13.82 -42.90
N ALA B 676 -11.98 12.69 -43.51
CA ALA B 676 -10.60 12.35 -43.78
C ALA B 676 -10.30 12.60 -45.26
N GLU B 677 -9.34 13.47 -45.53
CA GLU B 677 -8.97 13.82 -46.88
C GLU B 677 -7.47 13.82 -47.02
N THR B 678 -7.01 13.54 -48.25
CA THR B 678 -5.60 13.56 -48.58
C THR B 678 -5.12 15.02 -48.65
N ARG B 679 -3.81 15.20 -48.48
CA ARG B 679 -3.22 16.53 -48.55
C ARG B 679 -3.55 17.22 -49.87
N LYS B 680 -3.49 16.48 -50.97
CA LYS B 680 -3.78 17.06 -52.27
C LYS B 680 -5.22 17.54 -52.36
N THR B 681 -6.16 16.76 -51.83
CA THR B 681 -7.55 17.20 -51.80
C THR B 681 -7.73 18.41 -50.88
N PHE B 682 -6.93 18.48 -49.82
CA PHE B 682 -7.02 19.63 -48.91
C PHE B 682 -6.65 20.93 -49.62
N LEU B 683 -5.60 20.90 -50.45
CA LEU B 683 -5.18 22.10 -51.16
C LEU B 683 -6.12 22.42 -52.33
N ARG B 684 -6.75 21.40 -52.90
CA ARG B 684 -7.60 21.62 -54.07
C ARG B 684 -8.99 22.08 -53.65
N GLU B 685 -9.69 21.28 -52.86
CA GLU B 685 -11.07 21.58 -52.48
C GLU B 685 -11.08 22.76 -51.49
N ASN B 686 -12.27 23.33 -51.29
CA ASN B 686 -12.47 24.45 -50.39
C ASN B 686 -13.16 23.96 -49.13
N PHE B 687 -12.64 24.37 -47.98
CA PHE B 687 -13.10 23.89 -46.68
C PHE B 687 -13.40 25.06 -45.75
N GLU B 688 -14.16 26.05 -46.25
CA GLU B 688 -14.49 27.20 -45.43
C GLU B 688 -15.44 26.86 -44.28
N HIS B 689 -16.17 25.75 -44.38
CA HIS B 689 -17.09 25.35 -43.32
C HIS B 689 -16.43 24.51 -42.24
N ILE B 690 -15.15 24.23 -42.36
CA ILE B 690 -14.44 23.41 -41.38
C ILE B 690 -13.96 24.30 -40.23
N GLN B 691 -14.20 23.85 -39.00
CA GLN B 691 -13.80 24.58 -37.80
C GLN B 691 -12.47 24.11 -37.24
N HIS B 692 -12.30 22.80 -37.07
CA HIS B 692 -11.09 22.22 -36.50
C HIS B 692 -10.41 21.33 -37.53
N ILE B 693 -9.08 21.37 -37.54
CA ILE B 693 -8.27 20.60 -38.49
C ILE B 693 -7.23 19.81 -37.71
N VAL B 694 -7.16 18.51 -37.97
CA VAL B 694 -6.17 17.62 -37.38
C VAL B 694 -5.32 17.05 -38.50
N ILE B 695 -4.00 17.21 -38.38
CA ILE B 695 -3.06 16.80 -39.42
C ILE B 695 -2.19 15.69 -38.87
N ASP B 696 -2.10 14.59 -39.60
CA ASP B 696 -1.32 13.43 -39.20
C ASP B 696 -0.20 13.19 -40.19
N GLU B 697 0.86 12.54 -39.71
CA GLU B 697 2.11 12.30 -40.44
C GLU B 697 2.48 13.52 -41.29
N ALA B 698 2.56 14.68 -40.64
CA ALA B 698 2.87 15.92 -41.33
C ALA B 698 4.28 15.95 -41.88
N GLN B 699 5.17 15.09 -41.38
CA GLN B 699 6.55 15.06 -41.89
C GLN B 699 6.65 14.51 -43.30
N ASN B 700 5.58 13.89 -43.81
CA ASN B 700 5.58 13.34 -45.17
C ASN B 700 4.91 14.26 -46.18
N PHE B 701 4.49 15.45 -45.77
CA PHE B 701 3.84 16.37 -46.69
C PHE B 701 4.88 17.00 -47.63
N ARG B 702 4.38 17.65 -48.69
CA ARG B 702 5.23 18.29 -49.67
C ARG B 702 4.67 19.65 -50.04
N THR B 703 5.57 20.54 -50.48
CA THR B 703 5.20 21.88 -50.92
C THR B 703 4.98 21.98 -52.42
N GLU B 704 5.13 20.89 -53.17
CA GLU B 704 5.03 20.95 -54.62
C GLU B 704 3.63 21.33 -55.09
N ASP B 705 2.62 21.19 -54.24
CA ASP B 705 1.25 21.52 -54.60
C ASP B 705 0.77 22.83 -53.99
N GLY B 706 1.48 23.35 -52.98
CA GLY B 706 1.10 24.60 -52.36
C GLY B 706 1.36 24.64 -50.87
N ASP B 707 0.96 25.73 -50.22
CA ASP B 707 1.18 25.92 -48.79
C ASP B 707 0.02 25.29 -48.04
N TRP B 708 0.24 24.08 -47.53
CA TRP B 708 -0.79 23.42 -46.73
C TRP B 708 -0.89 23.98 -45.32
N TYR B 709 0.24 24.37 -44.73
CA TYR B 709 0.22 24.94 -43.39
C TYR B 709 -0.46 26.31 -43.38
N GLY B 710 -0.19 27.14 -44.39
CA GLY B 710 -0.82 28.44 -44.44
C GLY B 710 -2.33 28.36 -44.60
N LYS B 711 -2.80 27.44 -45.45
CA LYS B 711 -4.24 27.25 -45.61
C LYS B 711 -4.87 26.69 -44.34
N ALA B 712 -4.15 25.82 -43.63
CA ALA B 712 -4.69 25.23 -42.41
C ALA B 712 -4.93 26.30 -41.35
N LYS B 713 -3.99 27.23 -41.18
CA LYS B 713 -4.16 28.28 -40.18
C LYS B 713 -5.34 29.19 -40.53
N SER B 714 -5.47 29.56 -41.81
CA SER B 714 -6.52 30.49 -42.21
C SER B 714 -7.90 29.94 -41.92
N ILE B 715 -8.11 28.65 -42.22
CA ILE B 715 -9.41 28.03 -41.97
C ILE B 715 -9.71 27.98 -40.47
N THR B 716 -8.72 27.59 -39.66
CA THR B 716 -8.96 27.40 -38.24
C THR B 716 -9.09 28.74 -37.50
N ARG B 717 -8.27 29.73 -37.85
CA ARG B 717 -8.32 31.01 -37.14
C ARG B 717 -9.61 31.76 -37.42
N ARG B 718 -10.20 31.57 -38.60
CA ARG B 718 -11.45 32.23 -38.95
C ARG B 718 -12.68 31.49 -38.44
N ALA B 719 -12.53 30.59 -37.49
CA ALA B 719 -13.65 29.84 -36.97
C ALA B 719 -14.55 30.74 -36.12
N LYS B 720 -15.79 30.28 -35.90
CA LYS B 720 -16.74 31.05 -35.11
C LYS B 720 -16.26 31.19 -33.66
N GLY B 721 -15.75 30.12 -33.08
CA GLY B 721 -15.26 30.16 -31.71
C GLY B 721 -13.82 30.59 -31.61
N GLY B 722 -13.49 31.74 -32.20
CA GLY B 722 -12.13 32.24 -32.22
C GLY B 722 -11.19 31.30 -32.95
N PRO B 723 -10.00 31.09 -32.40
CA PRO B 723 -9.04 30.17 -33.03
C PRO B 723 -9.46 28.71 -32.85
N GLY B 724 -9.68 28.01 -33.95
CA GLY B 724 -10.05 26.61 -33.89
C GLY B 724 -8.87 25.72 -33.56
N ILE B 725 -9.18 24.46 -33.28
CA ILE B 725 -8.15 23.49 -32.96
C ILE B 725 -7.38 23.13 -34.22
N LEU B 726 -6.05 23.27 -34.17
CA LEU B 726 -5.16 22.86 -35.26
C LEU B 726 -4.01 22.10 -34.61
N TRP B 727 -4.20 20.79 -34.45
CA TRP B 727 -3.18 19.92 -33.88
C TRP B 727 -2.46 19.18 -35.00
N ILE B 728 -1.14 19.31 -35.03
CA ILE B 728 -0.32 18.74 -36.08
C ILE B 728 0.46 17.57 -35.49
N PHE B 729 0.19 16.37 -35.98
CA PHE B 729 0.89 15.17 -35.55
C PHE B 729 1.98 14.84 -36.55
N LEU B 730 3.20 14.63 -36.05
CA LEU B 730 4.32 14.29 -36.90
C LEU B 730 5.30 13.42 -36.13
N ASP B 731 6.12 12.70 -36.89
CA ASP B 731 7.17 11.85 -36.32
C ASP B 731 8.37 11.94 -37.25
N TYR B 732 9.45 12.56 -36.79
CA TYR B 732 10.60 12.81 -37.67
C TYR B 732 11.40 11.53 -37.93
N PHE B 733 11.17 10.47 -37.16
CA PHE B 733 11.87 9.21 -37.42
C PHE B 733 11.32 8.48 -38.62
N GLN B 734 10.11 8.83 -39.08
CA GLN B 734 9.45 8.15 -40.19
C GLN B 734 9.26 9.09 -41.38
N THR B 735 10.27 9.89 -41.68
CA THR B 735 10.21 10.75 -42.86
C THR B 735 10.53 9.93 -44.11
N SER B 736 9.64 9.98 -45.09
CA SER B 736 9.75 9.14 -46.28
C SER B 736 10.37 9.84 -47.48
N HIS B 737 10.77 11.11 -47.34
CA HIS B 737 11.39 11.82 -48.45
C HIS B 737 12.36 12.86 -47.88
N LEU B 738 13.31 13.25 -48.72
CA LEU B 738 14.34 14.23 -48.36
C LEU B 738 13.97 15.65 -48.75
N ASP B 739 12.75 15.86 -49.26
CA ASP B 739 12.33 17.20 -49.66
C ASP B 739 11.73 17.95 -48.47
N CYS B 740 11.46 19.23 -48.68
CA CYS B 740 10.91 20.07 -47.63
C CYS B 740 9.45 19.72 -47.39
N SER B 741 9.09 19.50 -46.13
CA SER B 741 7.73 19.11 -45.78
C SER B 741 6.79 20.31 -45.69
N GLY B 742 7.33 21.52 -45.66
CA GLY B 742 6.52 22.72 -45.52
C GLY B 742 6.20 23.10 -44.10
N LEU B 743 6.67 22.34 -43.11
CA LEU B 743 6.46 22.69 -41.73
C LEU B 743 7.28 23.92 -41.36
N PRO B 744 6.85 24.69 -40.36
CA PRO B 744 7.66 25.82 -39.89
C PRO B 744 8.94 25.32 -39.26
N PRO B 745 9.97 26.17 -39.18
CA PRO B 745 11.24 25.73 -38.57
C PRO B 745 11.03 25.20 -37.16
N LEU B 746 12.00 24.40 -36.72
CA LEU B 746 11.87 23.70 -35.44
C LEU B 746 11.66 24.67 -34.28
N SER B 747 12.22 25.87 -34.39
CA SER B 747 12.04 26.88 -33.35
C SER B 747 10.60 27.38 -33.25
N ASP B 748 9.86 27.41 -34.35
CA ASP B 748 8.50 27.90 -34.37
C ASP B 748 7.46 26.80 -34.13
N GLN B 749 7.89 25.56 -33.94
CA GLN B 749 6.96 24.44 -33.69
C GLN B 749 6.67 24.37 -32.19
N TYR B 750 5.80 25.28 -31.76
CA TYR B 750 5.39 25.36 -30.36
C TYR B 750 3.93 25.75 -30.28
N PRO B 751 3.20 25.31 -29.24
CA PRO B 751 3.63 24.42 -28.16
C PRO B 751 3.75 22.97 -28.61
N ARG B 752 4.33 22.11 -27.77
CA ARG B 752 4.60 20.73 -28.13
C ARG B 752 4.06 19.77 -27.09
N GLU B 753 3.66 18.59 -27.56
CA GLU B 753 3.44 17.43 -26.73
C GLU B 753 4.25 16.28 -27.31
N GLU B 754 5.01 15.60 -26.45
CA GLU B 754 5.90 14.55 -26.89
C GLU B 754 5.40 13.20 -26.39
N LEU B 755 5.15 12.29 -27.33
CA LEU B 755 4.74 10.92 -27.00
C LEU B 755 5.98 10.04 -27.08
N THR B 756 6.62 9.83 -25.93
CA THR B 756 7.85 9.06 -25.86
C THR B 756 7.63 7.60 -25.49
N ARG B 757 6.41 7.22 -25.09
CA ARG B 757 6.14 5.90 -24.56
C ARG B 757 5.72 4.98 -25.71
N ILE B 758 6.50 3.93 -25.95
CA ILE B 758 6.17 2.94 -26.96
C ILE B 758 5.10 2.02 -26.39
N VAL B 759 3.87 2.15 -26.87
CA VAL B 759 2.73 1.44 -26.31
C VAL B 759 1.92 0.70 -27.35
N ARG B 760 2.46 0.47 -28.55
CA ARG B 760 1.73 -0.25 -29.59
C ARG B 760 2.47 -1.47 -30.12
N ASN B 761 3.64 -1.78 -29.59
CA ASN B 761 4.43 -2.92 -30.05
C ASN B 761 4.84 -3.77 -28.86
N ALA B 762 4.98 -5.07 -29.12
CA ALA B 762 5.35 -6.01 -28.08
C ALA B 762 6.79 -5.75 -27.61
N ASP B 763 7.19 -6.49 -26.58
CA ASP B 763 8.53 -6.30 -26.01
C ASP B 763 9.65 -6.56 -27.00
N PRO B 764 9.69 -7.69 -27.73
CA PRO B 764 10.77 -7.86 -28.72
C PRO B 764 10.74 -6.81 -29.82
N ILE B 765 9.55 -6.35 -30.22
CA ILE B 765 9.46 -5.33 -31.26
C ILE B 765 9.93 -3.99 -30.72
N ALA B 766 9.53 -3.65 -29.49
CA ALA B 766 9.92 -2.37 -28.90
C ALA B 766 11.43 -2.27 -28.74
N LYS B 767 12.07 -3.33 -28.27
CA LYS B 767 13.53 -3.32 -28.12
C LYS B 767 14.22 -3.21 -29.47
N TYR B 768 13.57 -3.69 -30.54
CA TYR B 768 14.13 -3.52 -31.88
C TYR B 768 14.04 -2.08 -32.35
N LEU B 769 12.97 -1.37 -31.98
CA LEU B 769 12.80 0.01 -32.41
C LEU B 769 13.84 0.91 -31.76
N GLN B 770 13.99 0.81 -30.43
CA GLN B 770 14.92 1.68 -29.72
C GLN B 770 16.35 1.46 -30.18
N LYS B 771 16.71 0.21 -30.49
CA LYS B 771 18.03 -0.06 -31.04
C LYS B 771 18.22 0.62 -32.39
N GLU B 772 17.18 0.61 -33.24
CA GLU B 772 17.26 1.26 -34.53
C GLU B 772 17.16 2.77 -34.44
N MET B 773 16.46 3.31 -33.44
CA MET B 773 16.39 4.76 -33.28
C MET B 773 17.76 5.34 -32.95
N GLN B 774 18.63 4.56 -32.30
CA GLN B 774 19.98 5.03 -32.01
C GLN B 774 20.78 5.25 -33.29
N VAL B 775 20.57 4.39 -34.30
CA VAL B 775 21.28 4.54 -35.56
C VAL B 775 20.84 5.81 -36.28
N ILE B 776 19.54 6.13 -36.21
CA ILE B 776 19.03 7.33 -36.86
C ILE B 776 19.67 8.58 -36.25
N ARG B 777 19.78 8.62 -34.93
CA ARG B 777 20.39 9.77 -34.26
C ARG B 777 21.86 9.90 -34.62
N SER B 778 22.55 8.78 -34.85
CA SER B 778 23.96 8.82 -35.19
C SER B 778 24.22 9.38 -36.59
N ASN B 779 23.18 9.48 -37.43
CA ASN B 779 23.32 10.03 -38.77
C ASN B 779 21.97 10.59 -39.20
N PRO B 780 21.64 11.80 -38.76
CA PRO B 780 20.38 12.42 -39.17
C PRO B 780 20.40 12.83 -40.63
N SER B 781 19.21 12.89 -41.23
CA SER B 781 19.10 13.35 -42.61
C SER B 781 19.34 14.86 -42.68
N PHE B 782 19.82 15.31 -43.84
CA PHE B 782 20.14 16.71 -44.02
C PHE B 782 18.89 17.59 -43.96
N ASN B 783 17.79 17.12 -44.56
CA ASN B 783 16.56 17.90 -44.52
C ASN B 783 15.93 17.88 -43.13
N ILE B 784 16.20 16.84 -42.36
CA ILE B 784 15.67 16.75 -40.99
C ILE B 784 16.30 17.84 -40.14
N PRO B 785 15.52 18.58 -39.35
CA PRO B 785 16.10 19.63 -38.50
C PRO B 785 17.11 19.07 -37.52
N THR B 786 17.93 19.98 -36.98
CA THR B 786 19.08 19.57 -36.16
C THR B 786 18.64 18.96 -34.83
N GLY B 787 17.74 19.63 -34.13
CA GLY B 787 17.39 19.26 -32.77
C GLY B 787 16.10 18.49 -32.59
N CYS B 788 15.41 18.11 -33.67
CA CYS B 788 14.15 17.41 -33.53
C CYS B 788 14.34 15.95 -33.15
N LEU B 789 15.39 15.30 -33.69
CA LEU B 789 15.63 13.89 -33.40
C LEU B 789 16.23 13.65 -32.03
N GLU B 790 16.29 14.68 -31.18
CA GLU B 790 16.80 14.53 -29.82
C GLU B 790 15.74 14.05 -28.83
N VAL B 791 14.61 13.56 -29.32
CA VAL B 791 13.56 13.04 -28.43
C VAL B 791 13.93 11.62 -28.02
N PHE B 792 13.93 11.37 -26.71
CA PHE B 792 14.28 10.06 -26.19
C PHE B 792 13.09 9.38 -25.53
N PRO B 793 13.02 8.06 -25.57
CA PRO B 793 11.93 7.36 -24.87
C PRO B 793 12.11 7.46 -23.36
N GLU B 794 11.21 6.80 -22.64
CA GLU B 794 11.35 6.69 -21.20
C GLU B 794 12.59 5.89 -20.85
N ALA B 795 13.21 6.24 -19.72
CA ALA B 795 14.44 5.55 -19.32
C ALA B 795 14.20 4.06 -19.12
N GLU B 796 13.13 3.70 -18.40
CA GLU B 796 12.79 2.30 -18.15
C GLU B 796 11.29 2.16 -18.37
N TRP B 797 10.90 1.81 -19.58
CA TRP B 797 9.51 1.53 -19.93
C TRP B 797 9.44 0.19 -20.65
N SER B 798 8.61 -0.72 -20.14
CA SER B 798 8.40 -2.02 -20.76
C SER B 798 6.91 -2.29 -20.88
N GLN B 799 6.52 -2.85 -22.02
CA GLN B 799 5.11 -3.14 -22.27
C GLN B 799 4.64 -4.40 -21.55
N GLY B 800 5.56 -5.30 -21.19
CA GLY B 800 5.18 -6.52 -20.52
C GLY B 800 4.37 -7.47 -21.37
N VAL B 801 4.45 -7.36 -22.69
CA VAL B 801 3.72 -8.21 -23.61
C VAL B 801 4.73 -8.94 -24.48
N GLN B 802 4.62 -10.26 -24.54
CA GLN B 802 5.52 -11.08 -25.33
C GLN B 802 5.25 -10.89 -26.81
N GLY B 803 6.29 -11.11 -27.62
CA GLY B 803 6.17 -11.00 -29.05
C GLY B 803 7.13 -11.90 -29.80
N THR B 804 7.31 -11.67 -31.09
CA THR B 804 8.21 -12.48 -31.90
C THR B 804 8.95 -11.57 -32.87
N LEU B 805 10.26 -11.77 -32.97
CA LEU B 805 11.10 -11.02 -33.90
C LEU B 805 12.16 -11.95 -34.46
N ARG B 806 12.00 -12.36 -35.71
CA ARG B 806 12.94 -13.25 -36.37
C ARG B 806 13.42 -12.63 -37.67
N ILE B 807 14.73 -12.62 -37.86
CA ILE B 807 15.35 -12.05 -39.06
C ILE B 807 16.10 -13.17 -39.76
N LYS B 808 15.70 -13.47 -40.98
CA LYS B 808 16.33 -14.50 -41.80
C LYS B 808 16.88 -13.86 -43.06
N LYS B 809 18.16 -14.10 -43.34
CA LYS B 809 18.85 -13.48 -44.46
C LYS B 809 19.53 -14.56 -45.31
N TYR B 810 19.98 -14.13 -46.50
CA TYR B 810 20.61 -15.00 -47.49
C TYR B 810 19.66 -16.04 -48.05
N LEU B 811 18.36 -15.82 -47.95
CA LEU B 811 17.37 -16.67 -48.58
C LEU B 811 17.01 -16.12 -49.95
N THR B 812 16.81 -17.02 -50.92
CA THR B 812 16.41 -16.60 -52.24
C THR B 812 14.95 -16.13 -52.24
N VAL B 813 14.55 -15.50 -53.34
CA VAL B 813 13.20 -14.95 -53.43
C VAL B 813 12.16 -16.06 -53.32
N GLU B 814 12.43 -17.20 -53.96
CA GLU B 814 11.51 -18.34 -53.85
C GLU B 814 11.47 -18.88 -52.42
N GLN B 815 12.61 -18.89 -51.74
CA GLN B 815 12.64 -19.41 -50.37
C GLN B 815 11.87 -18.51 -49.41
N ILE B 816 11.80 -17.21 -49.69
CA ILE B 816 11.04 -16.30 -48.83
C ILE B 816 9.57 -16.64 -48.86
N MET B 817 9.02 -16.93 -50.05
CA MET B 817 7.58 -17.11 -50.20
C MET B 817 7.10 -18.34 -49.46
N THR B 818 7.85 -19.44 -49.51
CA THR B 818 7.42 -20.66 -48.84
C THR B 818 7.49 -20.51 -47.32
N CYS B 819 8.44 -19.72 -46.83
CA CYS B 819 8.51 -19.44 -45.39
C CYS B 819 7.30 -18.62 -44.94
N VAL B 820 6.90 -17.65 -45.74
CA VAL B 820 5.71 -16.86 -45.41
C VAL B 820 4.46 -17.72 -45.48
N ALA B 821 4.34 -18.56 -46.52
CA ALA B 821 3.17 -19.42 -46.65
C ALA B 821 3.08 -20.43 -45.52
N ASP B 822 4.21 -21.04 -45.15
CA ASP B 822 4.21 -21.97 -44.03
C ASP B 822 3.88 -21.27 -42.72
N THR B 823 4.45 -20.08 -42.50
CA THR B 823 4.16 -19.33 -41.28
C THR B 823 2.69 -18.92 -41.23
N CYS B 824 2.13 -18.52 -42.36
CA CYS B 824 0.70 -18.20 -42.40
C CYS B 824 -0.15 -19.43 -42.09
N ARG B 825 0.25 -20.60 -42.62
CA ARG B 825 -0.55 -21.81 -42.40
C ARG B 825 -0.54 -22.23 -40.94
N ARG B 826 0.63 -22.19 -40.29
CA ARG B 826 0.70 -22.59 -38.89
C ARG B 826 -0.11 -21.65 -38.01
N PHE B 827 -0.09 -20.35 -38.32
CA PHE B 827 -0.91 -19.40 -37.58
C PHE B 827 -2.41 -19.65 -37.81
N PHE B 828 -2.79 -19.91 -39.06
CA PHE B 828 -4.20 -20.16 -39.35
C PHE B 828 -4.65 -21.50 -38.78
N ASP B 829 -3.73 -22.45 -38.62
CA ASP B 829 -4.08 -23.73 -38.01
C ASP B 829 -4.51 -23.55 -36.56
N ARG B 830 -3.80 -22.71 -35.81
CA ARG B 830 -4.15 -22.44 -34.43
C ARG B 830 -5.46 -21.67 -34.29
N GLY B 831 -5.92 -21.02 -35.37
CA GLY B 831 -7.16 -20.26 -35.34
C GLY B 831 -7.00 -18.77 -35.56
N TYR B 832 -5.80 -18.27 -35.86
CA TYR B 832 -5.63 -16.85 -36.15
C TYR B 832 -6.38 -16.48 -37.42
N SER B 833 -7.06 -15.34 -37.38
CA SER B 833 -7.79 -14.93 -38.57
C SER B 833 -6.83 -14.41 -39.64
N PRO B 834 -7.18 -14.60 -40.92
CA PRO B 834 -6.31 -14.10 -42.00
C PRO B 834 -6.13 -12.59 -42.00
N LYS B 835 -7.05 -11.84 -41.39
CA LYS B 835 -6.95 -10.39 -41.35
C LYS B 835 -5.91 -9.88 -40.37
N ASP B 836 -5.11 -10.76 -39.78
CA ASP B 836 -4.04 -10.38 -38.87
C ASP B 836 -2.66 -10.42 -39.52
N VAL B 837 -2.58 -10.70 -40.82
CA VAL B 837 -1.31 -10.87 -41.51
C VAL B 837 -1.18 -9.76 -42.55
N ALA B 838 -0.03 -9.11 -42.56
CA ALA B 838 0.30 -8.08 -43.54
C ALA B 838 1.68 -8.37 -44.12
N VAL B 839 1.80 -8.26 -45.43
CA VAL B 839 3.05 -8.50 -46.14
C VAL B 839 3.50 -7.16 -46.74
N LEU B 840 4.66 -6.69 -46.32
CA LEU B 840 5.15 -5.36 -46.72
C LEU B 840 6.43 -5.52 -47.51
N VAL B 841 6.48 -4.85 -48.67
CA VAL B 841 7.67 -4.86 -49.52
C VAL B 841 8.27 -3.46 -49.54
N SER B 842 9.44 -3.35 -50.17
CA SER B 842 10.19 -2.10 -50.14
C SER B 842 9.49 -1.00 -50.95
N THR B 843 9.10 -1.31 -52.18
CA THR B 843 8.58 -0.31 -53.10
C THR B 843 7.23 -0.77 -53.67
N ALA B 844 6.41 0.22 -54.03
CA ALA B 844 5.10 -0.08 -54.60
C ALA B 844 5.20 -0.69 -55.99
N LYS B 845 6.31 -0.50 -56.69
CA LYS B 845 6.45 -1.08 -58.02
C LYS B 845 6.69 -2.58 -57.97
N GLU B 846 7.21 -3.10 -56.87
CA GLU B 846 7.44 -4.54 -56.71
C GLU B 846 6.26 -5.25 -56.06
N VAL B 847 5.16 -4.54 -55.76
CA VAL B 847 4.02 -5.17 -55.12
C VAL B 847 3.41 -6.23 -56.03
N GLU B 848 3.24 -5.92 -57.32
CA GLU B 848 2.63 -6.86 -58.24
C GLU B 848 3.52 -8.08 -58.45
N HIS B 849 4.84 -7.88 -58.48
CA HIS B 849 5.75 -9.01 -58.67
C HIS B 849 5.68 -9.97 -57.50
N TYR B 850 5.64 -9.44 -56.27
CA TYR B 850 5.61 -10.30 -55.10
C TYR B 850 4.22 -10.90 -54.88
N LYS B 851 3.16 -10.20 -55.29
CA LYS B 851 1.82 -10.74 -55.14
C LYS B 851 1.63 -12.01 -55.96
N TYR B 852 2.12 -12.01 -57.20
CA TYR B 852 2.02 -13.21 -58.03
C TYR B 852 2.85 -14.35 -57.46
N GLU B 853 4.07 -14.06 -56.99
CA GLU B 853 4.94 -15.12 -56.49
C GLU B 853 4.48 -15.64 -55.13
N LEU B 854 3.92 -14.77 -54.29
CA LEU B 854 3.35 -15.25 -53.03
C LEU B 854 2.18 -16.18 -53.27
N LEU B 855 1.31 -15.82 -54.22
CA LEU B 855 0.16 -16.66 -54.52
C LEU B 855 0.58 -17.99 -55.13
N LYS B 856 1.74 -18.03 -55.79
CA LYS B 856 2.23 -19.27 -56.36
C LYS B 856 2.52 -20.31 -55.28
N ALA B 857 3.11 -19.88 -54.16
CA ALA B 857 3.41 -20.81 -53.08
C ALA B 857 2.27 -20.91 -52.09
N MET B 858 1.45 -19.86 -51.96
CA MET B 858 0.36 -19.87 -51.00
C MET B 858 -0.88 -20.59 -51.52
N ARG B 859 -0.95 -20.85 -52.83
CA ARG B 859 -2.07 -21.60 -53.38
C ARG B 859 -2.13 -23.01 -52.80
N LYS B 860 -0.99 -23.56 -52.39
CA LYS B 860 -0.96 -24.88 -51.78
C LYS B 860 -1.55 -24.88 -50.37
N LYS B 861 -1.81 -23.71 -49.79
CA LYS B 861 -2.33 -23.59 -48.44
C LYS B 861 -3.80 -23.20 -48.39
N ARG B 862 -4.53 -23.42 -49.49
CA ARG B 862 -5.99 -23.29 -49.52
C ARG B 862 -6.46 -21.84 -49.33
N VAL B 863 -5.55 -20.88 -49.48
CA VAL B 863 -5.90 -19.46 -49.46
C VAL B 863 -5.21 -18.80 -50.65
N VAL B 864 -5.98 -18.04 -51.44
CA VAL B 864 -5.50 -17.49 -52.70
C VAL B 864 -5.86 -16.00 -52.75
N GLN B 865 -6.63 -15.54 -51.76
CA GLN B 865 -7.21 -14.21 -51.78
C GLN B 865 -6.29 -13.24 -51.05
N LEU B 866 -5.86 -12.19 -51.75
CA LEU B 866 -5.05 -11.12 -51.19
C LEU B 866 -5.74 -9.79 -51.41
N SER B 867 -5.38 -8.80 -50.61
CA SER B 867 -5.98 -7.47 -50.68
C SER B 867 -4.90 -6.41 -50.51
N ASP B 868 -5.26 -5.18 -50.86
CA ASP B 868 -4.37 -4.04 -50.72
C ASP B 868 -4.70 -3.27 -49.44
N ALA B 869 -3.83 -2.31 -49.09
CA ALA B 869 -4.02 -1.54 -47.87
C ALA B 869 -5.22 -0.61 -47.96
N CYS B 870 -5.76 -0.38 -49.15
CA CYS B 870 -6.98 0.41 -49.29
C CYS B 870 -8.18 -0.27 -48.64
N ASP B 871 -8.16 -1.59 -48.50
CA ASP B 871 -9.24 -2.34 -47.86
C ASP B 871 -8.65 -3.15 -46.71
N MET B 872 -8.93 -2.74 -45.47
CA MET B 872 -8.50 -3.48 -44.30
C MET B 872 -9.62 -4.23 -43.61
N LEU B 873 -10.89 -3.87 -43.86
CA LEU B 873 -12.01 -4.58 -43.26
C LEU B 873 -12.18 -5.99 -43.81
N GLY B 874 -11.75 -6.24 -45.05
CA GLY B 874 -11.86 -7.56 -45.62
C GLY B 874 -10.97 -8.56 -44.91
N ASP B 875 -11.44 -9.80 -44.86
CA ASP B 875 -10.72 -10.89 -44.20
C ASP B 875 -9.71 -11.47 -45.18
N HIS B 876 -8.69 -10.67 -45.48
CA HIS B 876 -7.69 -11.04 -46.47
C HIS B 876 -6.32 -10.55 -46.01
N ILE B 877 -5.28 -11.17 -46.54
CA ILE B 877 -3.91 -10.78 -46.24
C ILE B 877 -3.54 -9.55 -47.08
N VAL B 878 -3.07 -8.50 -46.40
CA VAL B 878 -2.77 -7.24 -47.05
C VAL B 878 -1.33 -7.24 -47.53
N LEU B 879 -1.13 -6.84 -48.79
CA LEU B 879 0.21 -6.78 -49.38
C LEU B 879 0.36 -5.46 -50.12
N ASP B 880 1.23 -4.59 -49.61
CA ASP B 880 1.59 -3.32 -50.25
C ASP B 880 2.99 -2.92 -49.78
N SER B 881 3.41 -1.72 -50.14
CA SER B 881 4.72 -1.22 -49.77
C SER B 881 4.71 -0.69 -48.34
N VAL B 882 5.91 -0.52 -47.78
CA VAL B 882 6.03 -0.03 -46.41
C VAL B 882 5.55 1.41 -46.32
N ARG B 883 6.00 2.27 -47.24
CA ARG B 883 5.59 3.68 -47.20
C ARG B 883 4.11 3.84 -47.48
N ARG B 884 3.52 2.94 -48.26
CA ARG B 884 2.09 2.98 -48.50
C ARG B 884 1.28 2.46 -47.31
N PHE B 885 1.93 1.75 -46.38
CA PHE B 885 1.27 1.19 -45.21
C PHE B 885 1.42 2.07 -43.98
N SER B 886 1.78 3.35 -44.16
CA SER B 886 1.95 4.25 -43.02
C SER B 886 0.60 4.54 -42.37
N GLY B 887 0.59 4.57 -41.03
CA GLY B 887 -0.60 4.85 -40.28
C GLY B 887 -1.40 3.64 -39.85
N LEU B 888 -1.19 2.49 -40.48
CA LEU B 888 -1.91 1.27 -40.16
C LEU B 888 -1.01 0.31 -39.39
N GLU B 889 -1.65 -0.67 -38.75
CA GLU B 889 -0.94 -1.64 -37.92
C GLU B 889 -1.62 -2.99 -38.02
N ARG B 890 -0.81 -4.05 -38.01
CA ARG B 890 -1.30 -5.41 -38.06
C ARG B 890 -0.55 -6.25 -37.04
N SER B 891 -1.20 -7.32 -36.58
CA SER B 891 -0.59 -8.17 -35.56
C SER B 891 0.63 -8.90 -36.09
N ILE B 892 0.54 -9.46 -37.29
CA ILE B 892 1.64 -10.20 -37.90
C ILE B 892 2.04 -9.47 -39.16
N VAL B 893 3.33 -9.11 -39.27
CA VAL B 893 3.85 -8.36 -40.40
C VAL B 893 5.09 -9.07 -40.92
N PHE B 894 5.14 -9.30 -42.23
CA PHE B 894 6.29 -9.87 -42.90
C PHE B 894 6.98 -8.78 -43.72
N GLY B 895 8.23 -8.49 -43.40
CA GLY B 895 9.01 -7.53 -44.17
C GLY B 895 9.91 -8.22 -45.17
N ILE B 896 9.72 -7.92 -46.45
CA ILE B 896 10.43 -8.61 -47.52
C ILE B 896 11.33 -7.61 -48.24
N HIS B 897 12.63 -7.88 -48.23
CA HIS B 897 13.66 -7.13 -48.96
C HIS B 897 13.50 -5.62 -48.82
N PRO B 898 13.72 -5.04 -47.64
CA PRO B 898 13.67 -3.58 -47.52
C PRO B 898 14.73 -2.94 -48.40
N ARG B 899 14.37 -1.82 -49.04
CA ARG B 899 15.23 -1.18 -50.02
C ARG B 899 14.72 0.23 -50.28
N THR B 900 15.65 1.11 -50.67
CA THR B 900 15.31 2.47 -51.03
C THR B 900 16.38 3.00 -51.97
N ALA B 901 16.04 4.10 -52.65
CA ALA B 901 16.95 4.67 -53.65
C ALA B 901 18.19 5.28 -53.02
N ASP B 902 18.06 5.88 -51.83
CA ASP B 902 19.15 6.59 -51.18
C ASP B 902 19.52 5.83 -49.91
N PRO B 903 20.78 5.42 -49.75
CA PRO B 903 21.18 4.71 -48.52
C PRO B 903 20.99 5.53 -47.24
N ALA B 904 20.85 6.86 -47.35
CA ALA B 904 20.56 7.67 -46.17
C ALA B 904 19.20 7.30 -45.59
N ILE B 905 18.21 7.05 -46.46
CA ILE B 905 16.87 6.66 -46.02
C ILE B 905 16.78 5.18 -45.68
N LEU B 906 17.84 4.41 -45.94
CA LEU B 906 17.81 2.98 -45.66
C LEU B 906 17.47 2.64 -44.22
N PRO B 907 18.02 3.30 -43.18
CA PRO B 907 17.55 3.01 -41.82
C PRO B 907 16.12 3.45 -41.55
N ASN B 908 15.55 4.31 -42.40
CA ASN B 908 14.20 4.81 -42.14
C ASN B 908 13.14 3.78 -42.50
N VAL B 909 13.41 2.91 -43.48
CA VAL B 909 12.40 1.93 -43.85
C VAL B 909 12.27 0.85 -42.79
N LEU B 910 13.38 0.44 -42.16
CA LEU B 910 13.31 -0.60 -41.14
C LEU B 910 12.49 -0.14 -39.93
N ILE B 911 12.73 1.08 -39.47
CA ILE B 911 11.99 1.59 -38.31
C ILE B 911 10.52 1.79 -38.68
N CYS B 912 10.24 2.23 -39.91
CA CYS B 912 8.86 2.36 -40.36
C CYS B 912 8.20 0.99 -40.53
N LEU B 913 8.96 0.00 -40.98
CA LEU B 913 8.41 -1.35 -41.16
C LEU B 913 8.14 -2.01 -39.81
N ALA B 914 9.08 -1.91 -38.89
CA ALA B 914 8.94 -2.59 -37.60
C ALA B 914 7.80 -2.01 -36.77
N SER B 915 7.52 -0.72 -36.92
CA SER B 915 6.44 -0.10 -36.17
C SER B 915 5.05 -0.56 -36.63
N ARG B 916 4.96 -1.20 -37.78
CA ARG B 916 3.68 -1.69 -38.27
C ARG B 916 3.22 -2.96 -37.54
N ALA B 917 4.15 -3.74 -37.01
CA ALA B 917 3.83 -5.01 -36.36
C ALA B 917 3.57 -4.79 -34.88
N LYS B 918 2.50 -5.40 -34.37
CA LYS B 918 2.18 -5.29 -32.96
C LYS B 918 2.77 -6.42 -32.13
N GLN B 919 2.69 -7.66 -32.60
CA GLN B 919 3.17 -8.78 -31.81
C GLN B 919 4.21 -9.63 -32.53
N HIS B 920 4.02 -9.88 -33.83
CA HIS B 920 4.90 -10.77 -34.58
C HIS B 920 5.47 -10.01 -35.76
N LEU B 921 6.77 -10.18 -36.01
CA LEU B 921 7.46 -9.52 -37.11
C LEU B 921 8.52 -10.46 -37.66
N TYR B 922 8.56 -10.62 -38.98
CA TYR B 922 9.55 -11.44 -39.66
C TYR B 922 10.15 -10.62 -40.79
N ILE B 923 11.45 -10.36 -40.71
CA ILE B 923 12.15 -9.51 -41.66
C ILE B 923 13.06 -10.38 -42.51
N PHE B 924 13.06 -10.13 -43.83
CA PHE B 924 13.88 -10.86 -44.78
C PHE B 924 14.72 -9.85 -45.55
N PRO B 925 15.85 -9.43 -44.99
CA PRO B 925 16.67 -8.40 -45.62
C PRO B 925 17.41 -8.94 -46.83
N TRP B 926 17.95 -8.00 -47.62
CA TRP B 926 18.72 -8.35 -48.80
C TRP B 926 19.98 -9.11 -48.41
N GLY B 927 20.38 -10.04 -49.27
CA GLY B 927 21.57 -10.84 -49.04
C GLY B 927 22.84 -10.18 -49.56
ZN ZN C . -26.69 -8.85 10.59
ZN ZN D . 25.65 -11.61 10.04
#